data_7F5R
#
_entry.id   7F5R
#
_cell.length_a   290.185
_cell.length_b   130.185
_cell.length_c   136.887
_cell.angle_alpha   90.000
_cell.angle_beta   90.000
_cell.angle_gamma   90.000
#
_symmetry.space_group_name_H-M   'P 21 21 2'
#
loop_
_entity.id
_entity.type
_entity.pdbx_description
1 polymer 'mink ACE2'
2 polymer 'Spike protein S1'
3 branched 2-acetamido-2-deoxy-beta-D-glucopyranose-(1-4)-2-acetamido-2-deoxy-beta-D-glucopyranose
4 branched alpha-L-fucopyranose-(1-6)-2-acetamido-2-deoxy-beta-D-glucopyranose
5 non-polymer 2-acetamido-2-deoxy-beta-D-glucopyranose
#
loop_
_entity_poly.entity_id
_entity_poly.type
_entity_poly.pdbx_seq_one_letter_code
_entity_poly.pdbx_strand_id
1 'polypeptide(L)'
;STTEDLAKTFLEKFNYEAEELSYQNSLASWNYNTNITDENIQKMNIAGAKWSAFYEEESQHAKTYPLEEIQDPIIKRQLR
ALQQSGSSVLSADKRERLNTILNAMSTIYSTGKACNPNNPQECLLLEPGLDDIMENSKDYNERLWAWEGWRSEVGKQLRP
LYEEYVALKNEMARANNYEDYGDYWRGDYEEEWADGYNYSRNQLIEDVEHTFTQIKPLYEHLHAYVRAKLMDAYPSRISP
TGCLPAHLLGDMWGRFWTNLYPLMVPFGQKPNIDVTDAMVNQSWDARRIFEEAEKFFVSVGLPNMTEGFWQNSMLTEPGD
NRKVVCHPTAWDLGKHDFRIKMCTKVTMDDFLTAHHEMGHIQYDMAYAAQPFLLRNGANEGFHEAVGEIMSLSAATPNHL
KNIGLLPPDFSEDSETDINFLLKQALTIVGTLPFTYMLEKWRWMVFKGEIPKEQWMQKWWEMKRDIVGVVEPLPHDETYC
DPAALFHVANDYSFIRYYTRTIYQFQFQEALCQIAKHEGPLYKCDISNSREAGQKLHEMLSLGRSKPWTFALERVVGAKT
MDVRPLLNYFEPLFTWLKEQNRNSFVGWNTDWSPYAD
;
A,B,D
2 'polypeptide(L)'
;PTNLCPFGEVFNATRFASVYAWNRKRISNCVADYSVLYNSASFSTFKCYGVSPTKLNDLCFTNVYADSFVIRGDEVRQIA
PGQTGKIADYNYKLPDDFTGCVIAWNSNNLDSKVGGNYNYLFRLFRKSNLKPFERDISTEIYQAGSTPCNGVEGFNCYFP
LQSYGFQPTNGVGYQPYRVVVLSFELLHAPATVCGPH
;
E,C,F
#
loop_
_chem_comp.id
_chem_comp.type
_chem_comp.name
_chem_comp.formula
FUC L-saccharide, alpha linking alpha-L-fucopyranose 'C6 H12 O5'
NAG D-saccharide, beta linking 2-acetamido-2-deoxy-beta-D-glucopyranose 'C8 H15 N O6'
#
# COMPACT_ATOMS: atom_id res chain seq x y z
N SER A 1 21.15 26.74 17.64
CA SER A 1 19.80 26.75 17.05
C SER A 1 19.71 26.99 15.50
N THR A 2 18.97 26.14 14.78
CA THR A 2 19.13 26.00 13.34
C THR A 2 18.42 27.08 12.54
N THR A 3 18.83 27.19 11.28
CA THR A 3 18.25 28.22 10.42
C THR A 3 16.78 27.92 10.12
N GLU A 4 16.41 26.65 10.08
CA GLU A 4 15.00 26.35 9.94
C GLU A 4 14.21 26.80 11.18
N ASP A 5 14.84 26.79 12.35
CA ASP A 5 14.19 27.35 13.53
C ASP A 5 13.87 28.81 13.32
N LEU A 6 14.88 29.60 12.94
CA LEU A 6 14.68 31.01 12.67
C LEU A 6 13.62 31.23 11.61
N ALA A 7 13.65 30.46 10.53
CA ALA A 7 12.65 30.63 9.49
C ALA A 7 11.26 30.35 10.01
N LYS A 8 11.10 29.26 10.78
CA LYS A 8 9.77 28.90 11.25
C LYS A 8 9.20 29.99 12.13
N THR A 9 10.04 30.56 13.02
CA THR A 9 9.50 31.55 13.96
C THR A 9 9.30 32.90 13.29
N PHE A 10 10.16 33.28 12.34
CA PHE A 10 9.92 34.47 11.52
C PHE A 10 8.58 34.38 10.78
N LEU A 11 8.35 33.25 10.10
CA LEU A 11 7.07 33.02 9.42
C LEU A 11 5.91 32.99 10.40
N GLU A 12 6.12 32.47 11.60
CA GLU A 12 5.03 32.38 12.56
C GLU A 12 4.49 33.76 12.89
N LYS A 13 5.39 34.73 13.07
CA LYS A 13 5.02 36.12 13.36
C LYS A 13 4.55 36.85 12.11
N PHE A 14 5.14 36.56 10.94
CA PHE A 14 4.67 37.16 9.70
C PHE A 14 3.21 36.78 9.43
N ASN A 15 2.89 35.50 9.63
CA ASN A 15 1.54 35.02 9.40
C ASN A 15 0.50 35.87 10.12
N TYR A 16 0.78 36.26 11.36
CA TYR A 16 -0.19 37.08 12.08
C TYR A 16 -0.34 38.47 11.46
N GLU A 17 0.77 39.19 11.29
CA GLU A 17 0.70 40.52 10.69
C GLU A 17 0.18 40.46 9.26
N ALA A 18 0.64 39.48 8.49
CA ALA A 18 0.19 39.41 7.11
C ALA A 18 -1.31 39.19 7.06
N GLU A 19 -1.80 38.24 7.86
CA GLU A 19 -3.22 37.92 7.87
C GLU A 19 -4.05 39.15 8.16
N GLU A 20 -3.51 40.07 8.96
CA GLU A 20 -4.23 41.24 9.44
C GLU A 20 -4.22 42.35 8.40
N LEU A 21 -3.04 42.69 7.88
CA LEU A 21 -2.96 43.71 6.85
C LEU A 21 -3.66 43.25 5.58
N SER A 22 -3.51 41.96 5.23
CA SER A 22 -4.18 41.46 4.03
C SER A 22 -5.70 41.47 4.20
N TYR A 23 -6.18 41.17 5.41
CA TYR A 23 -7.62 41.26 5.67
C TYR A 23 -8.12 42.69 5.50
N GLN A 24 -7.33 43.69 5.94
CA GLN A 24 -7.78 45.08 5.79
C GLN A 24 -7.84 45.49 4.34
N ASN A 25 -6.94 44.96 3.53
CA ASN A 25 -6.96 45.22 2.09
C ASN A 25 -8.19 44.60 1.44
N SER A 26 -8.46 43.34 1.80
CA SER A 26 -9.65 42.68 1.27
C SER A 26 -10.92 43.43 1.67
N LEU A 27 -10.96 43.92 2.91
CA LEU A 27 -12.17 44.57 3.38
C LEU A 27 -12.39 45.89 2.67
N ALA A 28 -11.32 46.67 2.51
CA ALA A 28 -11.44 47.97 1.84
C ALA A 28 -11.78 47.78 0.38
N SER A 29 -11.15 46.80 -0.27
CA SER A 29 -11.48 46.51 -1.65
C SER A 29 -12.93 46.07 -1.78
N TRP A 30 -13.39 45.20 -0.87
CA TRP A 30 -14.79 44.79 -0.87
C TRP A 30 -15.70 46.00 -0.68
N ASN A 31 -15.32 46.91 0.22
CA ASN A 31 -16.15 48.10 0.44
C ASN A 31 -16.34 48.89 -0.84
N TYR A 32 -15.30 48.96 -1.67
CA TYR A 32 -15.41 49.66 -2.95
C TYR A 32 -16.35 48.94 -3.91
N ASN A 33 -16.11 47.65 -4.15
CA ASN A 33 -16.88 46.93 -5.16
C ASN A 33 -18.37 46.88 -4.85
N THR A 34 -18.75 47.06 -3.58
CA THR A 34 -20.15 47.03 -3.20
C THR A 34 -20.69 48.42 -2.88
N ASN A 35 -19.84 49.46 -2.95
CA ASN A 35 -20.27 50.84 -2.73
C ASN A 35 -19.22 51.74 -3.39
N ILE A 36 -19.38 52.05 -4.67
CA ILE A 36 -18.36 52.86 -5.35
C ILE A 36 -18.58 54.31 -4.93
N THR A 37 -17.65 54.83 -4.15
CA THR A 37 -17.61 56.21 -3.75
C THR A 37 -16.16 56.65 -3.87
N ASP A 38 -15.93 57.95 -4.07
CA ASP A 38 -14.54 58.37 -4.16
C ASP A 38 -13.83 58.21 -2.82
N GLU A 39 -14.57 58.31 -1.71
CA GLU A 39 -13.97 58.02 -0.41
C GLU A 39 -13.46 56.59 -0.37
N ASN A 40 -14.26 55.64 -0.87
CA ASN A 40 -13.91 54.23 -0.79
C ASN A 40 -12.73 53.89 -1.71
N ILE A 41 -12.64 54.52 -2.89
CA ILE A 41 -11.45 54.35 -3.71
C ILE A 41 -10.22 54.73 -2.91
N GLN A 42 -10.31 55.81 -2.13
CA GLN A 42 -9.19 56.24 -1.30
C GLN A 42 -8.82 55.17 -0.28
N LYS A 43 -9.79 54.70 0.50
CA LYS A 43 -9.51 53.68 1.51
C LYS A 43 -8.96 52.42 0.86
N MET A 44 -9.45 52.07 -0.33
CA MET A 44 -8.94 50.90 -1.03
C MET A 44 -7.49 51.09 -1.41
N ASN A 45 -7.16 52.23 -2.01
CA ASN A 45 -5.78 52.47 -2.39
C ASN A 45 -4.88 52.49 -1.15
N ILE A 46 -5.31 53.21 -0.10
CA ILE A 46 -4.45 53.38 1.06
C ILE A 46 -4.14 52.02 1.68
N ALA A 47 -5.13 51.14 1.77
CA ALA A 47 -4.94 49.84 2.40
C ALA A 47 -4.13 48.92 1.51
N GLY A 48 -4.41 48.94 0.21
CA GLY A 48 -3.68 48.08 -0.70
C GLY A 48 -2.21 48.46 -0.80
N ALA A 49 -1.92 49.77 -0.72
CA ALA A 49 -0.54 50.22 -0.73
C ALA A 49 0.19 49.83 0.55
N LYS A 50 -0.53 49.82 1.68
CA LYS A 50 0.06 49.34 2.92
C LYS A 50 0.40 47.86 2.83
N TRP A 51 -0.47 47.07 2.22
CA TRP A 51 -0.22 45.64 2.15
C TRP A 51 0.98 45.35 1.27
N SER A 52 1.05 45.97 0.09
CA SER A 52 2.18 45.66 -0.78
C SER A 52 3.46 46.20 -0.22
N ALA A 53 3.43 47.34 0.47
CA ALA A 53 4.64 47.82 1.12
C ALA A 53 5.12 46.80 2.15
N PHE A 54 4.19 46.30 2.96
CA PHE A 54 4.52 45.32 3.97
C PHE A 54 5.11 44.07 3.35
N TYR A 55 4.49 43.60 2.29
CA TYR A 55 4.94 42.37 1.67
C TYR A 55 6.35 42.51 1.12
N GLU A 56 6.61 43.55 0.31
CA GLU A 56 7.96 43.62 -0.26
C GLU A 56 8.99 43.72 0.85
N GLU A 57 8.69 44.52 1.90
CA GLU A 57 9.61 44.62 3.05
C GLU A 57 9.88 43.26 3.67
N GLU A 58 8.81 42.50 3.92
CA GLU A 58 8.96 41.19 4.52
C GLU A 58 9.59 40.21 3.55
N SER A 59 9.38 40.42 2.25
CA SER A 59 10.00 39.53 1.28
C SER A 59 11.52 39.64 1.34
N GLN A 60 12.05 40.82 1.64
CA GLN A 60 13.49 40.94 1.81
C GLN A 60 13.96 40.22 3.06
N HIS A 61 13.22 40.34 4.14
CA HIS A 61 13.61 39.63 5.35
C HIS A 61 13.57 38.12 5.15
N ALA A 62 12.54 37.62 4.44
CA ALA A 62 12.46 36.18 4.19
C ALA A 62 13.69 35.65 3.48
N LYS A 63 14.36 36.51 2.70
CA LYS A 63 15.55 36.11 1.98
C LYS A 63 16.75 35.81 2.88
N THR A 64 16.71 36.20 4.15
CA THR A 64 17.88 35.94 5.00
C THR A 64 17.88 34.52 5.58
N TYR A 65 16.89 33.69 5.22
CA TYR A 65 16.90 32.27 5.56
C TYR A 65 17.05 31.53 4.25
N PRO A 66 18.26 31.11 3.91
CA PRO A 66 18.49 30.49 2.60
C PRO A 66 17.75 29.16 2.46
N LEU A 67 17.10 28.98 1.31
CA LEU A 67 16.29 27.81 1.07
C LEU A 67 17.09 26.53 1.21
N GLU A 68 18.37 26.59 0.80
CA GLU A 68 19.26 25.43 0.87
C GLU A 68 19.28 24.87 2.27
N GLU A 69 19.18 25.73 3.27
CA GLU A 69 19.34 25.37 4.66
C GLU A 69 18.05 24.88 5.32
N ILE A 70 16.92 24.89 4.61
CA ILE A 70 15.66 24.42 5.14
C ILE A 70 15.38 23.02 4.63
N GLN A 71 14.91 22.15 5.51
CA GLN A 71 14.59 20.76 5.16
C GLN A 71 13.09 20.52 5.03
N ASP A 72 12.29 20.86 6.06
CA ASP A 72 10.83 20.72 6.09
C ASP A 72 10.21 21.40 4.87
N PRO A 73 9.60 20.66 3.94
CA PRO A 73 9.16 21.29 2.68
C PRO A 73 7.98 22.23 2.85
N ILE A 74 7.25 22.17 3.97
CA ILE A 74 6.16 23.14 4.17
C ILE A 74 6.70 24.52 4.50
N ILE A 75 7.75 24.59 5.31
CA ILE A 75 8.46 25.85 5.49
C ILE A 75 9.12 26.27 4.18
N LYS A 76 9.69 25.31 3.46
CA LYS A 76 10.42 25.63 2.24
C LYS A 76 9.51 26.24 1.17
N ARG A 77 8.28 25.71 1.04
CA ARG A 77 7.34 26.26 0.06
C ARG A 77 6.82 27.63 0.50
N GLN A 78 6.61 27.82 1.79
CA GLN A 78 6.32 29.15 2.33
C GLN A 78 7.39 30.16 1.93
N LEU A 79 8.65 29.85 2.23
CA LEU A 79 9.73 30.83 1.97
C LEU A 79 9.86 31.07 0.47
N ARG A 80 9.81 30.02 -0.36
CA ARG A 80 9.94 30.22 -1.80
C ARG A 80 8.93 31.25 -2.26
N ALA A 81 7.71 31.17 -1.76
CA ALA A 81 6.70 32.13 -2.18
C ALA A 81 7.03 33.54 -1.68
N LEU A 82 7.40 33.68 -0.40
CA LEU A 82 7.71 35.02 0.15
C LEU A 82 8.95 35.61 -0.52
N GLN A 83 10.04 34.83 -0.58
CA GLN A 83 11.27 35.39 -1.10
C GLN A 83 11.33 35.36 -2.62
N GLN A 84 10.29 34.86 -3.29
CA GLN A 84 10.19 35.01 -4.73
C GLN A 84 10.32 36.47 -5.09
N SER A 85 11.13 36.75 -6.10
CA SER A 85 11.61 38.10 -6.31
C SER A 85 11.51 38.48 -7.77
N GLY A 86 11.38 39.77 -7.98
CA GLY A 86 11.29 40.33 -9.29
C GLY A 86 11.22 41.84 -9.15
N SER A 87 11.90 42.51 -10.08
CA SER A 87 11.82 43.93 -10.34
C SER A 87 12.52 44.78 -9.28
N SER A 88 12.76 44.20 -8.11
CA SER A 88 13.55 44.91 -7.11
C SER A 88 15.01 44.77 -7.44
N VAL A 89 15.37 43.66 -8.08
CA VAL A 89 16.75 43.38 -8.44
C VAL A 89 17.26 44.31 -9.54
N LEU A 90 16.37 45.05 -10.23
CA LEU A 90 16.81 46.04 -11.19
C LEU A 90 17.41 47.24 -10.46
N SER A 91 18.05 48.12 -11.24
CA SER A 91 18.38 49.44 -10.73
C SER A 91 17.10 50.19 -10.38
N ALA A 92 17.27 51.27 -9.59
CA ALA A 92 16.11 52.08 -9.23
C ALA A 92 15.58 52.87 -10.41
N ASP A 93 16.46 53.26 -11.35
CA ASP A 93 15.99 53.93 -12.57
C ASP A 93 15.17 53.00 -13.44
N LYS A 94 15.69 51.81 -13.73
CA LYS A 94 14.99 50.87 -14.62
C LYS A 94 13.73 50.32 -13.96
N ARG A 95 13.76 50.09 -12.65
CA ARG A 95 12.56 49.72 -11.93
C ARG A 95 11.50 50.82 -12.05
N GLU A 96 11.90 52.08 -11.90
CA GLU A 96 10.94 53.17 -12.04
C GLU A 96 10.46 53.30 -13.48
N ARG A 97 11.37 53.14 -14.43
CA ARG A 97 11.02 53.21 -15.84
C ARG A 97 10.06 52.09 -16.22
N LEU A 98 10.30 50.87 -15.71
CA LEU A 98 9.42 49.76 -16.01
C LEU A 98 8.01 50.05 -15.57
N ASN A 99 7.84 50.57 -14.35
CA ASN A 99 6.50 50.86 -13.88
C ASN A 99 5.85 51.96 -14.70
N THR A 100 6.64 52.95 -15.14
CA THR A 100 6.08 53.99 -16.01
C THR A 100 5.51 53.38 -17.27
N ILE A 101 6.19 52.35 -17.79
CA ILE A 101 5.80 51.69 -19.04
C ILE A 101 4.57 50.83 -18.82
N LEU A 102 4.60 49.93 -17.82
CA LEU A 102 3.44 49.07 -17.56
C LEU A 102 2.20 49.90 -17.37
N ASN A 103 2.37 51.12 -16.82
CA ASN A 103 1.27 52.01 -16.51
C ASN A 103 0.78 52.75 -17.73
N ALA A 104 1.72 53.18 -18.58
CA ALA A 104 1.36 53.80 -19.86
C ALA A 104 0.51 52.86 -20.69
N MET A 105 0.98 51.61 -20.85
CA MET A 105 0.27 50.61 -21.62
C MET A 105 -1.11 50.40 -21.06
N SER A 106 -1.18 50.13 -19.76
CA SER A 106 -2.45 49.74 -19.16
C SER A 106 -3.52 50.81 -19.29
N THR A 107 -3.11 52.08 -19.29
CA THR A 107 -4.11 53.13 -19.38
C THR A 107 -4.42 53.50 -20.83
N ILE A 108 -3.49 53.31 -21.77
CA ILE A 108 -3.91 53.61 -23.14
C ILE A 108 -4.76 52.49 -23.70
N TYR A 109 -4.76 51.32 -23.05
CA TYR A 109 -5.71 50.28 -23.42
C TYR A 109 -7.12 50.59 -22.96
N SER A 110 -7.29 51.24 -21.81
CA SER A 110 -8.62 51.50 -21.26
C SER A 110 -9.17 52.86 -21.64
N THR A 111 -8.42 53.63 -22.41
CA THR A 111 -8.86 54.96 -22.80
C THR A 111 -8.69 55.25 -24.28
N GLY A 112 -7.83 54.53 -25.00
CA GLY A 112 -7.74 54.73 -26.42
C GLY A 112 -9.06 54.36 -27.10
N LYS A 113 -9.40 55.11 -28.13
CA LYS A 113 -10.60 54.83 -28.90
C LYS A 113 -10.25 54.91 -30.39
N ALA A 114 -11.11 54.34 -31.22
CA ALA A 114 -10.91 54.30 -32.66
C ALA A 114 -12.16 54.82 -33.35
N CYS A 115 -11.98 55.63 -34.39
CA CYS A 115 -13.09 56.33 -35.02
C CYS A 115 -13.45 55.68 -36.34
N ASN A 116 -14.75 55.62 -36.61
CA ASN A 116 -15.27 55.06 -37.85
C ASN A 116 -14.80 55.90 -39.02
N PRO A 117 -14.05 55.34 -39.98
CA PRO A 117 -13.49 56.19 -41.05
C PRO A 117 -14.54 56.91 -41.90
N ASN A 118 -15.83 56.61 -41.70
CA ASN A 118 -16.90 57.27 -42.45
C ASN A 118 -17.76 58.19 -41.61
N ASN A 119 -17.73 58.05 -40.28
CA ASN A 119 -18.42 58.96 -39.35
C ASN A 119 -17.38 59.43 -38.34
N PRO A 120 -16.59 60.46 -38.69
CA PRO A 120 -15.44 60.83 -37.84
C PRO A 120 -15.79 61.15 -36.39
N GLN A 121 -16.98 61.72 -36.13
CA GLN A 121 -17.35 62.04 -34.76
C GLN A 121 -17.79 60.82 -33.95
N GLU A 122 -17.97 59.66 -34.58
CA GLU A 122 -18.27 58.41 -33.88
C GLU A 122 -16.94 57.77 -33.49
N CYS A 123 -16.47 58.09 -32.27
CA CYS A 123 -15.23 57.53 -31.73
C CYS A 123 -15.55 56.68 -30.51
N LEU A 124 -15.20 55.39 -30.58
CA LEU A 124 -15.70 54.37 -29.68
C LEU A 124 -14.57 53.80 -28.83
N LEU A 125 -14.76 53.81 -27.52
CA LEU A 125 -13.90 53.03 -26.66
C LEU A 125 -14.03 51.55 -27.00
N LEU A 126 -12.99 50.79 -26.68
CA LEU A 126 -13.18 49.36 -26.69
C LEU A 126 -14.30 48.98 -25.73
N GLU A 127 -14.23 49.49 -24.49
CA GLU A 127 -14.84 48.76 -23.38
C GLU A 127 -16.36 48.63 -23.48
N PRO A 128 -17.15 49.70 -23.74
CA PRO A 128 -18.53 49.45 -24.20
C PRO A 128 -18.69 49.39 -25.72
N GLY A 129 -17.90 50.15 -26.48
CA GLY A 129 -18.27 50.53 -27.85
C GLY A 129 -17.82 49.68 -29.03
N LEU A 130 -16.52 49.45 -29.14
CA LEU A 130 -16.03 48.49 -30.13
C LEU A 130 -16.47 47.07 -29.77
N ASP A 131 -16.44 46.74 -28.48
CA ASP A 131 -16.87 45.42 -28.02
C ASP A 131 -18.29 45.11 -28.50
N ASP A 132 -19.18 46.11 -28.50
CA ASP A 132 -20.52 45.83 -28.97
C ASP A 132 -20.54 45.52 -30.46
N ILE A 133 -19.66 46.15 -31.23
CA ILE A 133 -19.60 45.84 -32.67
C ILE A 133 -19.05 44.44 -32.90
N MET A 134 -17.95 44.09 -32.22
CA MET A 134 -17.29 42.81 -32.52
C MET A 134 -18.05 41.60 -32.01
N GLU A 135 -19.05 41.78 -31.17
CA GLU A 135 -19.78 40.66 -30.59
C GLU A 135 -21.20 40.54 -31.11
N ASN A 136 -21.69 41.52 -31.86
CA ASN A 136 -23.07 41.56 -32.32
C ASN A 136 -23.25 41.96 -33.78
N SER A 137 -22.22 42.35 -34.50
CA SER A 137 -22.39 42.78 -35.88
C SER A 137 -22.32 41.57 -36.80
N LYS A 138 -23.06 41.67 -37.91
CA LYS A 138 -22.96 40.72 -39.01
C LYS A 138 -22.56 41.42 -40.31
N ASP A 139 -22.03 42.64 -40.23
CA ASP A 139 -21.59 43.40 -41.38
C ASP A 139 -20.08 43.25 -41.53
N TYR A 140 -19.64 42.80 -42.71
CA TYR A 140 -18.21 42.62 -42.94
C TYR A 140 -17.46 43.93 -42.77
N ASN A 141 -17.92 44.99 -43.46
CA ASN A 141 -17.19 46.26 -43.45
C ASN A 141 -17.25 46.95 -42.09
N GLU A 142 -18.40 46.90 -41.41
CA GLU A 142 -18.48 47.45 -40.06
C GLU A 142 -17.50 46.74 -39.13
N ARG A 143 -17.51 45.41 -39.15
CA ARG A 143 -16.57 44.66 -38.33
C ARG A 143 -15.13 44.98 -38.71
N LEU A 144 -14.86 45.32 -39.98
CA LEU A 144 -13.48 45.52 -40.39
C LEU A 144 -12.90 46.83 -39.86
N TRP A 145 -13.65 47.94 -39.98
CA TRP A 145 -13.13 49.22 -39.45
C TRP A 145 -12.84 49.08 -37.96
N ALA A 146 -13.78 48.48 -37.22
CA ALA A 146 -13.62 48.32 -35.78
C ALA A 146 -12.37 47.52 -35.46
N TRP A 147 -12.23 46.35 -36.09
CA TRP A 147 -11.06 45.51 -35.85
C TRP A 147 -9.78 46.22 -36.23
N GLU A 148 -9.70 46.73 -37.46
CA GLU A 148 -8.48 47.39 -37.91
C GLU A 148 -8.25 48.70 -37.16
N GLY A 149 -9.31 49.45 -36.90
CA GLY A 149 -9.13 50.75 -36.27
C GLY A 149 -8.50 50.62 -34.89
N TRP A 150 -9.00 49.68 -34.09
CA TRP A 150 -8.46 49.45 -32.76
C TRP A 150 -7.03 48.97 -32.77
N ARG A 151 -6.62 48.29 -33.84
CA ARG A 151 -5.27 47.79 -33.91
C ARG A 151 -4.29 48.77 -34.53
N SER A 152 -4.80 49.76 -35.30
CA SER A 152 -3.98 50.85 -35.84
C SER A 152 -3.86 52.01 -34.87
N GLU A 153 -4.93 52.30 -34.12
CA GLU A 153 -4.90 53.39 -33.15
C GLU A 153 -4.28 52.98 -31.81
N VAL A 154 -4.94 52.07 -31.10
CA VAL A 154 -4.47 51.65 -29.78
C VAL A 154 -3.24 50.77 -29.91
N GLY A 155 -3.22 49.93 -30.95
CA GLY A 155 -2.12 48.99 -31.09
C GLY A 155 -0.80 49.68 -31.36
N LYS A 156 -0.78 50.57 -32.37
CA LYS A 156 0.48 51.19 -32.78
C LYS A 156 1.10 52.01 -31.66
N GLN A 157 0.25 52.61 -30.81
CA GLN A 157 0.77 53.32 -29.64
C GLN A 157 1.60 52.40 -28.77
N LEU A 158 1.10 51.19 -28.51
CA LEU A 158 1.78 50.29 -27.60
C LEU A 158 3.09 49.72 -28.18
N ARG A 159 3.30 49.83 -29.49
CA ARG A 159 4.44 49.13 -30.09
C ARG A 159 5.78 49.58 -29.51
N PRO A 160 6.14 50.86 -29.50
CA PRO A 160 7.43 51.23 -28.89
C PRO A 160 7.46 50.89 -27.41
N LEU A 161 6.33 51.04 -26.71
CA LEU A 161 6.25 50.66 -25.29
C LEU A 161 6.49 49.18 -25.11
N TYR A 162 5.74 48.34 -25.83
CA TYR A 162 5.93 46.90 -25.70
C TYR A 162 7.37 46.51 -25.99
N GLU A 163 7.97 47.16 -27.00
CA GLU A 163 9.37 46.92 -27.35
C GLU A 163 10.27 47.10 -26.13
N GLU A 164 10.14 48.24 -25.45
CA GLU A 164 10.99 48.51 -24.30
C GLU A 164 10.58 47.68 -23.09
N TYR A 165 9.27 47.40 -22.98
CA TYR A 165 8.79 46.53 -21.92
C TYR A 165 9.44 45.16 -21.97
N VAL A 166 9.63 44.61 -23.19
CA VAL A 166 10.31 43.32 -23.35
C VAL A 166 11.75 43.40 -22.84
N ALA A 167 12.44 44.49 -23.16
CA ALA A 167 13.85 44.60 -22.79
C ALA A 167 14.02 44.58 -21.28
N LEU A 168 13.19 45.33 -20.57
CA LEU A 168 13.33 45.47 -19.13
C LEU A 168 12.92 44.20 -18.41
N LYS A 169 11.82 43.58 -18.84
CA LYS A 169 11.40 42.35 -18.19
C LYS A 169 12.48 41.28 -18.30
N ASN A 170 13.10 41.17 -19.48
CA ASN A 170 14.18 40.21 -19.65
C ASN A 170 15.37 40.54 -18.76
N GLU A 171 15.72 41.83 -18.66
CA GLU A 171 16.78 42.21 -17.72
C GLU A 171 16.42 41.79 -16.30
N MET A 172 15.19 42.07 -15.88
CA MET A 172 14.72 41.61 -14.59
C MET A 172 14.81 40.10 -14.48
N ALA A 173 14.32 39.38 -15.49
CA ALA A 173 14.26 37.94 -15.37
C ALA A 173 15.65 37.34 -15.25
N ARG A 174 16.62 37.80 -16.05
CA ARG A 174 17.96 37.24 -15.94
C ARG A 174 18.65 37.69 -14.66
N ALA A 175 18.29 38.86 -14.13
CA ALA A 175 18.84 39.27 -12.85
C ALA A 175 18.39 38.38 -11.72
N ASN A 176 17.29 37.62 -11.93
CA ASN A 176 16.77 36.65 -10.97
C ASN A 176 17.11 35.22 -11.35
N ASN A 177 18.02 35.04 -12.32
CA ASN A 177 18.54 33.77 -12.80
C ASN A 177 17.61 33.01 -13.72
N TYR A 178 16.64 33.66 -14.34
CA TYR A 178 15.86 32.98 -15.36
C TYR A 178 16.45 33.27 -16.73
N GLU A 179 16.03 32.48 -17.72
CA GLU A 179 16.56 32.65 -19.06
C GLU A 179 16.02 33.92 -19.73
N ASP A 180 14.77 34.27 -19.45
CA ASP A 180 14.07 35.37 -20.12
C ASP A 180 12.76 35.58 -19.38
N TYR A 181 11.97 36.56 -19.82
CA TYR A 181 10.70 36.79 -19.15
C TYR A 181 9.82 35.56 -19.23
N GLY A 182 9.78 34.90 -20.39
CA GLY A 182 8.98 33.69 -20.47
C GLY A 182 9.40 32.65 -19.47
N ASP A 183 10.71 32.37 -19.38
CA ASP A 183 11.16 31.32 -18.47
C ASP A 183 10.76 31.66 -17.05
N TYR A 184 10.82 32.95 -16.71
CA TYR A 184 10.29 33.45 -15.45
C TYR A 184 8.83 33.04 -15.27
N TRP A 185 7.99 33.32 -16.27
CA TRP A 185 6.57 33.01 -16.15
C TRP A 185 6.33 31.52 -16.06
N ARG A 186 7.06 30.72 -16.83
CA ARG A 186 6.82 29.29 -16.71
C ARG A 186 7.21 28.77 -15.34
N GLY A 187 7.90 29.57 -14.53
CA GLY A 187 8.21 29.17 -13.17
C GLY A 187 6.98 28.95 -12.32
N ASP A 188 5.83 29.50 -12.74
CA ASP A 188 4.58 29.30 -12.01
C ASP A 188 4.13 27.84 -12.03
N TYR A 189 4.66 27.02 -12.94
CA TYR A 189 4.38 25.59 -12.91
C TYR A 189 5.56 24.77 -12.35
N GLU A 190 6.69 25.40 -12.06
CA GLU A 190 7.85 24.69 -11.53
C GLU A 190 7.54 24.09 -10.18
N GLU A 191 8.17 22.95 -9.89
CA GLU A 191 8.08 22.31 -8.59
C GLU A 191 9.40 21.61 -8.31
N GLU A 192 9.93 21.81 -7.10
CA GLU A 192 11.22 21.27 -6.68
C GLU A 192 10.96 20.25 -5.57
N TRP A 193 10.89 18.97 -5.95
CA TRP A 193 10.34 17.93 -5.10
C TRP A 193 10.95 16.57 -5.47
N ALA A 194 11.06 15.71 -4.47
CA ALA A 194 11.73 14.44 -4.65
C ALA A 194 10.84 13.45 -5.41
N ASP A 195 11.48 12.35 -5.82
CA ASP A 195 10.79 11.14 -6.28
C ASP A 195 9.74 11.43 -7.35
N GLY A 196 10.09 12.33 -8.27
CA GLY A 196 9.32 12.46 -9.48
C GLY A 196 8.09 13.29 -9.39
N TYR A 197 7.88 14.01 -8.29
CA TYR A 197 6.88 15.06 -8.34
C TYR A 197 7.48 16.39 -8.75
N ASN A 198 8.78 16.42 -9.03
CA ASN A 198 9.39 17.60 -9.62
C ASN A 198 8.70 17.94 -10.94
N TYR A 199 8.85 19.19 -11.35
CA TYR A 199 8.34 19.64 -12.66
C TYR A 199 9.14 20.86 -13.09
N SER A 200 9.94 20.70 -14.15
CA SER A 200 10.87 21.69 -14.65
C SER A 200 10.17 22.70 -15.55
N ARG A 201 10.70 23.92 -15.58
CA ARG A 201 10.07 24.99 -16.35
C ARG A 201 10.00 24.64 -17.83
N ASN A 202 10.96 23.88 -18.34
CA ASN A 202 10.91 23.54 -19.75
C ASN A 202 9.87 22.47 -20.04
N GLN A 203 9.52 21.64 -19.06
CA GLN A 203 8.46 20.66 -19.24
C GLN A 203 7.12 21.32 -19.58
N LEU A 204 6.86 22.52 -19.06
CA LEU A 204 5.61 23.18 -19.41
C LEU A 204 5.49 23.38 -20.90
N ILE A 205 6.58 23.77 -21.56
CA ILE A 205 6.58 23.85 -23.02
C ILE A 205 6.34 22.49 -23.61
N GLU A 206 7.08 21.50 -23.09
CA GLU A 206 6.97 20.15 -23.63
C GLU A 206 5.53 19.66 -23.54
N ASP A 207 4.89 19.88 -22.38
CA ASP A 207 3.54 19.35 -22.17
C ASP A 207 2.50 20.16 -22.93
N VAL A 208 2.66 21.48 -23.01
CA VAL A 208 1.69 22.29 -23.73
C VAL A 208 1.69 21.89 -25.19
N GLU A 209 2.87 21.72 -25.78
CA GLU A 209 2.95 21.37 -27.18
C GLU A 209 2.44 19.97 -27.45
N HIS A 210 2.85 19.00 -26.64
CA HIS A 210 2.40 17.63 -26.86
C HIS A 210 0.87 17.50 -26.75
N THR A 211 0.27 18.08 -25.70
CA THR A 211 -1.18 18.09 -25.61
C THR A 211 -1.81 18.75 -26.84
N PHE A 212 -1.17 19.81 -27.36
CA PHE A 212 -1.81 20.57 -28.44
C PHE A 212 -1.95 19.74 -29.71
N THR A 213 -0.93 18.92 -30.05
CA THR A 213 -1.04 18.16 -31.29
C THR A 213 -2.22 17.21 -31.23
N GLN A 214 -2.52 16.64 -30.04
CA GLN A 214 -3.71 15.83 -29.89
C GLN A 214 -5.00 16.64 -30.11
N ILE A 215 -4.97 17.95 -29.84
CA ILE A 215 -6.15 18.78 -30.05
C ILE A 215 -6.41 19.01 -31.54
N LYS A 216 -5.33 19.11 -32.35
CA LYS A 216 -5.44 19.56 -33.74
C LYS A 216 -6.57 18.90 -34.53
N PRO A 217 -6.78 17.55 -34.49
CA PRO A 217 -7.92 16.97 -35.21
C PRO A 217 -9.27 17.58 -34.84
N LEU A 218 -9.65 17.56 -33.55
CA LEU A 218 -10.92 18.16 -33.17
C LEU A 218 -10.99 19.62 -33.59
N TYR A 219 -9.89 20.37 -33.43
CA TYR A 219 -9.92 21.76 -33.81
C TYR A 219 -10.08 21.91 -35.33
N GLU A 220 -9.39 21.05 -36.10
CA GLU A 220 -9.52 21.09 -37.56
C GLU A 220 -10.97 20.93 -38.00
N HIS A 221 -11.69 19.98 -37.41
CA HIS A 221 -13.07 19.78 -37.83
C HIS A 221 -14.00 20.85 -37.29
N LEU A 222 -13.74 21.38 -36.08
CA LEU A 222 -14.51 22.54 -35.65
C LEU A 222 -14.27 23.72 -36.59
N HIS A 223 -13.02 23.93 -36.97
CA HIS A 223 -12.66 25.02 -37.87
C HIS A 223 -13.34 24.88 -39.22
N ALA A 224 -13.31 23.68 -39.79
CA ALA A 224 -13.91 23.46 -41.10
C ALA A 224 -15.41 23.71 -41.07
N TYR A 225 -16.06 23.34 -39.97
CA TYR A 225 -17.51 23.52 -39.87
C TYR A 225 -17.88 25.00 -39.79
N VAL A 226 -17.14 25.78 -38.98
CA VAL A 226 -17.51 27.20 -38.87
C VAL A 226 -17.15 27.94 -40.16
N ARG A 227 -16.03 27.57 -40.80
CA ARG A 227 -15.69 28.19 -42.08
C ARG A 227 -16.80 28.00 -43.10
N ALA A 228 -17.38 26.80 -43.14
CA ALA A 228 -18.49 26.54 -44.04
C ALA A 228 -19.66 27.48 -43.74
N LYS A 229 -20.10 27.52 -42.48
CA LYS A 229 -21.26 28.33 -42.13
C LYS A 229 -20.96 29.82 -42.30
N LEU A 230 -19.75 30.25 -41.93
CA LEU A 230 -19.38 31.66 -42.10
C LEU A 230 -19.34 32.06 -43.56
N MET A 231 -18.92 31.14 -44.45
CA MET A 231 -19.03 31.40 -45.87
C MET A 231 -20.45 31.80 -46.23
N ASP A 232 -21.44 31.10 -45.67
CA ASP A 232 -22.84 31.47 -45.88
C ASP A 232 -23.14 32.80 -45.21
N ALA A 233 -22.57 33.04 -44.03
CA ALA A 233 -22.79 34.29 -43.33
C ALA A 233 -22.33 35.49 -44.16
N TYR A 234 -21.12 35.42 -44.72
CA TYR A 234 -20.53 36.51 -45.49
C TYR A 234 -20.16 35.98 -46.87
N PRO A 235 -21.12 35.88 -47.78
CA PRO A 235 -20.85 35.28 -49.09
C PRO A 235 -19.80 36.06 -49.88
N SER A 236 -18.96 35.31 -50.60
CA SER A 236 -17.88 35.79 -51.46
C SER A 236 -16.77 36.49 -50.69
N ARG A 237 -16.70 36.28 -49.37
CA ARG A 237 -15.63 36.87 -48.58
C ARG A 237 -14.61 35.86 -48.09
N ILE A 238 -14.91 34.56 -48.14
CA ILE A 238 -14.09 33.57 -47.46
C ILE A 238 -13.76 32.42 -48.40
N SER A 239 -12.47 32.10 -48.53
CA SER A 239 -12.02 30.93 -49.27
C SER A 239 -12.44 29.64 -48.55
N PRO A 240 -12.83 28.60 -49.30
CA PRO A 240 -13.28 27.36 -48.66
C PRO A 240 -12.15 26.44 -48.23
N THR A 241 -10.94 26.65 -48.73
CA THR A 241 -9.75 25.98 -48.24
C THR A 241 -8.85 26.93 -47.47
N GLY A 242 -9.25 28.21 -47.33
CA GLY A 242 -8.40 29.22 -46.74
C GLY A 242 -8.53 29.32 -45.23
N CYS A 243 -7.96 30.39 -44.69
CA CYS A 243 -8.05 30.71 -43.27
C CYS A 243 -9.29 31.55 -42.97
N LEU A 244 -9.51 31.84 -41.72
CA LEU A 244 -10.64 32.68 -41.34
C LEU A 244 -10.21 34.15 -41.19
N PRO A 245 -10.90 35.08 -41.87
CA PRO A 245 -10.67 36.50 -41.58
C PRO A 245 -10.89 36.80 -40.10
N ALA A 246 -9.85 37.34 -39.45
CA ALA A 246 -9.82 37.49 -38.00
C ALA A 246 -10.97 38.37 -37.49
N HIS A 247 -11.38 39.38 -38.25
CA HIS A 247 -12.40 40.31 -37.79
C HIS A 247 -13.82 39.75 -37.85
N LEU A 248 -14.01 38.49 -38.24
CA LEU A 248 -15.33 37.90 -38.36
C LEU A 248 -15.59 36.85 -37.29
N LEU A 249 -14.78 36.80 -36.23
CA LEU A 249 -14.68 35.62 -35.40
C LEU A 249 -15.50 35.66 -34.11
N GLY A 250 -16.12 36.77 -33.74
CA GLY A 250 -17.10 36.80 -32.66
C GLY A 250 -16.74 37.67 -31.48
N ASP A 251 -15.45 37.92 -31.25
CA ASP A 251 -15.09 39.04 -30.39
C ASP A 251 -13.97 39.82 -31.04
N MET A 252 -13.32 40.70 -30.28
CA MET A 252 -12.31 41.60 -30.84
C MET A 252 -11.06 40.87 -31.30
N TRP A 253 -10.92 39.57 -31.00
CA TRP A 253 -9.68 38.89 -31.28
C TRP A 253 -9.85 37.51 -31.88
N GLY A 254 -11.05 36.97 -31.93
CA GLY A 254 -11.19 35.53 -32.09
C GLY A 254 -10.67 34.75 -30.89
N ARG A 255 -10.81 35.31 -29.69
CA ARG A 255 -10.45 34.57 -28.49
C ARG A 255 -11.49 33.52 -28.16
N PHE A 256 -12.76 33.81 -28.46
CA PHE A 256 -13.86 32.89 -28.25
C PHE A 256 -14.80 32.93 -29.45
N TRP A 257 -15.05 31.77 -30.04
CA TRP A 257 -15.99 31.70 -31.15
C TRP A 257 -17.44 31.65 -30.68
N THR A 258 -17.69 31.95 -29.42
CA THR A 258 -18.99 31.60 -28.88
C THR A 258 -20.11 32.46 -29.48
N ASN A 259 -19.85 33.71 -29.84
CA ASN A 259 -20.91 34.51 -30.45
C ASN A 259 -21.20 34.13 -31.90
N LEU A 260 -20.44 33.21 -32.48
CA LEU A 260 -20.74 32.73 -33.83
C LEU A 260 -21.90 31.75 -33.87
N TYR A 261 -22.33 31.25 -32.70
CA TYR A 261 -23.29 30.14 -32.64
C TYR A 261 -24.56 30.36 -33.46
N PRO A 262 -25.30 31.47 -33.31
CA PRO A 262 -26.57 31.57 -34.05
C PRO A 262 -26.44 31.57 -35.56
N LEU A 263 -25.22 31.63 -36.12
CA LEU A 263 -25.02 31.50 -37.55
C LEU A 263 -24.79 30.05 -37.99
N MET A 264 -24.61 29.12 -37.04
CA MET A 264 -24.16 27.78 -37.37
C MET A 264 -24.84 26.72 -36.50
N VAL A 265 -26.09 26.94 -36.11
CA VAL A 265 -26.73 26.10 -35.09
C VAL A 265 -27.13 24.79 -35.73
N PRO A 266 -26.66 23.65 -35.19
CA PRO A 266 -26.79 22.36 -35.90
C PRO A 266 -28.22 21.96 -36.21
N PHE A 267 -29.12 22.01 -35.22
CA PHE A 267 -30.52 21.64 -35.36
C PHE A 267 -31.37 22.82 -34.91
N GLY A 268 -31.76 23.66 -35.87
CA GLY A 268 -32.36 24.95 -35.54
C GLY A 268 -33.66 24.86 -34.77
N GLN A 269 -34.39 23.76 -34.93
CA GLN A 269 -35.70 23.65 -34.30
C GLN A 269 -35.66 22.93 -32.96
N LYS A 270 -34.49 22.60 -32.45
CA LYS A 270 -34.46 22.10 -31.08
C LYS A 270 -33.83 23.18 -30.22
N PRO A 271 -34.59 24.19 -29.79
CA PRO A 271 -33.98 25.28 -29.01
C PRO A 271 -33.36 24.76 -27.72
N ASN A 272 -32.21 25.33 -27.38
CA ASN A 272 -31.40 24.82 -26.30
C ASN A 272 -32.14 24.90 -24.97
N ILE A 273 -31.85 23.96 -24.08
CA ILE A 273 -32.51 23.92 -22.79
C ILE A 273 -32.30 25.25 -22.08
N ASP A 274 -33.39 25.85 -21.61
CA ASP A 274 -33.34 27.13 -20.90
C ASP A 274 -34.35 27.08 -19.75
N VAL A 275 -33.85 26.84 -18.54
CA VAL A 275 -34.72 26.66 -17.38
C VAL A 275 -35.09 28.02 -16.77
N THR A 276 -34.81 29.12 -17.47
CA THR A 276 -35.17 30.43 -16.93
C THR A 276 -36.64 30.52 -16.62
N ASP A 277 -37.49 30.19 -17.60
CA ASP A 277 -38.91 30.40 -17.42
C ASP A 277 -39.47 29.52 -16.33
N ALA A 278 -38.97 28.29 -16.21
CA ALA A 278 -39.32 27.47 -15.07
C ALA A 278 -39.04 28.21 -13.77
N MET A 279 -37.84 28.79 -13.66
CA MET A 279 -37.44 29.46 -12.43
C MET A 279 -38.37 30.62 -12.14
N VAL A 280 -38.71 31.39 -13.16
CA VAL A 280 -39.60 32.54 -12.93
C VAL A 280 -40.98 32.06 -12.50
N ASN A 281 -41.49 30.99 -13.12
CA ASN A 281 -42.82 30.51 -12.77
C ASN A 281 -42.86 29.93 -11.37
N GLN A 282 -41.78 29.31 -10.90
CA GLN A 282 -41.76 28.84 -9.52
C GLN A 282 -41.34 29.92 -8.53
N SER A 283 -41.30 31.18 -8.97
CA SER A 283 -41.12 32.34 -8.09
C SER A 283 -39.78 32.32 -7.35
N TRP A 284 -38.78 31.63 -7.90
CA TRP A 284 -37.43 31.64 -7.37
C TRP A 284 -36.88 33.07 -7.31
N ASP A 285 -36.17 33.38 -6.23
CA ASP A 285 -35.44 34.63 -6.06
C ASP A 285 -33.96 34.28 -5.90
N ALA A 286 -33.12 35.30 -5.82
CA ALA A 286 -31.68 35.03 -5.79
C ALA A 286 -31.30 34.16 -4.61
N ARG A 287 -31.96 34.36 -3.46
CA ARG A 287 -31.62 33.54 -2.29
C ARG A 287 -31.85 32.07 -2.60
N ARG A 288 -32.93 31.77 -3.32
CA ARG A 288 -33.27 30.39 -3.64
C ARG A 288 -32.19 29.70 -4.50
N ILE A 289 -31.67 30.43 -5.48
CA ILE A 289 -30.60 29.90 -6.32
C ILE A 289 -29.42 29.48 -5.45
N PHE A 290 -28.93 30.41 -4.64
CA PHE A 290 -27.75 30.11 -3.82
C PHE A 290 -28.03 29.00 -2.84
N GLU A 291 -29.22 28.98 -2.24
CA GLU A 291 -29.56 27.85 -1.39
C GLU A 291 -29.44 26.56 -2.19
N GLU A 292 -29.94 26.56 -3.43
CA GLU A 292 -29.91 25.36 -4.27
C GLU A 292 -28.48 24.96 -4.61
N ALA A 293 -27.62 25.95 -4.89
CA ALA A 293 -26.21 25.67 -5.12
C ALA A 293 -25.54 25.08 -3.88
N GLU A 294 -25.90 25.61 -2.69
CA GLU A 294 -25.45 25.03 -1.43
C GLU A 294 -25.92 23.58 -1.31
N LYS A 295 -27.18 23.31 -1.65
CA LYS A 295 -27.70 21.95 -1.60
C LYS A 295 -26.85 21.03 -2.47
N PHE A 296 -26.51 21.48 -3.68
CA PHE A 296 -25.72 20.64 -4.57
C PHE A 296 -24.41 20.23 -3.91
N PHE A 297 -23.76 21.18 -3.22
CA PHE A 297 -22.46 20.85 -2.66
C PHE A 297 -22.60 19.94 -1.44
N VAL A 298 -23.67 20.10 -0.64
CA VAL A 298 -23.83 19.18 0.49
C VAL A 298 -24.03 17.76 -0.03
N SER A 299 -24.74 17.62 -1.16
CA SER A 299 -25.07 16.31 -1.71
C SER A 299 -23.84 15.50 -2.06
N VAL A 300 -22.70 16.14 -2.34
CA VAL A 300 -21.45 15.42 -2.54
C VAL A 300 -20.59 15.45 -1.29
N GLY A 301 -21.13 15.96 -0.18
CA GLY A 301 -20.50 15.84 1.11
C GLY A 301 -19.63 17.02 1.53
N LEU A 302 -19.69 18.12 0.82
CA LEU A 302 -18.98 19.34 1.17
C LEU A 302 -19.81 20.15 2.18
N PRO A 303 -19.19 21.13 2.85
CA PRO A 303 -19.91 21.87 3.90
C PRO A 303 -20.99 22.79 3.35
N ASN A 304 -21.79 23.28 4.29
CA ASN A 304 -22.64 24.43 4.07
C ASN A 304 -21.83 25.71 4.04
N MET A 305 -22.39 26.72 3.38
CA MET A 305 -21.79 28.05 3.45
C MET A 305 -21.80 28.52 4.89
N THR A 306 -20.74 29.25 5.27
CA THR A 306 -20.68 29.70 6.65
C THR A 306 -21.78 30.73 6.90
N GLU A 307 -22.07 30.92 8.18
CA GLU A 307 -23.15 31.85 8.51
C GLU A 307 -22.77 33.25 8.09
N GLY A 308 -21.46 33.55 8.12
CA GLY A 308 -21.01 34.83 7.62
C GLY A 308 -21.25 35.00 6.13
N PHE A 309 -21.11 33.91 5.36
CA PHE A 309 -21.34 34.01 3.92
C PHE A 309 -22.71 34.57 3.61
N TRP A 310 -23.71 34.29 4.46
CA TRP A 310 -25.05 34.74 4.15
C TRP A 310 -25.27 36.17 4.64
N GLN A 311 -24.69 36.52 5.79
CA GLN A 311 -24.81 37.91 6.24
C GLN A 311 -24.09 38.85 5.29
N ASN A 312 -22.83 38.52 4.97
CA ASN A 312 -21.91 39.48 4.36
C ASN A 312 -21.87 39.45 2.85
N SER A 313 -22.41 38.40 2.22
CA SER A 313 -22.39 38.39 0.77
C SER A 313 -23.32 39.46 0.22
N MET A 314 -23.11 39.78 -1.04
CA MET A 314 -23.95 40.69 -1.79
C MET A 314 -24.41 39.88 -2.99
N LEU A 315 -25.59 39.29 -2.89
CA LEU A 315 -26.09 38.39 -3.93
C LEU A 315 -27.00 39.08 -4.94
N THR A 316 -27.38 40.34 -4.73
CA THR A 316 -28.23 41.05 -5.68
C THR A 316 -27.73 42.48 -5.84
N GLU A 317 -28.06 43.08 -6.99
CA GLU A 317 -27.77 44.50 -7.20
C GLU A 317 -28.57 45.30 -6.18
N PRO A 318 -27.93 46.11 -5.34
CA PRO A 318 -28.60 46.60 -4.13
C PRO A 318 -29.83 47.44 -4.39
N GLY A 319 -29.94 48.09 -5.55
CA GLY A 319 -31.19 48.73 -5.95
C GLY A 319 -31.60 49.96 -5.18
N ASP A 320 -30.92 50.29 -4.08
CA ASP A 320 -31.00 51.60 -3.43
C ASP A 320 -30.03 52.55 -4.11
N ASN A 321 -29.59 53.60 -3.41
CA ASN A 321 -28.64 54.56 -3.98
C ASN A 321 -27.38 53.89 -4.56
N ARG A 322 -26.89 52.80 -3.93
CA ARG A 322 -25.53 52.32 -4.14
C ARG A 322 -25.23 52.01 -5.60
N LYS A 323 -23.98 52.24 -5.98
CA LYS A 323 -23.44 51.86 -7.28
C LYS A 323 -22.37 50.81 -7.04
N VAL A 324 -22.39 49.73 -7.82
CA VAL A 324 -21.59 48.54 -7.54
C VAL A 324 -20.92 48.05 -8.82
N VAL A 325 -20.10 47.02 -8.67
CA VAL A 325 -19.51 46.33 -9.80
C VAL A 325 -20.16 44.95 -9.84
N CYS A 326 -20.84 44.66 -10.95
CA CYS A 326 -21.73 43.51 -11.02
C CYS A 326 -21.02 42.23 -11.44
N HIS A 327 -19.77 42.32 -11.87
CA HIS A 327 -19.05 41.16 -12.38
C HIS A 327 -18.91 40.12 -11.28
N PRO A 328 -19.40 38.90 -11.46
CA PRO A 328 -19.42 37.92 -10.36
C PRO A 328 -18.02 37.54 -9.93
N THR A 329 -17.80 37.50 -8.62
CA THR A 329 -16.52 37.12 -8.04
C THR A 329 -16.74 36.39 -6.72
N ALA A 330 -15.77 35.56 -6.34
CA ALA A 330 -15.86 34.80 -5.09
C ALA A 330 -14.66 35.16 -4.23
N TRP A 331 -14.91 35.91 -3.16
CA TRP A 331 -13.84 36.44 -2.30
C TRP A 331 -13.49 35.52 -1.14
N ASP A 332 -12.19 35.35 -0.91
CA ASP A 332 -11.63 34.80 0.32
C ASP A 332 -10.92 35.97 0.99
N LEU A 333 -11.65 36.70 1.83
CA LEU A 333 -11.07 37.90 2.42
C LEU A 333 -9.99 37.58 3.46
N GLY A 334 -9.94 36.36 3.95
CA GLY A 334 -9.08 36.00 5.06
C GLY A 334 -9.90 35.76 6.31
N LYS A 335 -9.27 35.13 7.29
CA LYS A 335 -9.90 34.91 8.60
C LYS A 335 -11.27 34.19 8.49
N HIS A 336 -11.35 33.20 7.59
CA HIS A 336 -12.56 32.41 7.28
C HIS A 336 -13.77 33.30 6.94
N ASP A 337 -13.52 34.51 6.47
CA ASP A 337 -14.55 35.42 6.00
C ASP A 337 -14.72 35.17 4.50
N PHE A 338 -15.75 34.42 4.12
CA PHE A 338 -16.00 34.09 2.72
C PHE A 338 -17.28 34.76 2.23
N ARG A 339 -17.20 35.38 1.05
CA ARG A 339 -18.36 36.06 0.49
C ARG A 339 -18.35 35.94 -1.04
N ILE A 340 -19.55 36.04 -1.62
CA ILE A 340 -19.75 36.16 -3.05
C ILE A 340 -20.39 37.51 -3.32
N LYS A 341 -19.87 38.23 -4.32
CA LYS A 341 -20.51 39.44 -4.84
C LYS A 341 -20.98 39.14 -6.25
N MET A 342 -22.28 39.34 -6.51
CA MET A 342 -22.88 38.99 -7.78
C MET A 342 -24.22 39.71 -7.91
N CYS A 343 -24.49 40.28 -9.09
CA CYS A 343 -25.76 40.99 -9.28
C CYS A 343 -26.85 40.03 -9.80
N THR A 344 -27.16 39.03 -8.99
CA THR A 344 -27.89 37.86 -9.48
C THR A 344 -29.24 38.24 -10.07
N LYS A 345 -29.55 37.63 -11.21
CA LYS A 345 -30.87 37.69 -11.84
C LYS A 345 -31.43 36.27 -11.86
N VAL A 346 -32.75 36.18 -12.03
CA VAL A 346 -33.42 34.86 -12.05
C VAL A 346 -33.36 34.40 -13.50
N THR A 347 -32.21 33.82 -13.85
CA THR A 347 -31.93 33.30 -15.18
C THR A 347 -31.21 31.97 -15.03
N MET A 348 -31.30 31.12 -16.06
CA MET A 348 -30.53 29.88 -16.02
C MET A 348 -29.04 30.16 -16.02
N ASP A 349 -28.62 31.25 -16.68
CA ASP A 349 -27.19 31.56 -16.73
C ASP A 349 -26.66 31.92 -15.35
N ASP A 350 -27.36 32.81 -14.65
CA ASP A 350 -26.88 33.16 -13.31
C ASP A 350 -27.05 32.02 -12.33
N PHE A 351 -27.99 31.10 -12.57
CA PHE A 351 -28.05 29.86 -11.79
C PHE A 351 -26.73 29.09 -11.87
N LEU A 352 -26.24 28.83 -13.09
CA LEU A 352 -24.98 28.11 -13.21
C LEU A 352 -23.83 28.91 -12.63
N THR A 353 -23.82 30.24 -12.82
CA THR A 353 -22.71 31.03 -12.33
C THR A 353 -22.59 30.92 -10.82
N ALA A 354 -23.73 30.92 -10.12
CA ALA A 354 -23.71 30.77 -8.66
C ALA A 354 -23.08 29.45 -8.27
N HIS A 355 -23.36 28.38 -9.01
CA HIS A 355 -22.67 27.12 -8.76
C HIS A 355 -21.17 27.27 -9.01
N HIS A 356 -20.81 27.89 -10.13
CA HIS A 356 -19.39 28.03 -10.48
C HIS A 356 -18.67 28.82 -9.41
N GLU A 357 -19.28 29.90 -8.94
CA GLU A 357 -18.63 30.74 -7.96
C GLU A 357 -18.66 30.13 -6.56
N MET A 358 -19.72 29.39 -6.21
CA MET A 358 -19.70 28.71 -4.93
C MET A 358 -18.64 27.60 -4.91
N GLY A 359 -18.37 26.97 -6.07
CA GLY A 359 -17.24 26.06 -6.16
C GLY A 359 -15.92 26.73 -5.77
N HIS A 360 -15.72 27.99 -6.18
CA HIS A 360 -14.53 28.72 -5.75
C HIS A 360 -14.48 28.78 -4.22
N ILE A 361 -15.62 29.13 -3.59
CA ILE A 361 -15.70 29.25 -2.14
C ILE A 361 -15.41 27.91 -1.47
N GLN A 362 -15.92 26.81 -2.01
CA GLN A 362 -15.60 25.50 -1.45
C GLN A 362 -14.10 25.24 -1.45
N TYR A 363 -13.43 25.56 -2.56
CA TYR A 363 -11.97 25.45 -2.60
C TYR A 363 -11.34 26.28 -1.48
N ASP A 364 -11.82 27.52 -1.31
CA ASP A 364 -11.27 28.44 -0.31
C ASP A 364 -11.46 27.94 1.11
N MET A 365 -12.66 27.45 1.42
CA MET A 365 -12.93 26.87 2.73
C MET A 365 -12.05 25.67 2.97
N ALA A 366 -11.84 24.87 1.93
CA ALA A 366 -11.17 23.57 2.10
C ALA A 366 -9.74 23.75 2.58
N TYR A 367 -9.01 24.76 2.10
CA TYR A 367 -7.63 24.92 2.52
C TYR A 367 -7.43 25.98 3.57
N ALA A 368 -8.50 26.44 4.21
CA ALA A 368 -8.37 27.55 5.15
C ALA A 368 -7.47 27.19 6.34
N ALA A 369 -7.24 25.91 6.59
CA ALA A 369 -6.38 25.52 7.71
C ALA A 369 -4.89 25.49 7.34
N GLN A 370 -4.56 25.66 6.08
CA GLN A 370 -3.18 25.71 5.67
C GLN A 370 -2.56 27.00 6.18
N PRO A 371 -1.24 27.06 6.25
CA PRO A 371 -0.57 28.34 6.54
C PRO A 371 -0.99 29.42 5.56
N PHE A 372 -0.79 30.67 5.95
CA PHE A 372 -1.31 31.78 5.13
C PHE A 372 -0.78 31.73 3.70
N LEU A 373 0.54 31.65 3.52
CA LEU A 373 1.11 31.70 2.19
C LEU A 373 0.73 30.50 1.32
N LEU A 374 0.20 29.44 1.89
CA LEU A 374 -0.15 28.26 1.09
C LEU A 374 -1.62 28.18 0.72
N ARG A 375 -2.43 29.21 1.04
CA ARG A 375 -3.88 29.19 0.78
C ARG A 375 -4.17 29.67 -0.63
N ASN A 376 -3.92 28.77 -1.58
CA ASN A 376 -4.23 29.00 -2.97
C ASN A 376 -4.46 27.66 -3.65
N GLY A 377 -4.95 27.71 -4.88
CA GLY A 377 -5.01 26.51 -5.68
C GLY A 377 -3.63 25.94 -5.89
N ALA A 378 -3.58 24.62 -6.17
CA ALA A 378 -2.30 23.94 -6.30
C ALA A 378 -1.38 24.63 -7.31
N ASN A 379 -1.94 25.13 -8.41
CA ASN A 379 -1.26 26.13 -9.24
C ASN A 379 -2.32 27.05 -9.83
N GLU A 380 -1.87 27.97 -10.72
CA GLU A 380 -2.72 29.05 -11.22
C GLU A 380 -3.96 28.55 -11.93
N GLY A 381 -3.95 27.30 -12.42
CA GLY A 381 -5.06 26.75 -13.17
C GLY A 381 -6.15 26.04 -12.38
N PHE A 382 -5.86 25.65 -11.13
CA PHE A 382 -6.74 24.74 -10.41
C PHE A 382 -8.05 25.40 -10.00
N HIS A 383 -8.01 26.65 -9.56
CA HIS A 383 -9.23 27.26 -9.03
C HIS A 383 -10.34 27.30 -10.07
N GLU A 384 -10.06 27.82 -11.27
CA GLU A 384 -11.14 27.87 -12.25
C GLU A 384 -11.57 26.49 -12.69
N ALA A 385 -10.63 25.56 -12.83
CA ALA A 385 -11.02 24.19 -13.19
C ALA A 385 -12.06 23.65 -12.21
N VAL A 386 -11.79 23.78 -10.91
CA VAL A 386 -12.75 23.31 -9.90
C VAL A 386 -14.08 24.04 -10.04
N GLY A 387 -14.04 25.35 -10.20
CA GLY A 387 -15.29 26.08 -10.36
C GLY A 387 -16.12 25.59 -11.53
N GLU A 388 -15.46 25.29 -12.65
CA GLU A 388 -16.18 24.94 -13.87
C GLU A 388 -16.81 23.56 -13.80
N ILE A 389 -16.20 22.65 -13.04
CA ILE A 389 -16.73 21.31 -12.86
C ILE A 389 -18.13 21.38 -12.29
N MET A 390 -18.35 22.33 -11.37
CA MET A 390 -19.66 22.49 -10.74
C MET A 390 -20.68 22.97 -11.74
N SER A 391 -20.33 24.00 -12.50
CA SER A 391 -21.20 24.50 -13.56
C SER A 391 -21.59 23.41 -14.56
N LEU A 392 -20.71 22.43 -14.79
CA LEU A 392 -20.99 21.36 -15.74
C LEU A 392 -22.14 20.49 -15.24
N SER A 393 -21.99 19.89 -14.06
CA SER A 393 -22.98 18.95 -13.53
C SER A 393 -24.32 19.65 -13.28
N ALA A 394 -24.30 20.92 -12.93
CA ALA A 394 -25.57 21.56 -12.62
C ALA A 394 -26.37 21.90 -13.85
N ALA A 395 -25.75 21.86 -15.03
CA ALA A 395 -26.47 22.18 -16.25
C ALA A 395 -27.14 20.96 -16.86
N THR A 396 -26.73 19.76 -16.43
CA THR A 396 -27.23 18.52 -17.02
C THR A 396 -28.73 18.41 -16.82
N PRO A 397 -29.46 17.82 -17.78
CA PRO A 397 -30.89 17.61 -17.57
C PRO A 397 -31.18 16.75 -16.36
N ASN A 398 -30.33 15.76 -16.06
CA ASN A 398 -30.59 14.91 -14.90
C ASN A 398 -30.69 15.75 -13.63
N HIS A 399 -29.67 16.57 -13.33
CA HIS A 399 -29.74 17.42 -12.15
C HIS A 399 -30.93 18.37 -12.24
N LEU A 400 -31.17 18.93 -13.42
CA LEU A 400 -32.28 19.87 -13.56
C LEU A 400 -33.62 19.19 -13.31
N LYS A 401 -33.75 17.90 -13.65
CA LYS A 401 -34.90 17.12 -13.21
C LYS A 401 -34.99 17.12 -11.70
N ASN A 402 -33.95 16.59 -11.03
CA ASN A 402 -34.00 16.31 -9.61
C ASN A 402 -34.29 17.54 -8.77
N ILE A 403 -34.11 18.74 -9.30
CA ILE A 403 -34.45 19.95 -8.59
C ILE A 403 -35.73 20.57 -9.14
N GLY A 404 -36.37 19.89 -10.09
CA GLY A 404 -37.67 20.31 -10.57
C GLY A 404 -37.68 21.60 -11.36
N LEU A 405 -36.63 21.88 -12.11
CA LEU A 405 -36.72 22.89 -13.15
C LEU A 405 -37.08 22.27 -14.50
N LEU A 406 -37.11 20.94 -14.58
CA LEU A 406 -37.53 20.20 -15.76
C LEU A 406 -38.57 19.16 -15.35
N PRO A 407 -39.71 19.08 -16.03
CA PRO A 407 -40.77 18.12 -15.69
C PRO A 407 -40.23 16.72 -15.49
N PRO A 408 -40.88 15.89 -14.66
CA PRO A 408 -40.29 14.58 -14.33
C PRO A 408 -40.27 13.63 -15.51
N ASP A 409 -41.24 13.74 -16.43
CA ASP A 409 -41.33 12.93 -17.63
C ASP A 409 -40.50 13.48 -18.79
N PHE A 410 -39.58 14.43 -18.51
CA PHE A 410 -38.77 15.03 -19.56
C PHE A 410 -37.82 14.00 -20.16
N SER A 411 -37.61 14.09 -21.48
CA SER A 411 -36.72 13.18 -22.19
C SER A 411 -35.72 13.96 -23.03
N GLU A 412 -34.43 13.65 -22.86
CA GLU A 412 -33.36 14.37 -23.55
C GLU A 412 -33.41 14.10 -25.04
N ASP A 413 -33.11 15.13 -25.83
CA ASP A 413 -33.19 15.08 -27.29
C ASP A 413 -31.79 15.14 -27.88
N SER A 414 -31.32 14.01 -28.44
CA SER A 414 -29.92 13.91 -28.85
C SER A 414 -29.50 15.04 -29.80
N GLU A 415 -30.43 15.54 -30.60
CA GLU A 415 -30.12 16.71 -31.41
C GLU A 415 -29.85 17.92 -30.55
N THR A 416 -30.68 18.12 -29.50
CA THR A 416 -30.43 19.24 -28.58
C THR A 416 -29.07 19.10 -27.90
N ASP A 417 -28.60 17.87 -27.65
CA ASP A 417 -27.26 17.67 -27.11
C ASP A 417 -26.18 18.16 -28.08
N ILE A 418 -26.35 17.89 -29.36
CA ILE A 418 -25.36 18.34 -30.33
C ILE A 418 -25.33 19.87 -30.35
N ASN A 419 -26.50 20.51 -30.33
CA ASN A 419 -26.55 21.97 -30.20
C ASN A 419 -25.74 22.43 -29.00
N PHE A 420 -25.89 21.77 -27.85
CA PHE A 420 -25.19 22.20 -26.66
C PHE A 420 -23.70 21.92 -26.75
N LEU A 421 -23.31 20.76 -27.29
CA LEU A 421 -21.87 20.48 -27.40
C LEU A 421 -21.20 21.38 -28.42
N LEU A 422 -21.91 21.82 -29.48
CA LEU A 422 -21.31 22.76 -30.41
C LEU A 422 -21.03 24.10 -29.74
N LYS A 423 -22.04 24.69 -29.11
CA LYS A 423 -21.83 25.94 -28.38
C LYS A 423 -20.70 25.78 -27.36
N GLN A 424 -20.61 24.61 -26.72
CA GLN A 424 -19.51 24.37 -25.81
C GLN A 424 -18.16 24.41 -26.51
N ALA A 425 -18.05 23.75 -27.67
CA ALA A 425 -16.77 23.70 -28.37
C ALA A 425 -16.38 25.07 -28.92
N LEU A 426 -17.37 25.85 -29.39
CA LEU A 426 -17.08 27.19 -29.88
C LEU A 426 -16.35 28.01 -28.83
N THR A 427 -16.72 27.82 -27.56
CA THR A 427 -16.03 28.51 -26.48
C THR A 427 -14.76 27.76 -26.09
N ILE A 428 -14.89 26.49 -25.72
CA ILE A 428 -13.84 25.77 -25.02
C ILE A 428 -12.73 25.36 -25.97
N VAL A 429 -13.04 24.63 -27.04
CA VAL A 429 -11.91 24.25 -27.87
C VAL A 429 -11.50 25.38 -28.79
N GLY A 430 -12.45 26.21 -29.24
CA GLY A 430 -12.08 27.40 -30.01
C GLY A 430 -10.92 28.18 -29.42
N THR A 431 -10.94 28.42 -28.11
CA THR A 431 -9.93 29.28 -27.48
C THR A 431 -8.58 28.60 -27.31
N LEU A 432 -8.53 27.27 -27.32
CA LEU A 432 -7.27 26.59 -27.03
C LEU A 432 -6.19 26.91 -28.05
N PRO A 433 -6.42 26.83 -29.37
CA PRO A 433 -5.36 27.25 -30.29
C PRO A 433 -5.05 28.74 -30.20
N PHE A 434 -6.06 29.59 -29.99
CA PHE A 434 -5.80 31.02 -29.78
C PHE A 434 -4.85 31.22 -28.62
N THR A 435 -5.14 30.58 -27.49
CA THR A 435 -4.34 30.76 -26.29
C THR A 435 -2.94 30.21 -26.48
N TYR A 436 -2.83 28.97 -26.97
CA TYR A 436 -1.50 28.40 -27.16
C TYR A 436 -0.65 29.26 -28.10
N MET A 437 -1.24 29.71 -29.21
CA MET A 437 -0.47 30.51 -30.18
C MET A 437 0.00 31.83 -29.58
N LEU A 438 -0.88 32.52 -28.84
CA LEU A 438 -0.46 33.77 -28.20
C LEU A 438 0.75 33.52 -27.31
N GLU A 439 0.63 32.64 -26.32
CA GLU A 439 1.75 32.47 -25.40
C GLU A 439 2.98 31.92 -26.11
N LYS A 440 2.81 31.16 -27.19
CA LYS A 440 4.01 30.72 -27.90
C LYS A 440 4.72 31.92 -28.51
N TRP A 441 3.96 32.85 -29.09
CA TRP A 441 4.54 34.07 -29.65
C TRP A 441 5.25 34.88 -28.56
N ARG A 442 4.52 35.17 -27.48
CA ARG A 442 5.08 35.89 -26.34
C ARG A 442 6.35 35.20 -25.86
N TRP A 443 6.29 33.88 -25.65
CA TRP A 443 7.42 33.14 -25.12
C TRP A 443 8.62 33.25 -26.03
N MET A 444 8.39 33.15 -27.35
CA MET A 444 9.45 33.28 -28.32
C MET A 444 10.04 34.69 -28.35
N VAL A 445 9.17 35.71 -28.30
CA VAL A 445 9.64 37.09 -28.26
C VAL A 445 10.58 37.30 -27.08
N PHE A 446 10.21 36.76 -25.93
CA PHE A 446 11.08 36.91 -24.76
C PHE A 446 12.39 36.15 -24.94
N LYS A 447 12.36 34.98 -25.60
CA LYS A 447 13.61 34.23 -25.77
C LYS A 447 14.54 34.86 -26.79
N GLY A 448 14.06 35.83 -27.57
CA GLY A 448 14.86 36.36 -28.66
C GLY A 448 14.75 35.62 -29.97
N GLU A 449 13.88 34.60 -30.06
CA GLU A 449 13.73 33.83 -31.29
C GLU A 449 13.10 34.65 -32.42
N ILE A 450 12.20 35.57 -32.08
CA ILE A 450 11.61 36.48 -33.06
C ILE A 450 12.27 37.85 -32.90
N PRO A 451 13.01 38.33 -33.90
CA PRO A 451 13.53 39.70 -33.84
C PRO A 451 12.42 40.74 -33.88
N LYS A 452 12.79 41.97 -33.56
CA LYS A 452 11.83 43.07 -33.59
C LYS A 452 11.24 43.26 -34.98
N GLU A 453 12.07 43.14 -36.02
CA GLU A 453 11.64 43.44 -37.38
C GLU A 453 10.72 42.36 -37.93
N GLN A 454 10.54 41.26 -37.20
CA GLN A 454 9.66 40.18 -37.63
C GLN A 454 8.53 39.91 -36.64
N TRP A 455 8.33 40.79 -35.65
CA TRP A 455 7.32 40.58 -34.62
C TRP A 455 5.93 40.34 -35.23
N MET A 456 5.40 41.33 -35.94
CA MET A 456 4.09 41.19 -36.55
C MET A 456 4.12 40.20 -37.72
N GLN A 457 5.26 40.01 -38.36
CA GLN A 457 5.33 39.03 -39.42
C GLN A 457 5.16 37.62 -38.87
N LYS A 458 5.94 37.25 -37.86
CA LYS A 458 5.78 35.95 -37.24
C LYS A 458 4.44 35.80 -36.51
N TRP A 459 3.90 36.90 -35.99
CA TRP A 459 2.58 36.84 -35.37
C TRP A 459 1.57 36.27 -36.35
N TRP A 460 1.49 36.84 -37.54
CA TRP A 460 0.49 36.37 -38.47
C TRP A 460 0.89 35.06 -39.14
N GLU A 461 2.19 34.79 -39.32
CA GLU A 461 2.57 33.45 -39.71
C GLU A 461 2.03 32.44 -38.70
N MET A 462 2.08 32.76 -37.40
CA MET A 462 1.56 31.85 -36.40
C MET A 462 0.03 31.89 -36.34
N LYS A 463 -0.58 33.05 -36.51
CA LYS A 463 -2.05 33.05 -36.61
C LYS A 463 -2.50 32.17 -37.78
N ARG A 464 -1.89 32.35 -38.97
CA ARG A 464 -2.25 31.51 -40.11
C ARG A 464 -1.97 30.03 -39.84
N ASP A 465 -0.76 29.71 -39.40
CA ASP A 465 -0.36 28.31 -39.31
C ASP A 465 -1.09 27.59 -38.17
N ILE A 466 -1.07 28.15 -36.97
CA ILE A 466 -1.56 27.44 -35.80
C ILE A 466 -3.07 27.64 -35.58
N VAL A 467 -3.58 28.85 -35.79
CA VAL A 467 -4.97 29.14 -35.47
C VAL A 467 -5.88 29.07 -36.69
N GLY A 468 -5.34 28.95 -37.90
CA GLY A 468 -6.19 28.96 -39.08
C GLY A 468 -6.93 30.27 -39.28
N VAL A 469 -6.35 31.37 -38.82
CA VAL A 469 -6.96 32.69 -38.86
C VAL A 469 -5.99 33.63 -39.56
N VAL A 470 -6.52 34.48 -40.45
CA VAL A 470 -5.71 35.34 -41.29
C VAL A 470 -6.15 36.79 -41.15
N GLU A 471 -5.15 37.69 -41.12
CA GLU A 471 -5.40 39.12 -40.95
C GLU A 471 -6.07 39.69 -42.19
N PRO A 472 -7.19 40.41 -42.05
CA PRO A 472 -7.86 40.97 -43.24
C PRO A 472 -7.09 42.08 -43.95
N LEU A 473 -6.11 42.70 -43.29
CA LEU A 473 -5.35 43.79 -43.89
C LEU A 473 -3.88 43.63 -43.52
N PRO A 474 -2.96 44.13 -44.33
CA PRO A 474 -1.53 43.85 -44.10
C PRO A 474 -0.94 44.75 -43.02
N HIS A 475 -0.27 44.13 -42.04
CA HIS A 475 0.26 44.85 -40.89
C HIS A 475 1.78 44.73 -40.87
N ASP A 476 2.48 45.87 -41.01
CA ASP A 476 3.95 45.89 -40.88
C ASP A 476 4.34 46.02 -39.40
N GLU A 477 5.62 46.31 -39.13
CA GLU A 477 6.12 46.34 -37.77
C GLU A 477 5.77 47.64 -37.04
N THR A 478 5.02 48.53 -37.71
CA THR A 478 4.44 49.70 -37.07
C THR A 478 3.31 49.32 -36.11
N TYR A 479 2.73 48.13 -36.25
CA TYR A 479 1.65 47.59 -35.43
C TYR A 479 2.20 46.83 -34.24
N CYS A 480 1.36 46.66 -33.23
CA CYS A 480 1.70 45.76 -32.15
C CYS A 480 0.48 44.94 -31.73
N ASP A 481 -0.14 44.29 -32.70
CA ASP A 481 -1.45 43.67 -32.48
C ASP A 481 -1.56 42.78 -31.24
N PRO A 482 -0.57 41.95 -30.87
CA PRO A 482 -0.75 41.17 -29.63
C PRO A 482 -1.04 42.05 -28.43
N ALA A 483 -0.47 43.24 -28.36
CA ALA A 483 -0.80 44.10 -27.23
C ALA A 483 -2.21 44.70 -27.34
N ALA A 484 -2.90 44.53 -28.45
CA ALA A 484 -4.26 45.07 -28.47
C ALA A 484 -5.23 44.21 -27.67
N LEU A 485 -4.73 43.18 -27.00
CA LEU A 485 -5.51 42.34 -26.09
C LEU A 485 -5.10 42.67 -24.66
N PHE A 486 -6.10 42.68 -23.76
CA PHE A 486 -5.90 43.16 -22.39
C PHE A 486 -4.71 42.49 -21.71
N HIS A 487 -4.64 41.16 -21.77
CA HIS A 487 -3.65 40.49 -20.95
C HIS A 487 -2.24 40.80 -21.40
N VAL A 488 -2.05 41.07 -22.68
CA VAL A 488 -0.71 41.42 -23.15
C VAL A 488 -0.33 42.82 -22.67
N ALA A 489 -1.25 43.79 -22.84
CA ALA A 489 -0.94 45.18 -22.49
C ALA A 489 -0.82 45.36 -20.99
N ASN A 490 -1.52 44.53 -20.23
CA ASN A 490 -1.52 44.64 -18.79
C ASN A 490 -0.62 43.59 -18.14
N ASP A 491 0.25 42.96 -18.93
CA ASP A 491 1.36 42.19 -18.40
C ASP A 491 0.87 41.05 -17.49
N TYR A 492 0.07 40.16 -18.09
CA TYR A 492 -0.43 38.96 -17.45
C TYR A 492 -0.12 37.75 -18.31
N SER A 493 0.46 36.71 -17.70
CA SER A 493 0.64 35.46 -18.45
C SER A 493 -0.71 34.99 -18.97
N PHE A 494 -0.68 34.26 -20.07
CA PHE A 494 -1.93 33.82 -20.69
C PHE A 494 -2.12 32.32 -20.70
N ILE A 495 -1.13 31.53 -20.28
CA ILE A 495 -1.20 30.10 -20.45
C ILE A 495 -2.20 29.45 -19.51
N ARG A 496 -2.54 30.09 -18.39
CA ARG A 496 -3.55 29.53 -17.48
C ARG A 496 -4.84 29.19 -18.22
N TYR A 497 -5.23 30.03 -19.18
CA TYR A 497 -6.46 29.73 -19.90
C TYR A 497 -6.37 28.43 -20.67
N TYR A 498 -5.17 27.98 -20.99
CA TYR A 498 -5.03 26.71 -21.65
C TYR A 498 -4.99 25.57 -20.64
N THR A 499 -4.13 25.69 -19.60
CA THR A 499 -4.00 24.59 -18.65
C THR A 499 -5.27 24.38 -17.85
N ARG A 500 -5.97 25.44 -17.48
CA ARG A 500 -7.15 25.20 -16.65
C ARG A 500 -8.25 24.52 -17.46
N THR A 501 -8.30 24.76 -18.77
CA THR A 501 -9.29 24.06 -19.60
C THR A 501 -9.01 22.57 -19.62
N ILE A 502 -7.74 22.20 -19.80
CA ILE A 502 -7.37 20.79 -19.81
C ILE A 502 -7.55 20.14 -18.44
N TYR A 503 -7.18 20.85 -17.37
CA TYR A 503 -7.42 20.37 -16.01
C TYR A 503 -8.90 20.10 -15.75
N GLN A 504 -9.76 20.99 -16.21
CA GLN A 504 -11.16 20.92 -15.83
C GLN A 504 -11.76 19.57 -16.21
N PHE A 505 -11.53 19.12 -17.45
CA PHE A 505 -12.08 17.84 -17.88
C PHE A 505 -11.32 16.64 -17.31
N GLN A 506 -10.04 16.80 -16.99
CA GLN A 506 -9.37 15.76 -16.19
C GLN A 506 -10.09 15.55 -14.86
N PHE A 507 -10.44 16.63 -14.17
CA PHE A 507 -11.15 16.52 -12.90
C PHE A 507 -12.51 15.85 -13.09
N GLN A 508 -13.26 16.29 -14.11
CA GLN A 508 -14.62 15.81 -14.26
C GLN A 508 -14.65 14.34 -14.64
N GLU A 509 -13.79 13.93 -15.59
CA GLU A 509 -13.70 12.52 -15.93
C GLU A 509 -13.37 11.69 -14.70
N ALA A 510 -12.40 12.13 -13.89
CA ALA A 510 -12.00 11.38 -12.69
C ALA A 510 -13.16 11.27 -11.72
N LEU A 511 -13.92 12.33 -11.54
CA LEU A 511 -15.01 12.32 -10.58
C LEU A 511 -16.20 11.49 -11.08
N CYS A 512 -16.50 11.52 -12.39
CA CYS A 512 -17.66 10.77 -12.89
C CYS A 512 -17.39 9.27 -12.83
N GLN A 513 -16.14 8.87 -13.07
CA GLN A 513 -15.70 7.53 -12.72
C GLN A 513 -16.11 7.18 -11.29
N ILE A 514 -15.65 7.96 -10.31
CA ILE A 514 -15.94 7.68 -8.91
C ILE A 514 -17.44 7.65 -8.65
N ALA A 515 -18.18 8.49 -9.35
CA ALA A 515 -19.63 8.55 -9.20
C ALA A 515 -20.35 7.48 -9.99
N LYS A 516 -19.59 6.56 -10.59
CA LYS A 516 -20.13 5.44 -11.36
C LYS A 516 -21.21 5.92 -12.34
N HIS A 517 -20.83 6.90 -13.14
CA HIS A 517 -21.68 7.46 -14.19
C HIS A 517 -21.72 6.53 -15.41
N GLU A 518 -22.86 6.55 -16.12
CA GLU A 518 -23.12 5.51 -17.14
C GLU A 518 -22.67 5.88 -18.56
N GLY A 519 -23.32 6.87 -19.17
CA GLY A 519 -23.14 7.13 -20.60
C GLY A 519 -21.85 7.86 -20.98
N PRO A 520 -21.95 8.74 -21.99
CA PRO A 520 -20.81 9.57 -22.38
C PRO A 520 -20.44 10.56 -21.27
N LEU A 521 -19.31 11.27 -21.45
CA LEU A 521 -18.76 12.06 -20.35
C LEU A 521 -19.50 13.37 -20.09
N TYR A 522 -19.97 14.06 -21.13
CA TYR A 522 -21.01 15.03 -20.85
C TYR A 522 -22.24 14.24 -20.40
N LYS A 523 -23.32 14.91 -19.99
CA LYS A 523 -24.45 14.24 -19.34
C LYS A 523 -24.11 13.71 -17.94
N CYS A 524 -22.86 13.80 -17.49
CA CYS A 524 -22.51 13.33 -16.16
C CYS A 524 -22.90 14.36 -15.11
N ASP A 525 -23.32 13.87 -13.95
CA ASP A 525 -23.81 14.69 -12.84
C ASP A 525 -23.30 14.10 -11.52
N ILE A 526 -22.26 14.70 -10.95
CA ILE A 526 -21.63 14.15 -9.76
C ILE A 526 -22.53 14.32 -8.55
N SER A 527 -23.72 14.91 -8.73
CA SER A 527 -24.65 15.06 -7.61
C SER A 527 -24.84 13.75 -6.87
N ASN A 528 -24.83 13.86 -5.54
CA ASN A 528 -25.10 12.80 -4.58
C ASN A 528 -24.02 11.75 -4.50
N SER A 529 -22.84 12.01 -5.06
CA SER A 529 -21.73 11.08 -4.92
C SER A 529 -20.80 11.65 -3.87
N ARG A 530 -21.05 11.30 -2.61
CA ARG A 530 -20.16 11.75 -1.54
C ARG A 530 -18.74 11.22 -1.73
N GLU A 531 -18.60 10.07 -2.40
CA GLU A 531 -17.26 9.58 -2.69
C GLU A 531 -16.51 10.54 -3.59
N ALA A 532 -17.20 11.09 -4.59
CA ALA A 532 -16.56 12.02 -5.53
C ALA A 532 -16.19 13.32 -4.84
N GLY A 533 -17.14 13.92 -4.13
CA GLY A 533 -16.83 15.14 -3.40
C GLY A 533 -15.68 14.94 -2.43
N GLN A 534 -15.59 13.76 -1.83
CA GLN A 534 -14.54 13.54 -0.85
C GLN A 534 -13.19 13.41 -1.54
N LYS A 535 -13.12 12.75 -2.69
CA LYS A 535 -11.85 12.75 -3.41
C LYS A 535 -11.48 14.18 -3.77
N LEU A 536 -12.47 14.97 -4.23
CA LEU A 536 -12.20 16.36 -4.55
C LEU A 536 -11.64 17.09 -3.35
N HIS A 537 -12.32 16.96 -2.21
CA HIS A 537 -11.92 17.69 -1.02
C HIS A 537 -10.51 17.29 -0.58
N GLU A 538 -10.14 16.02 -0.72
CA GLU A 538 -8.81 15.60 -0.29
C GLU A 538 -7.72 16.37 -1.02
N MET A 539 -8.00 16.85 -2.23
CA MET A 539 -7.04 17.69 -2.94
C MET A 539 -7.29 19.17 -2.70
N LEU A 540 -8.56 19.60 -2.68
CA LEU A 540 -8.87 21.00 -2.44
C LEU A 540 -8.18 21.49 -1.18
N SER A 541 -8.18 20.67 -0.15
CA SER A 541 -7.68 21.11 1.13
C SER A 541 -6.17 21.15 1.18
N LEU A 542 -5.50 20.66 0.13
CA LEU A 542 -4.04 20.73 0.11
C LEU A 542 -3.53 22.16 0.00
N GLY A 543 -4.29 23.06 -0.62
CA GLY A 543 -3.75 24.37 -0.92
C GLY A 543 -2.58 24.28 -1.89
N ARG A 544 -1.58 25.13 -1.69
CA ARG A 544 -0.29 25.02 -2.35
C ARG A 544 0.70 24.25 -1.53
N SER A 545 0.24 23.46 -0.55
CA SER A 545 1.19 22.81 0.33
C SER A 545 1.89 21.62 -0.33
N LYS A 546 1.25 20.99 -1.30
CA LYS A 546 1.90 19.94 -2.08
C LYS A 546 2.16 20.42 -3.51
N PRO A 547 3.12 19.83 -4.22
CA PRO A 547 3.32 20.23 -5.62
C PRO A 547 2.08 19.90 -6.43
N TRP A 548 1.79 20.74 -7.42
CA TRP A 548 0.51 20.56 -8.10
C TRP A 548 0.45 19.23 -8.80
N THR A 549 1.61 18.71 -9.20
CA THR A 549 1.68 17.42 -9.84
C THR A 549 1.16 16.32 -8.92
N PHE A 550 1.56 16.37 -7.65
CA PHE A 550 0.97 15.49 -6.65
C PHE A 550 -0.50 15.81 -6.44
N ALA A 551 -0.85 17.09 -6.43
CA ALA A 551 -2.25 17.46 -6.23
C ALA A 551 -3.13 16.94 -7.36
N LEU A 552 -2.68 17.05 -8.61
CA LEU A 552 -3.42 16.49 -9.73
C LEU A 552 -3.57 14.98 -9.59
N GLU A 553 -2.47 14.30 -9.23
CA GLU A 553 -2.51 12.86 -9.06
C GLU A 553 -3.53 12.46 -8.02
N ARG A 554 -3.66 13.24 -6.95
CA ARG A 554 -4.61 12.88 -5.89
C ARG A 554 -6.04 12.73 -6.40
N VAL A 555 -6.39 13.39 -7.50
CA VAL A 555 -7.74 13.32 -8.04
C VAL A 555 -7.84 12.39 -9.25
N VAL A 556 -6.88 12.42 -10.17
CA VAL A 556 -7.07 11.74 -11.45
C VAL A 556 -6.20 10.50 -11.63
N GLY A 557 -5.07 10.39 -10.93
CA GLY A 557 -4.24 9.20 -10.99
C GLY A 557 -2.93 9.36 -11.73
N ALA A 558 -2.80 10.36 -12.59
CA ALA A 558 -1.52 10.70 -13.20
C ALA A 558 -1.06 12.07 -12.73
N LYS A 559 0.25 12.31 -12.76
CA LYS A 559 0.78 13.61 -12.37
C LYS A 559 0.91 14.57 -13.54
N THR A 560 0.22 14.30 -14.64
CA THR A 560 0.48 14.97 -15.91
C THR A 560 -0.75 15.71 -16.37
N MET A 561 -0.52 16.84 -17.04
CA MET A 561 -1.55 17.42 -17.87
C MET A 561 -1.98 16.41 -18.93
N ASP A 562 -3.28 16.23 -19.11
CA ASP A 562 -3.71 15.26 -20.11
C ASP A 562 -4.97 15.72 -20.80
N VAL A 563 -4.97 15.73 -22.13
CA VAL A 563 -6.07 16.33 -22.87
C VAL A 563 -7.07 15.30 -23.35
N ARG A 564 -6.76 14.01 -23.19
CA ARG A 564 -7.70 12.98 -23.64
C ARG A 564 -9.08 13.13 -23.01
N PRO A 565 -9.22 13.39 -21.70
CA PRO A 565 -10.57 13.69 -21.18
C PRO A 565 -11.32 14.81 -21.90
N LEU A 566 -10.63 15.89 -22.28
CA LEU A 566 -11.28 16.93 -23.07
C LEU A 566 -11.79 16.35 -24.38
N LEU A 567 -10.95 15.57 -25.06
CA LEU A 567 -11.38 14.94 -26.29
C LEU A 567 -12.52 13.99 -26.03
N ASN A 568 -12.43 13.23 -24.94
CA ASN A 568 -13.50 12.33 -24.57
C ASN A 568 -14.79 13.11 -24.32
N TYR A 569 -14.70 14.26 -23.62
CA TYR A 569 -15.89 15.07 -23.40
C TYR A 569 -16.58 15.41 -24.70
N PHE A 570 -15.80 15.70 -25.75
CA PHE A 570 -16.33 16.17 -27.02
C PHE A 570 -16.52 15.07 -28.07
N GLU A 571 -16.21 13.81 -27.73
CA GLU A 571 -16.29 12.73 -28.72
C GLU A 571 -17.60 12.72 -29.49
N PRO A 572 -18.77 12.81 -28.87
CA PRO A 572 -20.02 12.91 -29.65
C PRO A 572 -20.03 13.96 -30.74
N LEU A 573 -19.67 15.20 -30.41
CA LEU A 573 -19.55 16.26 -31.42
C LEU A 573 -18.47 15.94 -32.43
N PHE A 574 -17.34 15.40 -31.96
CA PHE A 574 -16.24 15.10 -32.86
C PHE A 574 -16.70 14.21 -34.01
N THR A 575 -17.42 13.12 -33.70
CA THR A 575 -17.87 12.26 -34.79
C THR A 575 -18.96 12.94 -35.60
N TRP A 576 -19.77 13.81 -34.98
CA TRP A 576 -20.79 14.51 -35.76
C TRP A 576 -20.17 15.46 -36.76
N LEU A 577 -19.15 16.21 -36.33
CA LEU A 577 -18.49 17.14 -37.24
C LEU A 577 -17.88 16.38 -38.42
N LYS A 578 -17.21 15.27 -38.14
CA LYS A 578 -16.60 14.47 -39.19
C LYS A 578 -17.61 14.13 -40.28
N GLU A 579 -18.79 13.68 -39.88
CA GLU A 579 -19.82 13.33 -40.87
C GLU A 579 -20.38 14.58 -41.52
N GLN A 580 -20.43 15.70 -40.79
CA GLN A 580 -20.85 16.97 -41.38
C GLN A 580 -19.90 17.47 -42.43
N ASN A 581 -18.63 17.06 -42.39
CA ASN A 581 -17.58 17.56 -43.26
C ASN A 581 -17.24 16.58 -44.38
N ARG A 582 -18.10 15.59 -44.65
CA ARG A 582 -17.83 14.64 -45.72
C ARG A 582 -17.48 15.37 -47.00
N ASN A 583 -18.08 16.54 -47.22
CA ASN A 583 -17.87 17.27 -48.47
C ASN A 583 -17.36 18.68 -48.22
N SER A 584 -16.63 18.84 -47.13
CA SER A 584 -15.92 20.07 -46.84
C SER A 584 -14.42 19.80 -46.89
N PHE A 585 -13.65 20.85 -47.17
CA PHE A 585 -12.23 20.82 -46.90
C PHE A 585 -11.97 20.78 -45.40
N VAL A 586 -10.85 20.20 -44.99
CA VAL A 586 -10.48 20.19 -43.57
C VAL A 586 -9.01 20.60 -43.44
N GLY A 587 -8.75 21.58 -42.57
CA GLY A 587 -7.46 22.25 -42.54
C GLY A 587 -7.48 23.52 -43.40
N TRP A 588 -6.30 24.13 -43.56
CA TRP A 588 -6.32 25.44 -44.20
C TRP A 588 -5.02 25.73 -44.93
N ASN A 589 -5.11 26.73 -45.81
CA ASN A 589 -4.09 27.00 -46.81
C ASN A 589 -2.88 27.70 -46.23
N THR A 590 -3.09 28.84 -45.55
CA THR A 590 -2.09 29.79 -45.02
C THR A 590 -1.48 30.68 -46.08
N ASP A 591 -1.97 30.61 -47.31
CA ASP A 591 -1.55 31.51 -48.37
C ASP A 591 -2.63 32.50 -48.77
N TRP A 592 -3.89 32.16 -48.54
CA TRP A 592 -4.99 33.02 -48.94
C TRP A 592 -5.14 34.19 -47.98
N SER A 593 -5.43 35.36 -48.53
CA SER A 593 -5.62 36.61 -47.81
C SER A 593 -6.85 37.29 -48.40
N PRO A 594 -7.65 37.96 -47.58
CA PRO A 594 -8.70 38.83 -48.15
C PRO A 594 -8.15 39.93 -49.05
N TYR A 595 -6.92 40.37 -48.82
CA TYR A 595 -6.33 41.53 -49.47
C TYR A 595 -5.39 41.19 -50.64
N ALA A 596 -4.94 39.94 -50.74
CA ALA A 596 -3.88 39.50 -51.67
C ALA A 596 -4.06 40.04 -53.10
N LEU B 4 -25.61 33.40 46.88
CA LEU B 4 -24.65 34.17 47.69
C LEU B 4 -23.28 34.30 46.95
N CYS B 5 -22.99 33.40 45.92
CA CYS B 5 -21.67 33.37 45.29
C CYS B 5 -21.59 34.37 44.14
N PRO B 6 -20.45 35.08 44.01
CA PRO B 6 -20.33 36.20 43.08
C PRO B 6 -19.99 35.78 41.65
N PHE B 7 -20.68 34.74 41.15
CA PHE B 7 -20.39 34.24 39.82
C PHE B 7 -20.72 35.25 38.74
N GLY B 8 -21.63 36.17 39.01
CA GLY B 8 -21.95 37.18 38.03
C GLY B 8 -20.77 38.07 37.66
N GLU B 9 -20.01 38.54 38.66
CA GLU B 9 -18.96 39.51 38.35
C GLU B 9 -17.76 38.86 37.68
N VAL B 10 -17.76 37.54 37.52
CA VAL B 10 -16.74 36.86 36.74
C VAL B 10 -17.24 36.44 35.36
N PHE B 11 -18.50 36.03 35.24
CA PHE B 11 -19.10 35.63 33.97
C PHE B 11 -19.61 36.83 33.17
N ASN B 12 -20.38 37.70 33.82
CA ASN B 12 -21.02 38.85 33.20
C ASN B 12 -20.14 40.10 33.31
N ALA B 13 -18.86 39.92 33.62
CA ALA B 13 -17.89 41.01 33.65
C ALA B 13 -17.81 41.73 32.30
N THR B 14 -17.64 43.05 32.36
CA THR B 14 -17.70 43.85 31.14
C THR B 14 -16.46 43.66 30.27
N ARG B 15 -15.28 43.72 30.87
CA ARG B 15 -14.03 43.46 30.17
C ARG B 15 -13.39 42.21 30.78
N PHE B 16 -13.09 41.23 29.94
CA PHE B 16 -12.31 40.06 30.30
C PHE B 16 -10.82 40.38 30.13
N ALA B 17 -9.98 39.51 30.68
CA ALA B 17 -8.54 39.71 30.57
C ALA B 17 -8.01 39.05 29.33
N SER B 18 -6.80 39.45 28.94
CA SER B 18 -6.05 38.75 27.90
C SER B 18 -5.52 37.42 28.42
N VAL B 19 -5.63 36.39 27.58
CA VAL B 19 -5.34 35.01 28.02
C VAL B 19 -3.96 34.90 28.63
N TYR B 20 -2.99 35.66 28.12
CA TYR B 20 -1.66 35.61 28.70
C TYR B 20 -1.65 36.10 30.14
N ALA B 21 -2.51 37.07 30.46
CA ALA B 21 -2.61 37.64 31.80
C ALA B 21 -3.94 37.24 32.46
N TRP B 22 -4.29 35.97 32.32
CA TRP B 22 -5.59 35.43 32.70
C TRP B 22 -5.95 35.72 34.14
N ASN B 23 -7.23 35.96 34.38
CA ASN B 23 -7.73 36.38 35.69
C ASN B 23 -8.10 35.19 36.58
N ARG B 24 -7.80 35.30 37.88
CA ARG B 24 -8.26 34.29 38.81
C ARG B 24 -9.04 34.92 39.96
N LYS B 25 -10.23 34.37 40.21
CA LYS B 25 -11.10 34.80 41.29
C LYS B 25 -11.32 33.62 42.22
N ARG B 26 -10.95 33.80 43.50
CA ARG B 26 -11.21 32.80 44.52
C ARG B 26 -12.65 32.93 44.99
N ILE B 27 -13.40 31.82 44.98
CA ILE B 27 -14.76 31.80 45.49
C ILE B 27 -14.73 31.03 46.80
N SER B 28 -15.21 31.68 47.87
CA SER B 28 -15.05 31.19 49.24
C SER B 28 -16.28 31.59 50.05
N ASN B 29 -16.85 30.61 50.77
CA ASN B 29 -17.90 30.84 51.78
C ASN B 29 -19.17 31.44 51.18
N CYS B 30 -19.80 30.68 50.29
CA CYS B 30 -21.09 31.08 49.73
C CYS B 30 -21.80 29.87 49.13
N VAL B 31 -22.95 30.14 48.51
CA VAL B 31 -23.76 29.14 47.83
C VAL B 31 -23.81 29.51 46.35
N ALA B 32 -23.59 28.53 45.48
CA ALA B 32 -23.48 28.73 44.04
C ALA B 32 -24.66 28.08 43.31
N ASP B 33 -25.38 28.86 42.52
CA ASP B 33 -26.48 28.30 41.72
C ASP B 33 -26.22 28.14 40.22
N TYR B 34 -25.40 27.19 39.82
CA TYR B 34 -25.21 26.90 38.39
C TYR B 34 -26.52 26.55 37.62
N SER B 44 -21.31 27.90 22.01
CA SER B 44 -21.19 27.65 23.45
C SER B 44 -20.87 26.21 23.87
N THR B 45 -19.85 26.04 24.71
CA THR B 45 -19.47 24.73 25.23
C THR B 45 -19.40 24.79 26.76
N PHE B 46 -19.42 23.59 27.37
CA PHE B 46 -19.37 23.42 28.81
C PHE B 46 -18.84 22.00 29.01
N LYS B 47 -17.57 21.89 29.36
CA LYS B 47 -16.86 20.60 29.36
C LYS B 47 -16.24 20.35 30.73
N CYS B 48 -16.63 19.25 31.37
CA CYS B 48 -16.15 18.94 32.71
C CYS B 48 -15.28 17.69 32.69
N TYR B 49 -14.25 17.69 33.52
CA TYR B 49 -13.25 16.63 33.53
C TYR B 49 -13.21 15.88 34.86
N GLY B 50 -13.09 16.56 35.98
CA GLY B 50 -13.12 15.66 37.11
C GLY B 50 -14.46 15.30 37.74
N VAL B 51 -15.60 15.83 37.27
CA VAL B 51 -16.81 15.83 38.08
C VAL B 51 -18.02 15.97 37.17
N SER B 52 -19.17 15.49 37.67
CA SER B 52 -20.40 15.58 36.91
C SER B 52 -21.06 16.93 37.15
N PRO B 53 -21.25 17.75 36.12
CA PRO B 53 -21.94 19.04 36.31
C PRO B 53 -23.36 18.89 36.79
N THR B 54 -24.03 17.79 36.41
CA THR B 54 -25.42 17.60 36.80
C THR B 54 -25.55 17.47 38.30
N LYS B 55 -24.50 17.00 38.97
CA LYS B 55 -24.45 16.84 40.42
C LYS B 55 -23.79 18.02 41.13
N LEU B 56 -23.59 19.16 40.45
CA LEU B 56 -22.81 20.23 41.05
C LEU B 56 -23.56 20.89 42.19
N ASN B 57 -24.85 21.12 42.01
CA ASN B 57 -25.63 21.78 43.06
C ASN B 57 -25.70 20.95 44.32
N ASP B 58 -25.32 19.67 44.27
CA ASP B 58 -25.35 18.83 45.45
C ASP B 58 -24.02 18.80 46.21
N LEU B 59 -22.92 19.18 45.59
CA LEU B 59 -21.61 18.96 46.19
C LEU B 59 -21.16 20.14 47.06
N CYS B 60 -19.98 20.00 47.67
CA CYS B 60 -19.42 20.98 48.60
C CYS B 60 -17.91 21.04 48.41
N PHE B 61 -17.33 22.25 48.32
CA PHE B 61 -15.89 22.41 48.15
C PHE B 61 -15.33 23.49 49.06
N THR B 62 -14.05 23.32 49.42
CA THR B 62 -13.38 24.29 50.28
C THR B 62 -13.20 25.62 49.56
N ASN B 63 -12.64 25.59 48.35
CA ASN B 63 -12.54 26.76 47.49
C ASN B 63 -12.93 26.36 46.07
N VAL B 64 -13.38 27.35 45.31
CA VAL B 64 -13.61 27.21 43.88
C VAL B 64 -12.89 28.36 43.19
N TYR B 65 -11.95 28.05 42.29
CA TYR B 65 -11.23 29.08 41.54
C TYR B 65 -11.88 29.26 40.18
N ALA B 66 -12.13 30.51 39.78
CA ALA B 66 -12.75 30.85 38.50
C ALA B 66 -11.74 31.62 37.64
N ASP B 67 -11.17 30.93 36.65
CA ASP B 67 -10.21 31.54 35.74
C ASP B 67 -10.92 32.00 34.47
N SER B 68 -10.57 33.19 33.99
CA SER B 68 -11.27 33.79 32.86
C SER B 68 -10.30 34.53 31.96
N PHE B 69 -10.54 34.46 30.64
CA PHE B 69 -9.79 35.18 29.62
C PHE B 69 -10.61 35.14 28.33
N VAL B 70 -10.06 35.71 27.25
CA VAL B 70 -10.63 35.47 25.92
C VAL B 70 -9.55 34.89 25.01
N ILE B 71 -10.02 34.31 23.91
CA ILE B 71 -9.34 33.25 23.18
C ILE B 71 -10.04 33.20 21.82
N ARG B 72 -9.40 32.59 20.82
CA ARG B 72 -10.12 32.35 19.57
C ARG B 72 -10.92 31.04 19.57
N GLY B 73 -12.00 31.01 18.79
CA GLY B 73 -12.73 29.76 18.61
C GLY B 73 -11.83 28.58 18.28
N ASP B 74 -10.88 28.78 17.34
CA ASP B 74 -9.73 27.90 17.11
C ASP B 74 -9.16 27.31 18.38
N GLU B 75 -9.04 28.13 19.40
CA GLU B 75 -8.20 27.81 20.53
C GLU B 75 -8.98 27.29 21.71
N VAL B 76 -10.32 27.31 21.67
CA VAL B 76 -11.08 26.76 22.79
C VAL B 76 -10.76 25.29 22.99
N ARG B 77 -10.36 24.59 21.92
CA ARG B 77 -9.90 23.22 22.02
C ARG B 77 -8.72 23.07 22.98
N GLN B 78 -7.93 24.13 23.22
CA GLN B 78 -6.70 23.97 23.98
C GLN B 78 -6.86 24.12 25.49
N ILE B 79 -8.00 24.61 25.97
CA ILE B 79 -8.20 24.72 27.42
C ILE B 79 -8.80 23.40 27.88
N ALA B 80 -7.91 22.41 28.00
CA ALA B 80 -8.24 21.03 28.34
C ALA B 80 -6.96 20.34 28.78
N PRO B 81 -7.04 19.30 29.61
CA PRO B 81 -5.82 18.60 29.99
C PRO B 81 -5.16 18.02 28.76
N GLY B 82 -3.84 17.95 28.81
CA GLY B 82 -3.09 17.28 27.78
C GLY B 82 -3.28 17.83 26.38
N GLN B 83 -3.11 19.13 26.21
CA GLN B 83 -3.29 19.80 24.95
C GLN B 83 -2.02 20.54 24.59
N THR B 84 -1.77 20.73 23.30
CA THR B 84 -0.63 21.57 22.92
C THR B 84 -1.07 22.63 21.93
N GLY B 85 -0.45 23.79 22.05
CA GLY B 85 -0.74 24.93 21.21
C GLY B 85 -0.08 26.16 21.79
N LYS B 86 -0.13 27.23 21.02
CA LYS B 86 0.39 28.49 21.53
C LYS B 86 -0.30 28.83 22.84
N ILE B 87 -1.61 28.54 22.92
CA ILE B 87 -2.36 28.90 24.12
C ILE B 87 -2.04 27.97 25.27
N ALA B 88 -1.98 26.66 25.03
CA ALA B 88 -1.67 25.76 26.13
C ALA B 88 -0.18 25.75 26.47
N ASP B 89 0.68 25.88 25.45
CA ASP B 89 2.11 25.87 25.72
C ASP B 89 2.55 27.17 26.38
N TYR B 90 1.96 28.30 25.96
CA TYR B 90 2.51 29.61 26.32
C TYR B 90 1.55 30.53 27.07
N ASN B 91 0.28 30.18 27.26
CA ASN B 91 -0.56 31.11 28.00
C ASN B 91 -1.29 30.55 29.22
N TYR B 92 -1.97 29.41 29.10
CA TYR B 92 -2.77 28.84 30.19
C TYR B 92 -2.80 27.33 30.04
N LYS B 93 -2.10 26.61 30.94
CA LYS B 93 -1.97 25.16 30.87
C LYS B 93 -2.86 24.51 31.92
N LEU B 94 -3.54 23.45 31.53
CA LEU B 94 -4.20 22.76 32.61
C LEU B 94 -3.50 21.42 32.87
N PRO B 95 -3.39 21.02 34.14
CA PRO B 95 -2.63 19.81 34.45
C PRO B 95 -3.36 18.56 33.98
N ASP B 96 -2.57 17.50 33.70
CA ASP B 96 -3.13 16.27 33.11
C ASP B 96 -4.26 15.71 33.96
N ASP B 97 -4.20 15.92 35.27
CA ASP B 97 -5.20 15.49 36.24
C ASP B 97 -6.15 16.61 36.61
N PHE B 98 -6.53 17.44 35.64
CA PHE B 98 -7.41 18.57 35.93
C PHE B 98 -8.77 18.06 36.37
N THR B 99 -9.32 18.73 37.38
CA THR B 99 -10.60 18.36 37.97
C THR B 99 -11.46 19.62 38.00
N GLY B 100 -12.23 19.82 36.95
CA GLY B 100 -13.02 21.03 36.85
C GLY B 100 -13.68 21.17 35.50
N CYS B 101 -14.21 22.34 35.24
CA CYS B 101 -15.02 22.57 34.05
C CYS B 101 -14.48 23.77 33.28
N VAL B 102 -14.59 23.68 31.97
CA VAL B 102 -14.17 24.75 31.08
C VAL B 102 -15.44 25.20 30.37
N ILE B 103 -15.92 26.40 30.69
CA ILE B 103 -17.11 26.97 30.07
C ILE B 103 -16.69 28.01 29.06
N ALA B 104 -17.20 27.90 27.83
CA ALA B 104 -16.79 28.82 26.78
C ALA B 104 -18.00 29.25 26.00
N TRP B 105 -17.96 30.48 25.51
CA TRP B 105 -19.05 31.02 24.70
C TRP B 105 -18.53 32.07 23.74
N ASN B 106 -19.28 32.28 22.66
CA ASN B 106 -18.88 33.20 21.61
C ASN B 106 -19.27 34.62 21.97
N SER B 107 -18.31 35.54 21.92
CA SER B 107 -18.52 36.93 22.35
C SER B 107 -18.30 37.92 21.22
N ASN B 108 -18.69 37.55 20.00
CA ASN B 108 -18.45 38.43 18.86
C ASN B 108 -19.17 39.75 19.03
N ASN B 109 -20.43 39.70 19.49
CA ASN B 109 -21.20 40.91 19.71
C ASN B 109 -20.55 41.83 20.73
N LEU B 110 -19.69 41.31 21.61
CA LEU B 110 -19.15 42.06 22.73
C LEU B 110 -17.71 42.49 22.54
N ASP B 111 -16.86 41.61 22.03
CA ASP B 111 -15.42 41.82 22.05
C ASP B 111 -14.84 42.08 20.68
N SER B 112 -15.66 42.24 19.65
CA SER B 112 -15.10 42.65 18.37
C SER B 112 -15.79 43.93 17.91
N LYS B 113 -15.19 44.58 16.93
CA LYS B 113 -15.66 45.89 16.50
C LYS B 113 -15.16 46.17 15.07
N VAL B 114 -15.76 47.18 14.45
CA VAL B 114 -15.72 47.29 13.00
C VAL B 114 -14.32 47.64 12.51
N GLY B 115 -13.60 48.50 13.25
CA GLY B 115 -12.22 48.75 12.87
C GLY B 115 -11.26 47.62 13.19
N GLY B 116 -11.71 46.64 13.96
CA GLY B 116 -10.78 45.77 14.61
C GLY B 116 -10.63 46.19 16.04
N ASN B 117 -10.72 45.22 16.93
CA ASN B 117 -10.37 45.38 18.33
C ASN B 117 -9.10 44.58 18.60
N TYR B 118 -8.08 45.25 19.13
CA TYR B 118 -6.77 44.66 19.28
C TYR B 118 -6.30 44.70 20.73
N ASN B 119 -7.22 44.78 21.69
CA ASN B 119 -6.82 44.88 23.08
C ASN B 119 -6.65 43.52 23.73
N TYR B 120 -6.90 42.45 23.00
CA TYR B 120 -6.70 41.11 23.50
C TYR B 120 -5.42 40.53 22.93
N LEU B 121 -4.53 40.09 23.80
CA LEU B 121 -3.22 39.59 23.43
C LEU B 121 -3.03 38.16 23.93
N PHE B 122 -2.16 37.43 23.24
CA PHE B 122 -1.68 36.16 23.73
C PHE B 122 -0.19 36.10 23.51
N ARG B 123 0.50 35.33 24.34
CA ARG B 123 1.95 35.19 24.19
C ARG B 123 2.22 34.25 23.04
N LEU B 124 3.08 34.67 22.12
CA LEU B 124 3.36 33.93 20.90
C LEU B 124 4.66 33.17 20.99
N PHE B 125 5.64 33.66 21.76
CA PHE B 125 6.94 33.02 21.92
C PHE B 125 7.36 32.96 23.38
N ARG B 126 8.01 31.85 23.73
CA ARG B 126 8.52 31.60 25.07
C ARG B 126 9.56 30.49 24.96
N LYS B 127 10.60 30.57 25.80
CA LYS B 127 11.71 29.63 25.73
C LYS B 127 11.40 28.24 26.28
N SER B 128 10.27 28.08 26.98
CA SER B 128 9.85 26.78 27.50
C SER B 128 8.36 26.87 27.77
N ASN B 129 7.73 25.71 27.95
CA ASN B 129 6.29 25.68 28.19
C ASN B 129 5.96 25.93 29.64
N LEU B 130 4.81 26.56 29.86
CA LEU B 130 4.33 26.84 31.20
C LEU B 130 4.05 25.55 31.95
N LYS B 131 4.32 25.55 33.26
CA LYS B 131 3.79 24.52 34.14
C LYS B 131 2.29 24.73 34.27
N PRO B 132 1.55 23.72 34.71
CA PRO B 132 0.10 23.91 34.88
C PRO B 132 -0.20 25.05 35.86
N PHE B 133 -1.19 25.87 35.49
CA PHE B 133 -1.67 27.00 36.26
C PHE B 133 -0.59 28.05 36.49
N GLU B 134 0.54 27.97 35.80
CA GLU B 134 1.50 29.06 35.80
C GLU B 134 0.95 30.24 34.99
N ARG B 135 1.34 31.45 35.39
CA ARG B 135 1.06 32.66 34.62
C ARG B 135 2.35 33.44 34.39
N ASP B 136 2.46 34.00 33.19
CA ASP B 136 3.65 34.71 32.76
C ASP B 136 3.17 35.99 32.11
N ILE B 137 3.55 37.13 32.67
CA ILE B 137 3.13 38.42 32.12
C ILE B 137 4.33 39.28 31.74
N SER B 138 5.51 38.66 31.63
CA SER B 138 6.71 39.36 31.23
C SER B 138 6.62 39.72 29.76
N THR B 139 7.28 40.80 29.39
CA THR B 139 7.25 41.30 28.02
C THR B 139 8.67 41.49 27.48
N GLU B 140 9.52 40.52 27.76
CA GLU B 140 10.92 40.59 27.41
C GLU B 140 11.08 40.22 25.95
N ILE B 141 11.88 40.99 25.20
CA ILE B 141 12.05 40.67 23.78
C ILE B 141 12.60 39.26 23.64
N TYR B 142 11.99 38.48 22.74
CA TYR B 142 12.28 37.05 22.60
C TYR B 142 13.41 36.84 21.62
N GLN B 143 14.55 36.33 22.10
CA GLN B 143 15.74 36.16 21.28
C GLN B 143 15.70 34.75 20.69
N ALA B 144 15.31 34.68 19.42
CA ALA B 144 15.20 33.42 18.72
C ALA B 144 16.54 32.93 18.20
N GLY B 145 17.56 33.77 18.19
CA GLY B 145 18.79 33.44 17.50
C GLY B 145 19.98 33.58 18.42
N SER B 146 21.19 33.48 17.87
CA SER B 146 22.40 33.51 18.70
C SER B 146 22.73 34.92 19.13
N THR B 147 22.50 35.87 18.25
CA THR B 147 22.89 37.25 18.50
C THR B 147 21.83 37.96 19.33
N PRO B 148 22.21 38.64 20.42
CA PRO B 148 21.20 39.15 21.35
C PRO B 148 20.51 40.40 20.83
N CYS B 149 19.21 40.48 21.12
CA CYS B 149 18.50 41.74 20.99
C CYS B 149 19.03 42.71 22.02
N ASN B 150 18.75 43.97 21.80
CA ASN B 150 19.09 44.89 22.87
C ASN B 150 17.86 45.71 23.18
N GLY B 151 16.77 44.98 23.43
CA GLY B 151 15.49 45.61 23.53
C GLY B 151 14.89 45.96 22.18
N VAL B 152 15.55 45.59 21.10
CA VAL B 152 15.19 46.08 19.77
C VAL B 152 14.56 44.95 18.97
N GLU B 153 13.33 45.17 18.54
CA GLU B 153 12.58 44.22 17.74
C GLU B 153 13.18 44.09 16.34
N GLY B 154 13.10 42.89 15.79
CA GLY B 154 13.69 42.58 14.52
C GLY B 154 15.06 41.94 14.65
N PHE B 155 15.51 41.37 13.52
CA PHE B 155 16.74 40.57 13.46
C PHE B 155 16.65 39.38 14.40
N ASN B 156 15.69 38.49 14.12
CA ASN B 156 15.50 37.26 14.88
C ASN B 156 15.21 37.55 16.34
N CYS B 157 14.49 38.64 16.57
CA CYS B 157 14.09 39.11 17.88
C CYS B 157 12.66 39.64 17.76
N TYR B 158 11.80 39.27 18.71
CA TYR B 158 10.36 39.42 18.52
C TYR B 158 9.73 39.93 19.80
N PHE B 159 8.72 40.77 19.67
CA PHE B 159 7.96 41.10 20.87
C PHE B 159 7.15 39.86 21.23
N PRO B 160 7.28 39.35 22.46
CA PRO B 160 6.66 38.05 22.80
C PRO B 160 5.14 38.01 22.69
N LEU B 161 4.45 39.12 22.96
CA LEU B 161 3.00 39.15 22.86
C LEU B 161 2.54 39.45 21.43
N GLN B 162 1.35 38.95 21.09
CA GLN B 162 0.76 39.18 19.77
C GLN B 162 -0.72 39.53 19.93
N SER B 163 -1.16 40.48 19.15
CA SER B 163 -2.51 41.00 19.24
C SER B 163 -3.48 40.12 18.46
N TYR B 164 -4.76 40.15 18.85
CA TYR B 164 -5.70 39.28 18.16
C TYR B 164 -6.35 39.94 16.96
N GLY B 165 -6.97 41.11 17.10
CA GLY B 165 -7.68 41.54 15.90
C GLY B 165 -8.99 40.79 15.63
N PHE B 166 -10.02 41.12 16.42
CA PHE B 166 -11.36 40.62 16.25
C PHE B 166 -12.19 41.67 15.51
N GLN B 167 -12.65 41.34 14.31
CA GLN B 167 -13.70 42.09 13.61
C GLN B 167 -14.97 41.24 13.54
N PRO B 168 -16.15 41.88 13.44
CA PRO B 168 -17.40 41.10 13.45
C PRO B 168 -17.56 40.19 12.24
N THR B 169 -16.85 40.47 11.14
CA THR B 169 -17.00 39.69 9.93
C THR B 169 -16.11 38.44 9.88
N ASN B 170 -15.15 38.28 10.81
CA ASN B 170 -14.31 37.09 10.79
C ASN B 170 -15.15 35.82 10.81
N GLY B 171 -14.60 34.74 10.27
CA GLY B 171 -15.22 33.45 10.45
C GLY B 171 -15.21 33.02 11.90
N VAL B 172 -16.00 31.99 12.20
CA VAL B 172 -16.23 31.64 13.59
C VAL B 172 -14.92 31.30 14.30
N GLY B 173 -14.03 30.57 13.65
CA GLY B 173 -12.83 30.17 14.37
C GLY B 173 -11.90 31.32 14.70
N TYR B 174 -12.05 32.45 14.01
CA TYR B 174 -11.26 33.64 14.28
C TYR B 174 -11.97 34.61 15.22
N GLN B 175 -13.19 34.28 15.66
CA GLN B 175 -13.97 35.17 16.50
C GLN B 175 -13.56 35.04 17.97
N PRO B 176 -13.87 36.05 18.79
CA PRO B 176 -13.55 35.98 20.22
C PRO B 176 -14.48 35.06 21.01
N TYR B 177 -13.89 34.32 21.95
CA TYR B 177 -14.63 33.47 22.85
C TYR B 177 -14.20 33.77 24.28
N ARG B 178 -15.18 33.92 25.17
CA ARG B 178 -14.90 34.10 26.58
C ARG B 178 -14.92 32.75 27.30
N VAL B 179 -13.91 32.52 28.13
CA VAL B 179 -13.66 31.21 28.74
C VAL B 179 -13.70 31.39 30.25
N VAL B 180 -14.35 30.47 30.94
CA VAL B 180 -14.25 30.41 32.38
C VAL B 180 -13.90 28.98 32.78
N VAL B 181 -12.84 28.84 33.55
CA VAL B 181 -12.29 27.55 33.97
C VAL B 181 -12.48 27.45 35.47
N LEU B 182 -13.45 26.64 35.90
CA LEU B 182 -13.74 26.44 37.32
C LEU B 182 -12.95 25.24 37.82
N SER B 183 -12.04 25.48 38.77
CA SER B 183 -11.36 24.41 39.51
C SER B 183 -12.10 24.19 40.81
N PHE B 184 -12.22 22.92 41.22
CA PHE B 184 -12.89 22.56 42.46
C PHE B 184 -11.89 21.95 43.43
N GLU B 185 -11.85 22.50 44.66
CA GLU B 185 -10.82 22.18 45.65
C GLU B 185 -11.44 21.48 46.85
N LEU B 186 -10.89 20.32 47.19
CA LEU B 186 -11.28 19.56 48.37
C LEU B 186 -10.04 19.38 49.23
N LEU B 187 -9.94 20.22 50.25
CA LEU B 187 -8.99 20.05 51.34
C LEU B 187 -9.71 19.51 52.57
N HIS B 188 -8.95 19.17 53.60
CA HIS B 188 -9.57 18.79 54.86
C HIS B 188 -10.10 19.99 55.63
N ALA B 189 -9.92 21.20 55.09
CA ALA B 189 -10.59 22.37 55.62
C ALA B 189 -12.10 22.22 55.45
N PRO B 190 -12.89 22.95 56.23
CA PRO B 190 -14.35 22.91 56.05
C PRO B 190 -14.76 23.42 54.68
N ALA B 191 -15.52 22.60 53.97
CA ALA B 191 -16.11 23.03 52.70
C ALA B 191 -17.05 24.21 52.93
N THR B 192 -17.03 25.18 52.00
CA THR B 192 -17.80 26.41 52.14
C THR B 192 -18.54 26.83 50.87
N VAL B 193 -18.62 25.98 49.83
CA VAL B 193 -19.33 26.29 48.59
C VAL B 193 -20.23 25.11 48.20
N CYS B 194 -21.53 25.37 48.03
CA CYS B 194 -22.56 24.34 47.87
C CYS B 194 -23.78 24.92 47.14
N GLY B 195 -24.84 24.10 46.98
CA GLY B 195 -26.09 24.55 46.38
C GLY B 195 -27.29 24.32 47.30
N PRO B 196 -28.30 23.53 46.85
CA PRO B 196 -29.17 22.77 47.79
C PRO B 196 -28.54 21.48 48.33
N HIS B 197 -27.79 21.59 49.45
CA HIS B 197 -27.08 20.52 50.20
C HIS B 197 -25.64 20.31 49.70
N SER C 1 -5.30 4.21 -5.24
CA SER C 1 -4.84 4.10 -6.62
C SER C 1 -3.31 4.21 -6.68
N THR C 2 -2.70 5.20 -5.98
CA THR C 2 -1.23 5.37 -6.08
C THR C 2 -0.49 4.42 -5.14
N THR C 3 0.70 4.00 -5.58
CA THR C 3 1.41 3.01 -4.79
C THR C 3 1.74 3.54 -3.40
N GLU C 4 1.81 4.86 -3.19
CA GLU C 4 1.91 5.37 -1.81
C GLU C 4 0.60 5.23 -1.05
N ASP C 5 -0.54 5.39 -1.74
CA ASP C 5 -1.82 5.12 -1.09
C ASP C 5 -1.89 3.68 -0.62
N LEU C 6 -1.52 2.73 -1.48
CA LEU C 6 -1.52 1.33 -1.10
C LEU C 6 -0.59 1.09 0.09
N ALA C 7 0.60 1.68 0.05
CA ALA C 7 1.56 1.51 1.13
C ALA C 7 1.06 2.13 2.44
N LYS C 8 0.45 3.31 2.36
CA LYS C 8 -0.10 3.91 3.58
C LYS C 8 -1.11 2.98 4.24
N THR C 9 -1.97 2.32 3.44
CA THR C 9 -3.00 1.43 3.96
C THR C 9 -2.40 0.16 4.56
N PHE C 10 -1.50 -0.48 3.81
CA PHE C 10 -0.80 -1.66 4.33
C PHE C 10 -0.24 -1.38 5.72
N LEU C 11 0.46 -0.26 5.86
CA LEU C 11 1.05 0.08 7.14
C LEU C 11 -0.01 0.28 8.23
N GLU C 12 -1.16 0.87 7.90
CA GLU C 12 -2.19 1.05 8.92
C GLU C 12 -2.61 -0.28 9.55
N LYS C 13 -2.84 -1.29 8.71
CA LYS C 13 -3.15 -2.63 9.19
C LYS C 13 -1.95 -3.27 9.88
N PHE C 14 -0.76 -3.17 9.26
CA PHE C 14 0.44 -3.69 9.91
C PHE C 14 0.61 -3.11 11.31
N ASN C 15 0.54 -1.77 11.43
CA ASN C 15 0.73 -1.17 12.74
C ASN C 15 -0.25 -1.74 13.77
N TYR C 16 -1.51 -2.02 13.39
CA TYR C 16 -2.45 -2.54 14.40
C TYR C 16 -2.12 -3.97 14.78
N GLU C 17 -1.93 -4.86 13.81
CA GLU C 17 -1.55 -6.23 14.15
C GLU C 17 -0.22 -6.26 14.89
N ALA C 18 0.76 -5.51 14.39
CA ALA C 18 2.08 -5.50 15.01
C ALA C 18 2.00 -5.06 16.46
N GLU C 19 1.29 -3.96 16.71
CA GLU C 19 1.17 -3.43 18.06
C GLU C 19 0.72 -4.50 19.03
N GLU C 20 -0.15 -5.41 18.55
CA GLU C 20 -0.72 -6.45 19.39
C GLU C 20 0.20 -7.65 19.47
N LEU C 21 0.64 -8.18 18.34
CA LEU C 21 1.50 -9.35 18.43
C LEU C 21 2.80 -9.03 19.15
N SER C 22 3.29 -7.80 19.01
CA SER C 22 4.52 -7.41 19.70
C SER C 22 4.28 -7.17 21.19
N TYR C 23 3.13 -6.61 21.56
CA TYR C 23 2.80 -6.48 22.97
C TYR C 23 2.66 -7.85 23.61
N GLN C 24 2.11 -8.81 22.87
CA GLN C 24 1.99 -10.16 23.41
C GLN C 24 3.36 -10.77 23.65
N ASN C 25 4.31 -10.49 22.76
CA ASN C 25 5.66 -11.00 22.93
C ASN C 25 6.35 -10.33 24.12
N SER C 26 6.23 -9.01 24.24
CA SER C 26 6.82 -8.31 25.37
C SER C 26 6.20 -8.77 26.68
N LEU C 27 4.88 -8.94 26.68
CA LEU C 27 4.17 -9.32 27.89
C LEU C 27 4.58 -10.71 28.35
N ALA C 28 4.57 -11.67 27.42
CA ALA C 28 4.92 -13.05 27.73
C ALA C 28 6.35 -13.15 28.19
N SER C 29 7.22 -12.32 27.60
CA SER C 29 8.63 -12.31 27.97
C SER C 29 8.85 -11.67 29.34
N TRP C 30 8.19 -10.55 29.61
CA TRP C 30 8.28 -9.96 30.94
C TRP C 30 7.87 -10.94 32.02
N ASN C 31 6.84 -11.75 31.75
CA ASN C 31 6.39 -12.73 32.74
C ASN C 31 7.48 -13.77 32.99
N TYR C 32 8.18 -14.20 31.94
CA TYR C 32 9.28 -15.13 32.16
C TYR C 32 10.36 -14.51 33.02
N ASN C 33 10.74 -13.25 32.73
CA ASN C 33 11.83 -12.63 33.47
C ASN C 33 11.47 -12.31 34.90
N THR C 34 10.18 -12.36 35.26
CA THR C 34 9.76 -11.98 36.60
C THR C 34 9.14 -13.12 37.42
N ASN C 35 8.80 -14.27 36.81
CA ASN C 35 8.83 -15.57 37.49
C ASN C 35 9.28 -16.58 36.45
N ILE C 36 10.47 -17.14 36.66
CA ILE C 36 10.98 -18.21 35.82
C ILE C 36 10.17 -19.48 36.11
N THR C 37 9.67 -20.12 35.05
CA THR C 37 8.54 -21.03 35.12
C THR C 37 8.49 -21.86 33.84
N ASP C 38 8.19 -23.15 33.96
CA ASP C 38 8.07 -23.95 32.75
C ASP C 38 6.95 -23.42 31.84
N GLU C 39 5.82 -23.08 32.43
CA GLU C 39 4.70 -22.56 31.64
C GLU C 39 5.04 -21.23 31.01
N ASN C 40 5.81 -20.39 31.71
CA ASN C 40 6.15 -19.06 31.22
C ASN C 40 7.22 -19.09 30.13
N ILE C 41 8.15 -20.04 30.19
CA ILE C 41 8.98 -20.34 29.02
C ILE C 41 8.08 -20.73 27.86
N GLN C 42 7.12 -21.61 28.13
CA GLN C 42 6.26 -22.11 27.08
C GLN C 42 5.46 -20.99 26.45
N LYS C 43 4.79 -20.18 27.28
CA LYS C 43 4.04 -19.05 26.74
C LYS C 43 4.95 -18.06 26.03
N MET C 44 6.19 -17.92 26.50
CA MET C 44 7.12 -16.98 25.89
C MET C 44 7.55 -17.43 24.52
N ASN C 45 7.93 -18.69 24.39
CA ASN C 45 8.36 -19.18 23.10
C ASN C 45 7.26 -19.05 22.05
N ILE C 46 6.01 -19.41 22.39
CA ILE C 46 4.94 -19.34 21.40
C ILE C 46 4.75 -17.91 20.95
N ALA C 47 4.69 -16.95 21.89
CA ALA C 47 4.42 -15.56 21.52
C ALA C 47 5.51 -15.02 20.63
N GLY C 48 6.76 -15.13 21.09
CA GLY C 48 7.88 -14.64 20.30
C GLY C 48 7.98 -15.31 18.95
N ALA C 49 7.75 -16.62 18.90
CA ALA C 49 7.77 -17.32 17.63
C ALA C 49 6.72 -16.77 16.68
N LYS C 50 5.53 -16.49 17.22
CA LYS C 50 4.43 -15.96 16.39
C LYS C 50 4.77 -14.56 15.92
N TRP C 51 5.31 -13.73 16.80
CA TRP C 51 5.64 -12.37 16.41
C TRP C 51 6.68 -12.38 15.29
N SER C 52 7.74 -13.15 15.46
CA SER C 52 8.79 -13.13 14.46
C SER C 52 8.33 -13.80 13.18
N ALA C 53 7.36 -14.71 13.28
CA ALA C 53 6.78 -15.29 12.07
C ALA C 53 5.92 -14.27 11.33
N PHE C 54 5.15 -13.48 12.08
CA PHE C 54 4.36 -12.41 11.50
C PHE C 54 5.25 -11.35 10.86
N TYR C 55 6.28 -10.90 11.58
CA TYR C 55 7.15 -9.86 11.07
C TYR C 55 7.82 -10.31 9.77
N GLU C 56 8.20 -11.58 9.68
CA GLU C 56 8.89 -12.06 8.49
C GLU C 56 7.95 -12.10 7.30
N GLU C 57 6.75 -12.66 7.50
CA GLU C 57 5.71 -12.66 6.48
C GLU C 57 5.42 -11.24 6.00
N GLU C 58 5.29 -10.31 6.94
CA GLU C 58 4.78 -8.99 6.61
C GLU C 58 5.85 -8.11 6.00
N SER C 59 7.11 -8.30 6.37
CA SER C 59 8.18 -7.60 5.68
C SER C 59 8.27 -8.05 4.23
N GLN C 60 8.01 -9.33 3.96
CA GLN C 60 7.96 -9.78 2.57
C GLN C 60 6.91 -9.02 1.80
N HIS C 61 5.74 -8.80 2.41
CA HIS C 61 4.70 -8.04 1.76
C HIS C 61 5.10 -6.59 1.60
N ALA C 62 5.92 -6.07 2.50
CA ALA C 62 6.37 -4.70 2.35
C ALA C 62 7.28 -4.51 1.13
N LYS C 63 7.90 -5.57 0.61
CA LYS C 63 8.74 -5.37 -0.56
C LYS C 63 7.92 -5.08 -1.82
N THR C 64 6.59 -5.22 -1.77
CA THR C 64 5.79 -4.98 -2.97
C THR C 64 5.45 -3.51 -3.20
N TYR C 65 5.87 -2.59 -2.31
CA TYR C 65 5.71 -1.15 -2.46
C TYR C 65 7.08 -0.57 -2.73
N PRO C 66 7.52 -0.49 -3.98
CA PRO C 66 8.87 -0.01 -4.28
C PRO C 66 9.14 1.36 -3.70
N LEU C 67 10.24 1.48 -2.97
CA LEU C 67 10.54 2.75 -2.29
C LEU C 67 10.54 3.94 -3.24
N GLU C 68 10.97 3.75 -4.50
CA GLU C 68 11.07 4.87 -5.43
C GLU C 68 9.74 5.49 -5.77
N GLU C 69 8.64 4.77 -5.56
CA GLU C 69 7.33 5.28 -5.91
C GLU C 69 6.63 5.93 -4.73
N ILE C 70 7.39 6.26 -3.69
CA ILE C 70 6.87 6.83 -2.44
C ILE C 70 7.51 8.20 -2.24
N GLN C 71 6.70 9.23 -2.00
CA GLN C 71 7.24 10.56 -1.71
C GLN C 71 7.30 10.85 -0.23
N ASP C 72 6.25 10.55 0.52
CA ASP C 72 6.23 10.81 1.96
C ASP C 72 7.40 10.15 2.68
N PRO C 73 8.30 10.95 3.24
CA PRO C 73 9.46 10.38 3.96
C PRO C 73 9.09 9.52 5.17
N ILE C 74 7.98 9.80 5.85
CA ILE C 74 7.60 8.98 7.00
C ILE C 74 7.18 7.56 6.57
N ILE C 75 6.46 7.44 5.45
CA ILE C 75 6.17 6.11 4.91
C ILE C 75 7.44 5.44 4.37
N LYS C 76 8.34 6.21 3.74
CA LYS C 76 9.58 5.61 3.23
C LYS C 76 10.42 5.02 4.37
N ARG C 77 10.57 5.74 5.49
CA ARG C 77 11.39 5.19 6.58
C ARG C 77 10.74 3.94 7.17
N GLN C 78 9.42 3.92 7.25
CA GLN C 78 8.72 2.74 7.75
C GLN C 78 8.95 1.55 6.84
N LEU C 79 8.69 1.71 5.52
CA LEU C 79 8.85 0.62 4.57
C LEU C 79 10.29 0.11 4.55
N ARG C 80 11.26 1.01 4.71
CA ARG C 80 12.65 0.60 4.68
C ARG C 80 13.02 -0.22 5.91
N ALA C 81 12.40 0.05 7.04
CA ALA C 81 12.67 -0.78 8.22
C ALA C 81 12.16 -2.20 8.02
N LEU C 82 11.01 -2.37 7.36
CA LEU C 82 10.48 -3.71 7.10
C LEU C 82 11.24 -4.43 5.99
N GLN C 83 11.64 -3.69 4.95
CA GLN C 83 12.23 -4.27 3.74
C GLN C 83 13.67 -4.77 3.91
N GLN C 84 14.34 -4.49 5.02
CA GLN C 84 15.69 -5.02 5.21
C GLN C 84 15.67 -6.55 5.08
N SER C 85 16.73 -7.11 4.48
CA SER C 85 16.65 -8.51 4.02
C SER C 85 17.61 -9.47 4.71
N GLY C 86 18.93 -9.26 4.60
CA GLY C 86 19.87 -10.20 5.20
C GLY C 86 19.99 -11.54 4.47
N SER C 87 19.87 -12.64 5.24
CA SER C 87 20.19 -13.99 4.76
C SER C 87 19.17 -14.56 3.79
N SER C 88 17.96 -13.98 3.75
CA SER C 88 16.91 -14.40 2.83
C SER C 88 17.43 -14.57 1.41
N VAL C 89 18.50 -13.83 1.09
CA VAL C 89 19.03 -13.77 -0.28
C VAL C 89 19.98 -14.92 -0.58
N LEU C 90 20.52 -15.58 0.44
CA LEU C 90 21.39 -16.72 0.19
C LEU C 90 20.56 -17.95 -0.20
N SER C 91 21.25 -18.96 -0.72
CA SER C 91 20.67 -20.28 -0.88
C SER C 91 20.18 -20.85 0.46
N ALA C 92 19.33 -21.87 0.38
CA ALA C 92 18.91 -22.55 1.62
C ALA C 92 20.06 -23.36 2.22
N ASP C 93 20.91 -23.94 1.36
CA ASP C 93 22.10 -24.65 1.82
C ASP C 93 23.03 -23.74 2.61
N LYS C 94 23.25 -22.51 2.13
CA LYS C 94 24.24 -21.61 2.71
C LYS C 94 23.69 -20.78 3.86
N ARG C 95 22.40 -20.44 3.85
CA ARG C 95 21.80 -19.84 5.02
C ARG C 95 21.98 -20.75 6.23
N GLU C 96 21.69 -22.04 6.07
CA GLU C 96 21.85 -22.98 7.18
C GLU C 96 23.30 -23.06 7.64
N ARG C 97 24.25 -23.21 6.69
CA ARG C 97 25.66 -23.31 7.11
C ARG C 97 26.11 -22.03 7.83
N LEU C 98 25.67 -20.88 7.36
CA LEU C 98 25.98 -19.65 8.08
C LEU C 98 25.41 -19.71 9.48
N ASN C 99 24.15 -20.15 9.60
CA ASN C 99 23.55 -20.32 10.93
C ASN C 99 24.34 -21.30 11.76
N THR C 100 24.76 -22.41 11.16
CA THR C 100 25.48 -23.42 11.92
C THR C 100 26.79 -22.86 12.45
N ILE C 101 27.47 -22.04 11.66
CA ILE C 101 28.75 -21.44 12.05
C ILE C 101 28.55 -20.32 13.06
N LEU C 102 27.57 -19.44 12.84
CA LEU C 102 27.33 -18.37 13.80
C LEU C 102 27.13 -18.94 15.19
N ASN C 103 26.25 -19.95 15.28
CA ASN C 103 25.96 -20.55 16.56
C ASN C 103 27.11 -21.43 17.05
N ALA C 104 27.80 -22.14 16.15
CA ALA C 104 28.96 -22.90 16.62
C ALA C 104 30.00 -22.00 17.29
N MET C 105 30.25 -20.82 16.70
CA MET C 105 31.23 -19.90 17.27
C MET C 105 30.77 -19.38 18.62
N SER C 106 29.49 -19.02 18.73
CA SER C 106 28.97 -18.50 19.98
C SER C 106 29.18 -19.48 21.12
N THR C 107 28.82 -20.75 20.91
CA THR C 107 28.89 -21.72 22.00
C THR C 107 30.32 -22.21 22.24
N ILE C 108 31.20 -22.16 21.25
CA ILE C 108 32.62 -22.41 21.52
C ILE C 108 33.16 -21.37 22.51
N TYR C 109 32.79 -20.11 22.32
CA TYR C 109 33.27 -19.05 23.20
C TYR C 109 32.80 -19.24 24.64
N SER C 110 31.51 -19.53 24.84
CA SER C 110 30.96 -19.59 26.20
C SER C 110 31.23 -20.92 26.89
N THR C 111 31.90 -21.86 26.21
CA THR C 111 32.36 -23.13 26.79
C THR C 111 33.88 -23.25 26.69
N GLY C 112 34.57 -22.11 26.62
CA GLY C 112 36.01 -22.14 26.59
C GLY C 112 36.60 -22.34 27.97
N LYS C 113 37.69 -23.11 28.02
CA LYS C 113 38.47 -23.30 29.24
C LYS C 113 39.95 -23.16 28.88
N ALA C 114 40.69 -22.48 29.75
CA ALA C 114 42.15 -22.45 29.70
C ALA C 114 42.68 -23.08 30.98
N CYS C 115 43.86 -23.66 30.89
CA CYS C 115 44.42 -24.43 31.99
C CYS C 115 45.80 -23.92 32.37
N ASN C 116 46.06 -23.90 33.66
CA ASN C 116 47.36 -23.53 34.20
C ASN C 116 48.43 -24.47 33.66
N PRO C 117 49.47 -23.98 32.97
CA PRO C 117 50.53 -24.89 32.48
C PRO C 117 51.40 -25.45 33.59
N ASN C 118 51.32 -24.88 34.79
CA ASN C 118 51.98 -25.39 35.99
C ASN C 118 51.10 -26.31 36.82
N ASN C 119 49.79 -26.15 36.73
CA ASN C 119 48.84 -26.94 37.50
C ASN C 119 47.70 -27.35 36.57
N PRO C 120 47.74 -28.56 35.99
CA PRO C 120 46.69 -28.96 35.06
C PRO C 120 45.36 -29.23 35.73
N GLN C 121 45.33 -29.23 37.08
CA GLN C 121 44.07 -29.34 37.82
C GLN C 121 43.18 -28.14 37.55
N GLU C 122 43.72 -26.94 37.72
CA GLU C 122 42.98 -25.68 37.57
C GLU C 122 42.71 -25.45 36.09
N CYS C 123 41.46 -25.70 35.65
CA CYS C 123 41.01 -25.38 34.29
C CYS C 123 39.81 -24.45 34.41
N LEU C 124 40.02 -23.17 34.16
CA LEU C 124 39.03 -22.13 34.42
C LEU C 124 38.32 -21.74 33.14
N LEU C 125 37.00 -21.65 33.21
CA LEU C 125 36.24 -21.01 32.15
C LEU C 125 36.61 -19.54 32.08
N LEU C 126 36.13 -18.86 31.05
CA LEU C 126 36.23 -17.41 31.09
C LEU C 126 35.33 -16.86 32.18
N GLU C 127 34.06 -17.27 32.19
CA GLU C 127 33.02 -16.42 32.75
C GLU C 127 33.21 -16.13 34.24
N PRO C 128 33.33 -17.13 35.16
CA PRO C 128 33.93 -16.81 36.48
C PRO C 128 35.46 -16.65 36.47
N GLY C 129 36.15 -17.68 35.98
CA GLY C 129 37.54 -17.99 36.29
C GLY C 129 38.66 -17.14 35.74
N LEU C 130 38.91 -17.17 34.42
CA LEU C 130 39.95 -16.35 33.83
C LEU C 130 39.63 -14.86 33.93
N ASP C 131 38.36 -14.49 34.08
CA ASP C 131 38.04 -13.09 34.28
C ASP C 131 38.55 -12.60 35.62
N ASP C 132 38.54 -13.45 36.66
CA ASP C 132 39.08 -13.05 37.97
C ASP C 132 40.55 -12.71 37.85
N ILE C 133 41.31 -13.56 37.17
CA ILE C 133 42.74 -13.30 37.02
C ILE C 133 42.96 -11.99 36.29
N MET C 134 42.31 -11.83 35.13
CA MET C 134 42.62 -10.68 34.28
C MET C 134 42.05 -9.37 34.82
N GLU C 135 41.13 -9.43 35.79
CA GLU C 135 40.55 -8.24 36.42
C GLU C 135 41.03 -7.97 37.82
N ASN C 136 41.78 -8.90 38.44
CA ASN C 136 42.26 -8.68 39.80
C ASN C 136 43.70 -9.08 40.05
N SER C 137 44.34 -9.86 39.18
CA SER C 137 45.70 -10.28 39.44
C SER C 137 46.69 -9.14 39.30
N LYS C 138 47.71 -9.13 40.16
CA LYS C 138 48.88 -8.27 40.03
C LYS C 138 50.11 -9.05 39.63
N ASP C 139 49.99 -10.37 39.41
CA ASP C 139 51.13 -11.23 39.09
C ASP C 139 51.35 -11.29 37.59
N TYR C 140 52.58 -11.04 37.15
CA TYR C 140 52.84 -11.00 35.72
C TYR C 140 52.55 -12.34 35.04
N ASN C 141 53.15 -13.43 35.54
CA ASN C 141 53.01 -14.72 34.87
C ASN C 141 51.59 -15.24 34.93
N GLU C 142 50.91 -15.06 36.07
CA GLU C 142 49.54 -15.51 36.17
C GLU C 142 48.68 -14.81 35.14
N ARG C 143 48.83 -13.49 35.02
CA ARG C 143 48.11 -12.77 33.98
C ARG C 143 48.51 -13.26 32.60
N LEU C 144 49.79 -13.62 32.43
CA LEU C 144 50.26 -14.04 31.12
C LEU C 144 49.64 -15.37 30.70
N TRP C 145 49.71 -16.39 31.57
CA TRP C 145 49.16 -17.68 31.16
C TRP C 145 47.68 -17.54 30.81
N ALA C 146 46.92 -16.80 31.62
CA ALA C 146 45.49 -16.69 31.40
C ALA C 146 45.18 -15.99 30.08
N TRP C 147 45.96 -14.97 29.75
CA TRP C 147 45.76 -14.25 28.51
C TRP C 147 46.15 -15.11 27.32
N GLU C 148 47.37 -15.65 27.34
CA GLU C 148 47.82 -16.49 26.24
C GLU C 148 46.99 -17.77 26.13
N GLY C 149 46.63 -18.34 27.27
CA GLY C 149 45.91 -19.61 27.24
C GLY C 149 44.58 -19.49 26.54
N TRP C 150 43.81 -18.46 26.88
CA TRP C 150 42.51 -18.28 26.27
C TRP C 150 42.62 -18.05 24.77
N ARG C 151 43.56 -17.20 24.36
CA ARG C 151 43.64 -16.87 22.94
C ARG C 151 44.17 -18.04 22.13
N SER C 152 45.01 -18.87 22.75
CA SER C 152 45.53 -20.07 22.11
C SER C 152 44.53 -21.21 22.08
N GLU C 153 43.62 -21.26 23.04
CA GLU C 153 42.71 -22.39 23.17
C GLU C 153 41.37 -22.13 22.48
N VAL C 154 40.77 -20.98 22.74
CA VAL C 154 39.53 -20.61 22.08
C VAL C 154 39.79 -19.88 20.78
N GLY C 155 40.87 -19.10 20.72
CA GLY C 155 41.20 -18.40 19.49
C GLY C 155 41.42 -19.36 18.35
N LYS C 156 42.47 -20.18 18.48
CA LYS C 156 42.84 -21.10 17.41
C LYS C 156 41.63 -21.93 16.99
N GLN C 157 40.88 -22.42 17.96
CA GLN C 157 39.71 -23.23 17.67
C GLN C 157 38.70 -22.48 16.80
N LEU C 158 38.61 -21.15 17.00
CA LEU C 158 37.66 -20.30 16.29
C LEU C 158 38.19 -19.87 14.93
N ARG C 159 39.50 -19.79 14.77
CA ARG C 159 40.09 -19.22 13.55
C ARG C 159 39.54 -19.83 12.25
N PRO C 160 39.49 -21.15 12.07
CA PRO C 160 38.90 -21.68 10.83
C PRO C 160 37.41 -21.42 10.72
N LEU C 161 36.74 -21.12 11.83
CA LEU C 161 35.35 -20.74 11.71
C LEU C 161 35.21 -19.27 11.30
N TYR C 162 36.05 -18.39 11.88
CA TYR C 162 35.95 -16.97 11.52
C TYR C 162 36.25 -16.77 10.03
N GLU C 163 37.13 -17.58 9.45
CA GLU C 163 37.43 -17.48 8.02
C GLU C 163 36.20 -17.80 7.18
N GLU C 164 35.54 -18.91 7.46
CA GLU C 164 34.32 -19.24 6.72
C GLU C 164 33.22 -18.22 7.00
N TYR C 165 33.19 -17.67 8.21
CA TYR C 165 32.17 -16.68 8.56
C TYR C 165 32.29 -15.43 7.69
N VAL C 166 33.52 -14.91 7.57
CA VAL C 166 33.79 -13.74 6.73
C VAL C 166 33.32 -14.01 5.31
N ALA C 167 33.62 -15.21 4.78
CA ALA C 167 33.29 -15.51 3.40
C ALA C 167 31.78 -15.53 3.17
N LEU C 168 31.02 -16.12 4.10
CA LEU C 168 29.57 -16.20 3.90
C LEU C 168 28.86 -14.88 4.23
N LYS C 169 29.38 -14.10 5.18
CA LYS C 169 28.75 -12.80 5.43
C LYS C 169 29.06 -11.83 4.30
N ASN C 170 30.22 -11.95 3.67
CA ASN C 170 30.49 -11.16 2.46
C ASN C 170 29.54 -11.56 1.34
N GLU C 171 29.45 -12.86 1.05
CA GLU C 171 28.51 -13.34 0.04
C GLU C 171 27.09 -12.84 0.33
N MET C 172 26.70 -12.81 1.61
CA MET C 172 25.40 -12.27 1.97
C MET C 172 25.31 -10.80 1.60
N ALA C 173 26.29 -10.01 2.03
CA ALA C 173 26.18 -8.57 1.88
C ALA C 173 26.12 -8.20 0.41
N ARG C 174 27.03 -8.76 -0.39
CA ARG C 174 27.17 -8.33 -1.77
C ARG C 174 25.94 -8.73 -2.59
N ALA C 175 25.33 -9.86 -2.26
CA ALA C 175 24.05 -10.21 -2.85
C ALA C 175 22.92 -9.29 -2.42
N ASN C 176 23.15 -8.37 -1.49
CA ASN C 176 22.18 -7.32 -1.18
C ASN C 176 22.68 -5.96 -1.61
N ASN C 177 23.73 -5.93 -2.45
CA ASN C 177 24.35 -4.73 -3.03
C ASN C 177 25.08 -3.88 -2.00
N TYR C 178 25.87 -4.53 -1.15
CA TYR C 178 26.83 -3.81 -0.34
C TYR C 178 28.22 -4.22 -0.78
N GLU C 179 29.22 -3.40 -0.49
CA GLU C 179 30.55 -3.78 -0.98
C GLU C 179 31.08 -4.99 -0.21
N ASP C 180 30.76 -5.09 1.08
CA ASP C 180 31.18 -6.18 1.94
C ASP C 180 30.32 -6.14 3.20
N TYR C 181 30.51 -7.13 4.06
CA TYR C 181 29.79 -7.15 5.33
C TYR C 181 30.09 -5.90 6.14
N GLY C 182 31.28 -5.32 5.97
CA GLY C 182 31.62 -4.10 6.69
C GLY C 182 30.78 -2.92 6.23
N ASP C 183 30.66 -2.76 4.91
CA ASP C 183 29.72 -1.78 4.38
C ASP C 183 28.33 -2.06 4.92
N TYR C 184 27.98 -3.35 4.98
CA TYR C 184 26.64 -3.76 5.39
C TYR C 184 26.32 -3.29 6.80
N TRP C 185 27.29 -3.42 7.71
CA TRP C 185 27.09 -2.87 9.03
C TRP C 185 27.03 -1.35 8.98
N ARG C 186 27.85 -0.72 8.14
CA ARG C 186 27.90 0.74 8.13
C ARG C 186 26.56 1.32 7.71
N GLY C 187 25.67 0.51 7.14
CA GLY C 187 24.35 1.00 6.81
C GLY C 187 23.51 1.39 8.01
N ASP C 188 23.88 0.95 9.21
CA ASP C 188 23.10 1.34 10.38
C ASP C 188 23.12 2.85 10.58
N TYR C 189 24.18 3.51 10.12
CA TYR C 189 24.33 4.95 10.26
C TYR C 189 23.89 5.70 9.01
N GLU C 190 23.53 5.00 7.94
CA GLU C 190 23.15 5.64 6.68
C GLU C 190 21.83 6.38 6.81
N GLU C 191 21.75 7.54 6.19
CA GLU C 191 20.48 8.23 6.02
C GLU C 191 20.36 8.71 4.58
N GLU C 192 19.18 8.51 4.01
CA GLU C 192 18.86 8.94 2.68
C GLU C 192 17.68 9.89 2.79
N TRP C 193 17.26 10.41 1.66
CA TRP C 193 15.96 11.05 1.51
C TRP C 193 15.83 12.33 2.33
N ALA C 194 16.94 12.94 2.73
CA ALA C 194 16.94 14.31 3.21
C ALA C 194 18.01 15.05 2.40
N ASP C 195 18.04 16.38 2.51
CA ASP C 195 19.01 17.19 1.76
C ASP C 195 19.93 17.93 2.73
N GLY C 196 21.22 17.61 2.68
CA GLY C 196 22.14 18.09 3.69
C GLY C 196 22.13 17.21 4.92
N TYR C 197 20.98 16.61 5.23
CA TYR C 197 20.89 15.68 6.35
C TYR C 197 21.15 14.24 5.93
N ASN C 198 21.38 13.96 4.66
CA ASN C 198 21.82 12.63 4.24
C ASN C 198 23.09 12.24 4.98
N TYR C 199 23.33 10.92 5.05
CA TYR C 199 24.56 10.40 5.62
C TYR C 199 24.92 9.11 4.89
N SER C 200 26.07 9.09 4.23
CA SER C 200 26.48 7.90 3.47
C SER C 200 27.27 6.93 4.34
N ARG C 201 27.26 5.67 3.94
CA ARG C 201 27.96 4.65 4.71
C ARG C 201 29.46 4.87 4.70
N ASN C 202 30.02 5.43 3.63
CA ASN C 202 31.45 5.70 3.67
C ASN C 202 31.76 6.85 4.61
N GLN C 203 30.80 7.76 4.78
CA GLN C 203 31.02 8.93 5.64
C GLN C 203 31.31 8.52 7.08
N LEU C 204 30.78 7.39 7.52
CA LEU C 204 31.09 6.97 8.87
C LEU C 204 32.57 6.60 9.01
N ILE C 205 33.18 6.04 7.98
CA ILE C 205 34.62 5.81 8.09
C ILE C 205 35.32 7.15 8.25
N GLU C 206 34.92 8.14 7.43
CA GLU C 206 35.55 9.46 7.46
C GLU C 206 35.38 10.11 8.82
N ASP C 207 34.13 10.17 9.30
CA ASP C 207 33.87 10.85 10.58
C ASP C 207 34.59 10.14 11.72
N VAL C 208 34.57 8.81 11.75
CA VAL C 208 35.27 8.09 12.81
C VAL C 208 36.78 8.37 12.76
N GLU C 209 37.39 8.33 11.57
CA GLU C 209 38.81 8.63 11.50
C GLU C 209 39.09 10.07 11.90
N HIS C 210 38.31 11.03 11.39
CA HIS C 210 38.56 12.42 11.75
C HIS C 210 38.37 12.63 13.23
N THR C 211 37.31 12.07 13.78
CA THR C 211 37.08 12.25 15.19
C THR C 211 38.17 11.56 16.01
N PHE C 212 38.73 10.45 15.53
CA PHE C 212 39.72 9.77 16.35
C PHE C 212 41.05 10.52 16.40
N THR C 213 41.42 11.28 15.35
CA THR C 213 42.72 11.95 15.41
C THR C 213 42.75 13.07 16.44
N GLN C 214 41.59 13.61 16.83
CA GLN C 214 41.55 14.61 17.90
C GLN C 214 41.65 13.98 19.28
N ILE C 215 41.42 12.66 19.38
CA ILE C 215 41.55 11.94 20.65
C ILE C 215 43.01 11.61 20.95
N LYS C 216 43.83 11.46 19.92
CA LYS C 216 45.22 11.00 20.11
C LYS C 216 45.99 11.75 21.20
N PRO C 217 45.94 13.11 21.30
CA PRO C 217 46.73 13.78 22.35
C PRO C 217 46.28 13.44 23.76
N LEU C 218 44.98 13.47 24.01
CA LEU C 218 44.51 13.07 25.33
C LEU C 218 44.86 11.63 25.60
N TYR C 219 44.66 10.75 24.61
CA TYR C 219 44.92 9.33 24.84
C TYR C 219 46.37 9.08 25.18
N GLU C 220 47.29 9.76 24.47
CA GLU C 220 48.72 9.58 24.71
C GLU C 220 49.11 9.93 26.14
N HIS C 221 48.58 11.04 26.66
CA HIS C 221 48.95 11.44 28.01
C HIS C 221 48.34 10.50 29.04
N LEU C 222 47.14 9.98 28.78
CA LEU C 222 46.64 8.88 29.60
C LEU C 222 47.59 7.70 29.50
N HIS C 223 47.90 7.30 28.27
CA HIS C 223 48.75 6.13 28.04
C HIS C 223 50.12 6.30 28.68
N ALA C 224 50.73 7.48 28.54
CA ALA C 224 52.02 7.72 29.19
C ALA C 224 51.91 7.62 30.70
N TYR C 225 50.85 8.18 31.28
CA TYR C 225 50.70 8.11 32.73
C TYR C 225 50.45 6.68 33.21
N VAL C 226 49.62 5.92 32.51
CA VAL C 226 49.38 4.55 32.95
C VAL C 226 50.62 3.68 32.72
N ARG C 227 51.43 3.99 31.71
CA ARG C 227 52.66 3.23 31.48
C ARG C 227 53.63 3.40 32.63
N ALA C 228 53.83 4.65 33.06
CA ALA C 228 54.72 4.92 34.18
C ALA C 228 54.27 4.18 35.43
N LYS C 229 52.98 4.29 35.79
CA LYS C 229 52.49 3.62 36.99
C LYS C 229 52.54 2.11 36.85
N LEU C 230 52.31 1.59 35.64
CA LEU C 230 52.37 0.15 35.41
C LEU C 230 53.79 -0.36 35.59
N MET C 231 54.77 0.41 35.13
CA MET C 231 56.18 0.05 35.31
C MET C 231 56.50 -0.21 36.78
N ASP C 232 55.97 0.63 37.69
CA ASP C 232 56.29 0.47 39.10
C ASP C 232 55.61 -0.76 39.70
N ALA C 233 54.38 -1.06 39.28
CA ALA C 233 53.71 -2.29 39.70
C ALA C 233 54.27 -3.53 39.02
N TYR C 234 55.17 -3.36 38.04
CA TYR C 234 55.72 -4.48 37.27
C TYR C 234 57.16 -4.18 36.87
N PRO C 235 58.07 -4.11 37.86
CA PRO C 235 59.45 -3.74 37.54
C PRO C 235 60.08 -4.70 36.54
N SER C 236 60.96 -4.13 35.69
CA SER C 236 61.72 -4.79 34.63
C SER C 236 60.86 -5.33 33.48
N ARG C 237 59.57 -5.01 33.44
CA ARG C 237 58.67 -5.63 32.48
C ARG C 237 58.24 -4.71 31.35
N ILE C 238 58.30 -3.39 31.52
CA ILE C 238 57.70 -2.47 30.57
C ILE C 238 58.76 -1.46 30.13
N SER C 239 58.95 -1.33 28.81
CA SER C 239 59.86 -0.32 28.29
C SER C 239 59.27 1.07 28.51
N PRO C 240 60.03 2.01 29.07
CA PRO C 240 59.48 3.36 29.34
C PRO C 240 59.22 4.16 28.08
N THR C 241 59.55 3.65 26.91
CA THR C 241 59.10 4.21 25.64
C THR C 241 58.28 3.22 24.82
N GLY C 242 58.01 2.01 25.34
CA GLY C 242 57.39 0.96 24.57
C GLY C 242 55.88 0.90 24.74
N CYS C 243 55.28 -0.04 24.01
CA CYS C 243 53.84 -0.28 24.11
C CYS C 243 53.50 -0.94 25.44
N LEU C 244 52.23 -0.77 25.83
CA LEU C 244 51.71 -1.47 27.00
C LEU C 244 51.55 -2.95 26.69
N PRO C 245 52.12 -3.85 27.50
CA PRO C 245 51.89 -5.29 27.28
C PRO C 245 50.41 -5.63 27.44
N ALA C 246 49.91 -6.52 26.57
CA ALA C 246 48.46 -6.68 26.41
C ALA C 246 47.79 -7.32 27.62
N HIS C 247 48.49 -8.22 28.31
CA HIS C 247 47.91 -8.98 29.42
C HIS C 247 47.93 -8.22 30.74
N LEU C 248 48.25 -6.93 30.76
CA LEU C 248 48.36 -6.18 32.00
C LEU C 248 47.39 -5.00 32.04
N LEU C 249 46.26 -5.07 31.36
CA LEU C 249 45.48 -3.86 31.16
C LEU C 249 44.14 -3.83 31.88
N GLY C 250 43.81 -4.82 32.73
CA GLY C 250 42.65 -4.72 33.61
C GLY C 250 41.50 -5.66 33.30
N ASP C 251 41.35 -6.15 32.07
CA ASP C 251 40.43 -7.23 31.75
C ASP C 251 41.08 -8.07 30.66
N MET C 252 40.37 -9.10 30.21
CA MET C 252 41.02 -10.08 29.34
C MET C 252 41.53 -9.45 28.04
N TRP C 253 41.03 -8.28 27.65
CA TRP C 253 41.34 -7.74 26.34
C TRP C 253 41.98 -6.36 26.35
N GLY C 254 41.87 -5.62 27.43
CA GLY C 254 42.17 -4.19 27.38
C GLY C 254 41.03 -3.36 26.87
N ARG C 255 39.81 -3.88 26.90
CA ARG C 255 38.67 -3.10 26.43
C ARG C 255 38.46 -1.86 27.27
N PHE C 256 38.65 -1.99 28.59
CA PHE C 256 38.63 -0.85 29.50
C PHE C 256 39.85 -0.95 30.41
N TRP C 257 40.42 0.19 30.80
CA TRP C 257 41.51 0.18 31.76
C TRP C 257 41.02 0.45 33.17
N THR C 258 39.72 0.42 33.39
CA THR C 258 39.22 0.90 34.66
C THR C 258 39.67 0.03 35.82
N ASN C 259 39.91 -1.25 35.59
CA ASN C 259 40.39 -2.04 36.71
C ASN C 259 41.83 -1.70 37.10
N LEU C 260 42.53 -0.92 36.29
CA LEU C 260 43.90 -0.55 36.62
C LEU C 260 43.98 0.55 37.67
N TYR C 261 42.86 1.24 37.94
CA TYR C 261 42.86 2.44 38.76
C TYR C 261 43.58 2.30 40.09
N PRO C 262 43.41 1.24 40.89
CA PRO C 262 44.08 1.18 42.20
C PRO C 262 45.60 1.13 42.12
N LEU C 263 46.20 0.92 40.93
CA LEU C 263 47.64 1.03 40.78
C LEU C 263 48.11 2.46 40.50
N MET C 264 47.21 3.39 40.22
CA MET C 264 47.59 4.69 39.69
C MET C 264 46.73 5.84 40.24
N VAL C 265 46.21 5.71 41.46
CA VAL C 265 45.29 6.74 41.98
C VAL C 265 46.04 8.05 42.19
N PRO C 266 45.54 9.18 41.68
CA PRO C 266 46.32 10.42 41.77
C PRO C 266 46.48 10.94 43.19
N PHE C 267 45.43 10.87 44.01
CA PHE C 267 45.47 11.34 45.39
C PHE C 267 44.88 10.25 46.28
N GLY C 268 45.74 9.32 46.71
CA GLY C 268 45.28 8.12 47.39
C GLY C 268 44.73 8.36 48.78
N GLN C 269 44.98 9.52 49.37
CA GLN C 269 44.42 9.79 50.69
C GLN C 269 43.09 10.52 50.62
N LYS C 270 42.61 10.88 49.43
CA LYS C 270 41.28 11.47 49.29
C LYS C 270 40.31 10.36 48.92
N PRO C 271 39.39 9.96 49.82
CA PRO C 271 38.46 8.87 49.49
C PRO C 271 37.45 9.30 48.44
N ASN C 272 36.96 8.32 47.70
CA ASN C 272 35.99 8.60 46.66
C ASN C 272 34.61 8.84 47.27
N ILE C 273 33.83 9.69 46.61
CA ILE C 273 32.51 10.06 47.10
C ILE C 273 31.56 8.88 46.91
N ASP C 274 31.03 8.35 48.02
CA ASP C 274 30.16 7.17 47.98
C ASP C 274 29.00 7.38 48.95
N VAL C 275 27.83 7.69 48.40
CA VAL C 275 26.65 8.08 49.19
C VAL C 275 25.91 6.85 49.73
N THR C 276 26.50 5.67 49.54
CA THR C 276 25.86 4.43 50.01
C THR C 276 25.56 4.49 51.50
N ASP C 277 26.56 4.82 52.31
CA ASP C 277 26.34 4.90 53.76
C ASP C 277 25.36 6.02 54.10
N ALA C 278 25.46 7.15 53.40
CA ALA C 278 24.45 8.19 53.56
C ALA C 278 23.03 7.64 53.32
N MET C 279 22.84 6.95 52.18
CA MET C 279 21.51 6.46 51.81
C MET C 279 20.95 5.55 52.90
N VAL C 280 21.79 4.65 53.42
CA VAL C 280 21.32 3.65 54.38
C VAL C 280 20.92 4.31 55.70
N ASN C 281 21.79 5.17 56.27
CA ASN C 281 21.49 5.82 57.55
C ASN C 281 20.19 6.63 57.47
N GLN C 282 19.88 7.16 56.29
CA GLN C 282 18.65 7.89 56.02
C GLN C 282 17.47 6.97 55.69
N SER C 283 17.66 5.64 55.82
CA SER C 283 16.60 4.61 55.69
C SER C 283 15.88 4.66 54.34
N TRP C 284 16.65 4.94 53.28
CA TRP C 284 16.14 4.81 51.91
C TRP C 284 15.83 3.35 51.59
N ASP C 285 14.98 3.15 50.59
CA ASP C 285 14.67 1.83 50.08
C ASP C 285 14.62 1.92 48.55
N ALA C 286 14.26 0.80 47.90
CA ALA C 286 14.20 0.84 46.45
C ALA C 286 13.15 1.83 45.97
N ARG C 287 11.99 1.88 46.64
CA ARG C 287 10.93 2.79 46.22
C ARG C 287 11.42 4.23 46.28
N ARG C 288 12.12 4.59 47.36
CA ARG C 288 12.72 5.91 47.48
C ARG C 288 13.63 6.21 46.30
N ILE C 289 14.48 5.23 45.94
CA ILE C 289 15.48 5.46 44.90
C ILE C 289 14.81 5.81 43.58
N PHE C 290 13.78 5.05 43.20
CA PHE C 290 13.10 5.38 41.95
C PHE C 290 12.25 6.64 42.08
N GLU C 291 11.75 6.94 43.28
CA GLU C 291 10.94 8.14 43.43
C GLU C 291 11.78 9.39 43.20
N GLU C 292 13.00 9.40 43.75
CA GLU C 292 13.91 10.53 43.56
C GLU C 292 14.33 10.63 42.10
N ALA C 293 14.56 9.49 41.47
CA ALA C 293 14.86 9.50 40.05
C ALA C 293 13.71 10.09 39.25
N GLU C 294 12.48 9.80 39.64
CA GLU C 294 11.36 10.46 38.98
C GLU C 294 11.43 11.98 39.16
N LYS C 295 11.72 12.43 40.40
CA LYS C 295 11.76 13.88 40.68
C LYS C 295 12.78 14.57 39.77
N PHE C 296 13.94 13.95 39.56
CA PHE C 296 14.97 14.59 38.74
C PHE C 296 14.45 14.87 37.34
N PHE C 297 13.69 13.93 36.77
CA PHE C 297 13.17 14.13 35.43
C PHE C 297 12.07 15.17 35.41
N VAL C 298 11.24 15.22 36.45
CA VAL C 298 10.23 16.27 36.53
C VAL C 298 10.90 17.63 36.70
N SER C 299 11.99 17.66 37.45
CA SER C 299 12.74 18.89 37.60
C SER C 299 13.15 19.48 36.26
N VAL C 300 13.43 18.65 35.24
CA VAL C 300 13.84 19.19 33.96
C VAL C 300 12.69 19.28 32.97
N GLY C 301 11.45 19.09 33.44
CA GLY C 301 10.28 19.33 32.63
C GLY C 301 9.69 18.12 31.94
N LEU C 302 10.18 16.92 32.23
CA LEU C 302 9.63 15.69 31.68
C LEU C 302 8.53 15.17 32.60
N PRO C 303 7.70 14.24 32.12
CA PRO C 303 6.53 13.81 32.88
C PRO C 303 6.85 12.83 34.00
N ASN C 304 5.90 12.74 34.92
CA ASN C 304 5.95 11.71 35.95
C ASN C 304 5.96 10.35 35.24
N MET C 305 6.42 9.31 35.95
CA MET C 305 6.26 7.96 35.42
C MET C 305 4.79 7.64 35.31
N THR C 306 4.44 6.74 34.38
CA THR C 306 3.03 6.41 34.22
C THR C 306 2.54 5.63 35.43
N GLU C 307 1.22 5.62 35.59
CA GLU C 307 0.65 4.94 36.73
C GLU C 307 0.92 3.45 36.65
N GLY C 308 0.83 2.89 35.44
CA GLY C 308 1.10 1.47 35.27
C GLY C 308 2.54 1.12 35.58
N PHE C 309 3.46 2.04 35.25
CA PHE C 309 4.86 1.81 35.59
C PHE C 309 5.00 1.47 37.06
N TRP C 310 4.41 2.27 37.94
CA TRP C 310 4.56 2.03 39.37
C TRP C 310 3.82 0.78 39.82
N GLN C 311 2.70 0.45 39.18
CA GLN C 311 1.99 -0.79 39.51
C GLN C 311 2.70 -2.02 38.98
N ASN C 312 3.25 -1.96 37.78
CA ASN C 312 3.70 -3.15 37.06
C ASN C 312 5.21 -3.37 37.05
N SER C 313 6.04 -2.39 37.39
CA SER C 313 7.47 -2.62 37.38
C SER C 313 7.86 -3.61 38.45
N MET C 314 9.06 -4.18 38.32
CA MET C 314 9.67 -4.95 39.39
C MET C 314 10.92 -4.20 39.80
N LEU C 315 10.82 -3.46 40.90
CA LEU C 315 11.92 -2.64 41.39
C LEU C 315 12.73 -3.34 42.47
N THR C 316 12.35 -4.54 42.89
CA THR C 316 13.12 -5.28 43.89
C THR C 316 13.00 -6.77 43.64
N GLU C 317 14.08 -7.47 43.95
CA GLU C 317 14.07 -8.92 43.86
C GLU C 317 12.99 -9.44 44.79
N PRO C 318 12.06 -10.26 44.31
CA PRO C 318 10.94 -10.68 45.16
C PRO C 318 11.38 -11.85 46.03
N GLY C 319 11.03 -11.79 47.31
CA GLY C 319 11.39 -12.91 48.14
C GLY C 319 10.39 -14.06 48.13
N ASP C 320 9.30 -13.92 47.38
CA ASP C 320 8.12 -14.75 47.56
C ASP C 320 8.10 -16.00 46.69
N ASN C 321 9.20 -16.76 46.67
CA ASN C 321 9.36 -18.00 45.91
C ASN C 321 9.57 -17.77 44.38
N ARG C 322 9.36 -16.57 43.85
CA ARG C 322 9.64 -16.33 42.43
C ARG C 322 11.13 -16.29 42.18
N LYS C 323 11.57 -16.94 41.12
CA LYS C 323 12.95 -16.80 40.69
C LYS C 323 12.95 -15.84 39.52
N VAL C 324 13.97 -15.00 39.46
CA VAL C 324 13.91 -13.80 38.64
C VAL C 324 15.25 -13.63 37.92
N VAL C 325 15.22 -13.01 36.75
CA VAL C 325 16.47 -12.59 36.11
C VAL C 325 16.69 -11.12 36.44
N CYS C 326 17.78 -10.85 37.15
CA CYS C 326 17.92 -9.60 37.86
C CYS C 326 18.53 -8.48 37.03
N HIS C 327 18.92 -8.75 35.80
CA HIS C 327 19.68 -7.76 35.04
C HIS C 327 18.85 -6.49 34.83
N PRO C 328 19.38 -5.32 35.17
CA PRO C 328 18.55 -4.10 35.12
C PRO C 328 18.27 -3.69 33.68
N THR C 329 16.98 -3.70 33.32
CA THR C 329 16.53 -3.38 31.96
C THR C 329 15.28 -2.49 32.01
N ALA C 330 15.05 -1.73 30.93
CA ALA C 330 13.93 -0.81 30.85
C ALA C 330 13.01 -1.21 29.70
N TRP C 331 11.83 -1.72 30.02
CA TRP C 331 10.96 -2.31 29.02
C TRP C 331 9.97 -1.30 28.45
N ASP C 332 9.98 -1.17 27.13
CA ASP C 332 8.91 -0.49 26.38
C ASP C 332 8.10 -1.62 25.77
N LEU C 333 7.08 -2.07 26.51
CA LEU C 333 6.32 -3.24 26.06
C LEU C 333 5.40 -2.92 24.89
N GLY C 334 4.96 -1.68 24.77
CA GLY C 334 3.96 -1.29 23.78
C GLY C 334 2.69 -0.82 24.47
N LYS C 335 1.80 -0.24 23.67
CA LYS C 335 0.50 0.21 24.18
C LYS C 335 0.66 1.08 25.42
N HIS C 336 1.64 2.01 25.38
CA HIS C 336 2.09 2.84 26.51
C HIS C 336 2.21 2.05 27.81
N ASP C 337 2.66 0.80 27.75
CA ASP C 337 3.02 0.05 28.95
C ASP C 337 4.52 0.16 29.13
N PHE C 338 4.95 0.90 30.15
CA PHE C 338 6.37 1.04 30.43
C PHE C 338 6.67 0.42 31.79
N ARG C 339 7.82 -0.23 31.90
CA ARG C 339 8.20 -0.90 33.13
C ARG C 339 9.71 -0.96 33.22
N ILE C 340 10.23 -0.96 34.44
CA ILE C 340 11.63 -1.24 34.71
C ILE C 340 11.72 -2.53 35.55
N LYS C 341 12.62 -3.44 35.15
CA LYS C 341 12.92 -4.65 35.91
C LYS C 341 14.33 -4.48 36.46
N MET C 342 14.47 -4.42 37.78
CA MET C 342 15.80 -4.29 38.36
C MET C 342 15.78 -4.70 39.83
N CYS C 343 16.74 -5.53 40.24
CA CYS C 343 16.82 -6.03 41.62
C CYS C 343 17.55 -5.01 42.49
N THR C 344 16.86 -3.89 42.74
CA THR C 344 17.52 -2.73 43.31
C THR C 344 18.05 -3.06 44.70
N LYS C 345 19.31 -2.73 44.92
CA LYS C 345 19.90 -2.69 46.24
C LYS C 345 20.13 -1.23 46.61
N VAL C 346 20.23 -0.96 47.91
CA VAL C 346 20.23 0.43 48.40
C VAL C 346 21.69 0.87 48.41
N THR C 347 22.19 1.18 47.22
CA THR C 347 23.61 1.52 47.06
C THR C 347 23.71 2.65 46.06
N MET C 348 24.87 3.32 46.10
CA MET C 348 25.09 4.44 45.18
C MET C 348 25.09 3.96 43.74
N ASP C 349 25.65 2.78 43.48
CA ASP C 349 25.67 2.27 42.11
C ASP C 349 24.25 2.16 41.57
N ASP C 350 23.38 1.48 42.32
CA ASP C 350 22.03 1.27 41.85
C ASP C 350 21.21 2.56 41.84
N PHE C 351 21.56 3.53 42.69
CA PHE C 351 20.98 4.87 42.56
C PHE C 351 21.26 5.42 41.16
N LEU C 352 22.51 5.35 40.72
CA LEU C 352 22.85 5.88 39.41
C LEU C 352 22.31 5.00 38.30
N THR C 353 22.21 3.69 38.52
CA THR C 353 21.57 2.82 37.55
C THR C 353 20.12 3.23 37.37
N ALA C 354 19.44 3.57 38.47
CA ALA C 354 18.03 3.91 38.40
C ALA C 354 17.81 5.11 37.47
N HIS C 355 18.62 6.16 37.61
CA HIS C 355 18.46 7.30 36.73
C HIS C 355 18.73 6.92 35.27
N HIS C 356 19.78 6.12 35.02
CA HIS C 356 20.09 5.67 33.68
C HIS C 356 18.91 4.92 33.10
N GLU C 357 18.42 3.91 33.82
CA GLU C 357 17.34 3.09 33.30
C GLU C 357 16.09 3.94 33.14
N MET C 358 15.77 4.79 34.13
CA MET C 358 14.61 5.65 33.97
C MET C 358 14.80 6.57 32.77
N GLY C 359 16.05 6.93 32.48
CA GLY C 359 16.31 7.73 31.29
C GLY C 359 15.79 7.07 30.03
N HIS C 360 16.05 5.76 29.87
CA HIS C 360 15.49 5.02 28.74
C HIS C 360 13.97 5.12 28.70
N ILE C 361 13.30 4.95 29.85
CA ILE C 361 11.83 5.02 29.86
C ILE C 361 11.36 6.38 29.36
N GLN C 362 12.03 7.45 29.78
CA GLN C 362 11.64 8.79 29.33
C GLN C 362 11.74 8.89 27.83
N TYR C 363 12.83 8.37 27.25
CA TYR C 363 12.98 8.30 25.80
C TYR C 363 11.85 7.46 25.18
N ASP C 364 11.58 6.29 25.74
CA ASP C 364 10.51 5.43 25.22
C ASP C 364 9.17 6.14 25.27
N MET C 365 8.93 6.88 26.36
CA MET C 365 7.68 7.61 26.51
C MET C 365 7.58 8.69 25.45
N ALA C 366 8.71 9.32 25.11
CA ALA C 366 8.68 10.52 24.29
C ALA C 366 8.25 10.20 22.87
N TYR C 367 8.71 9.08 22.32
CA TYR C 367 8.38 8.74 20.93
C TYR C 367 7.26 7.71 20.83
N ALA C 368 6.50 7.50 21.90
CA ALA C 368 5.41 6.54 21.87
C ALA C 368 4.34 6.87 20.85
N ALA C 369 4.19 8.14 20.47
CA ALA C 369 3.16 8.51 19.50
C ALA C 369 3.64 8.36 18.06
N GLN C 370 4.91 8.10 17.84
CA GLN C 370 5.38 7.84 16.52
C GLN C 370 4.76 6.55 16.00
N PRO C 371 4.84 6.32 14.70
CA PRO C 371 4.47 5.02 14.17
C PRO C 371 5.33 3.93 14.78
N PHE C 372 4.71 2.74 14.91
CA PHE C 372 5.32 1.60 15.57
C PHE C 372 6.72 1.29 15.02
N LEU C 373 6.87 1.26 13.71
CA LEU C 373 8.18 0.94 13.15
C LEU C 373 9.24 2.02 13.43
N LEU C 374 8.85 3.18 13.97
CA LEU C 374 9.82 4.24 14.20
C LEU C 374 9.97 4.58 15.69
N ARG C 375 9.41 3.78 16.58
CA ARG C 375 9.54 4.00 18.03
C ARG C 375 10.89 3.46 18.47
N ASN C 376 11.90 4.31 18.41
CA ASN C 376 13.24 3.82 18.63
C ASN C 376 14.21 4.98 18.68
N GLY C 377 15.37 4.72 19.29
CA GLY C 377 16.43 5.72 19.25
C GLY C 377 16.81 6.10 17.83
N ALA C 378 17.20 7.38 17.68
CA ALA C 378 17.50 7.94 16.37
C ALA C 378 18.52 7.11 15.60
N ASN C 379 19.50 6.56 16.31
CA ASN C 379 20.34 5.51 15.75
C ASN C 379 20.85 4.64 16.90
N GLU C 380 21.68 3.65 16.54
CA GLU C 380 22.01 2.57 17.45
C GLU C 380 22.71 3.08 18.71
N GLY C 381 23.27 4.28 18.68
CA GLY C 381 24.00 4.78 19.84
C GLY C 381 23.29 5.87 20.62
N PHE C 382 22.06 6.24 20.23
CA PHE C 382 21.36 7.33 20.90
C PHE C 382 20.85 6.89 22.26
N HIS C 383 20.25 5.71 22.32
CA HIS C 383 19.54 5.33 23.53
C HIS C 383 20.48 5.28 24.73
N GLU C 384 21.65 4.63 24.60
CA GLU C 384 22.51 4.56 25.77
C GLU C 384 23.12 5.92 26.11
N ALA C 385 23.35 6.76 25.10
CA ALA C 385 23.91 8.09 25.38
C ALA C 385 22.96 8.93 26.19
N VAL C 386 21.68 8.91 25.84
CA VAL C 386 20.69 9.64 26.64
C VAL C 386 20.67 9.11 28.06
N GLY C 387 20.70 7.78 28.19
CA GLY C 387 20.72 7.18 29.51
C GLY C 387 21.88 7.66 30.35
N GLU C 388 23.07 7.77 29.74
CA GLU C 388 24.27 8.15 30.50
C GLU C 388 24.27 9.63 30.88
N ILE C 389 23.56 10.46 30.11
CA ILE C 389 23.44 11.89 30.42
C ILE C 389 22.86 12.09 31.81
N MET C 390 21.86 11.28 32.16
CA MET C 390 21.22 11.36 33.47
C MET C 390 22.18 10.98 34.57
N SER C 391 22.97 9.92 34.33
CA SER C 391 23.89 9.43 35.35
C SER C 391 24.94 10.48 35.70
N LEU C 392 25.36 11.27 34.71
CA LEU C 392 26.39 12.29 34.94
C LEU C 392 25.93 13.34 35.94
N SER C 393 24.75 13.92 35.71
CA SER C 393 24.17 14.91 36.62
C SER C 393 23.78 14.28 37.96
N ALA C 394 23.24 13.07 37.94
CA ALA C 394 22.78 12.45 39.18
C ALA C 394 23.92 12.25 40.16
N ALA C 395 25.14 12.05 39.66
CA ALA C 395 26.27 11.69 40.50
C ALA C 395 27.07 12.89 40.99
N THR C 396 26.79 14.09 40.48
CA THR C 396 27.56 15.27 40.84
C THR C 396 27.45 15.53 42.33
N PRO C 397 28.49 16.11 42.93
CA PRO C 397 28.33 16.57 44.32
C PRO C 397 27.21 17.58 44.47
N ASN C 398 26.98 18.44 43.46
CA ASN C 398 25.92 19.43 43.59
C ASN C 398 24.56 18.75 43.77
N HIS C 399 24.22 17.83 42.87
CA HIS C 399 22.92 17.17 42.98
C HIS C 399 22.81 16.39 44.30
N LEU C 400 23.89 15.73 44.71
CA LEU C 400 23.82 14.95 45.94
C LEU C 400 23.63 15.82 47.17
N LYS C 401 24.09 17.08 47.11
CA LYS C 401 23.69 18.08 48.11
C LYS C 401 22.17 18.23 48.15
N ASN C 402 21.59 18.67 47.03
CA ASN C 402 20.21 19.14 47.04
C ASN C 402 19.21 18.03 47.35
N ILE C 403 19.60 16.76 47.28
CA ILE C 403 18.68 15.68 47.60
C ILE C 403 18.96 15.09 48.97
N GLY C 404 19.87 15.68 49.73
CA GLY C 404 20.09 15.27 51.10
C GLY C 404 21.03 14.11 51.31
N LEU C 405 21.77 13.69 50.30
CA LEU C 405 22.74 12.61 50.47
C LEU C 405 24.13 13.12 50.88
N LEU C 406 24.35 14.44 50.82
CA LEU C 406 25.61 15.07 51.23
C LEU C 406 25.32 16.32 52.06
N PRO C 407 26.02 16.51 53.19
CA PRO C 407 25.76 17.66 54.08
C PRO C 407 25.85 18.99 53.36
N PRO C 408 25.03 19.97 53.73
CA PRO C 408 24.95 21.22 52.93
C PRO C 408 26.19 22.11 53.02
N ASP C 409 27.05 21.91 54.03
CA ASP C 409 28.33 22.60 54.17
C ASP C 409 29.51 21.78 53.62
N PHE C 410 29.24 20.61 53.03
CA PHE C 410 30.22 19.91 52.20
C PHE C 410 30.75 20.85 51.14
N SER C 411 32.09 20.95 51.05
CA SER C 411 32.74 21.65 49.94
C SER C 411 33.47 20.64 49.08
N GLU C 412 33.33 20.81 47.76
CA GLU C 412 33.94 19.89 46.80
C GLU C 412 35.46 20.02 46.83
N ASP C 413 36.13 18.90 46.60
CA ASP C 413 37.58 18.83 46.72
C ASP C 413 38.22 18.72 45.34
N SER C 414 39.21 19.58 45.06
CA SER C 414 39.84 19.56 43.75
C SER C 414 40.65 18.29 43.54
N GLU C 415 41.24 17.74 44.61
CA GLU C 415 41.99 16.49 44.48
C GLU C 415 41.06 15.31 44.21
N THR C 416 39.98 15.14 44.99
CA THR C 416 39.08 14.03 44.71
C THR C 416 38.44 14.16 43.34
N ASP C 417 38.45 15.36 42.75
CA ASP C 417 37.90 15.53 41.41
C ASP C 417 38.81 14.97 40.33
N ILE C 418 40.13 15.05 40.51
CA ILE C 418 41.02 14.35 39.59
C ILE C 418 40.87 12.84 39.77
N ASN C 419 40.74 12.37 41.01
CA ASN C 419 40.51 10.94 41.24
C ASN C 419 39.27 10.46 40.51
N PHE C 420 38.24 11.30 40.47
CA PHE C 420 37.04 10.94 39.74
C PHE C 420 37.30 10.92 38.23
N LEU C 421 37.91 12.00 37.71
CA LEU C 421 38.10 12.11 36.26
C LEU C 421 39.10 11.08 35.74
N LEU C 422 40.07 10.68 36.56
CA LEU C 422 40.98 9.62 36.13
C LEU C 422 40.23 8.31 35.93
N LYS C 423 39.45 7.88 36.93
CA LYS C 423 38.68 6.65 36.78
C LYS C 423 37.82 6.71 35.53
N GLN C 424 37.10 7.83 35.35
CA GLN C 424 36.28 7.99 34.16
C GLN C 424 37.10 7.89 32.88
N ALA C 425 38.28 8.50 32.85
CA ALA C 425 39.12 8.41 31.67
C ALA C 425 39.57 6.97 31.42
N LEU C 426 39.93 6.25 32.48
CA LEU C 426 40.40 4.88 32.31
C LEU C 426 39.34 4.00 31.68
N THR C 427 38.06 4.38 31.77
CA THR C 427 36.99 3.67 31.08
C THR C 427 36.65 4.27 29.73
N ILE C 428 36.37 5.57 29.70
CA ILE C 428 35.86 6.23 28.50
C ILE C 428 36.96 6.45 27.47
N VAL C 429 37.97 7.25 27.81
CA VAL C 429 39.01 7.44 26.80
C VAL C 429 39.78 6.14 26.60
N GLY C 430 39.91 5.31 27.64
CA GLY C 430 40.61 4.04 27.46
C GLY C 430 40.02 3.20 26.33
N THR C 431 38.70 3.08 26.31
CA THR C 431 38.04 2.15 25.40
C THR C 431 37.92 2.68 23.99
N LEU C 432 38.20 3.99 23.76
CA LEU C 432 37.98 4.55 22.43
C LEU C 432 39.03 4.08 21.43
N PRO C 433 40.35 4.14 21.72
CA PRO C 433 41.30 3.51 20.78
C PRO C 433 41.07 2.01 20.59
N PHE C 434 40.70 1.28 21.65
CA PHE C 434 40.42 -0.15 21.53
C PHE C 434 39.27 -0.40 20.57
N THR C 435 38.17 0.32 20.74
CA THR C 435 36.97 0.11 19.94
C THR C 435 37.21 0.49 18.47
N TYR C 436 37.86 1.63 18.25
CA TYR C 436 38.16 2.06 16.90
C TYR C 436 39.02 1.01 16.17
N MET C 437 40.14 0.63 16.78
CA MET C 437 41.07 -0.32 16.17
C MET C 437 40.41 -1.67 15.93
N LEU C 438 39.57 -2.14 16.85
CA LEU C 438 38.90 -3.41 16.61
C LEU C 438 37.98 -3.30 15.40
N GLU C 439 37.10 -2.31 15.40
CA GLU C 439 36.16 -2.22 14.29
C GLU C 439 36.86 -1.86 13.01
N LYS C 440 38.02 -1.18 13.09
CA LYS C 440 38.75 -0.87 11.87
C LYS C 440 39.36 -2.13 11.26
N TRP C 441 39.92 -3.00 12.12
CA TRP C 441 40.44 -4.27 11.64
C TRP C 441 39.35 -5.09 10.98
N ARG C 442 38.18 -5.17 11.62
CA ARG C 442 37.09 -5.98 11.09
C ARG C 442 36.62 -5.47 9.73
N TRP C 443 36.48 -4.16 9.60
CA TRP C 443 36.04 -3.59 8.33
C TRP C 443 37.02 -3.96 7.22
N MET C 444 38.32 -3.82 7.51
CA MET C 444 39.33 -4.14 6.51
C MET C 444 39.35 -5.62 6.18
N VAL C 445 39.11 -6.47 7.18
CA VAL C 445 39.04 -7.91 6.90
C VAL C 445 37.86 -8.20 6.00
N PHE C 446 36.71 -7.63 6.34
CA PHE C 446 35.52 -7.82 5.52
C PHE C 446 35.72 -7.24 4.14
N LYS C 447 36.47 -6.14 4.04
CA LYS C 447 36.65 -5.47 2.75
C LYS C 447 37.51 -6.29 1.81
N GLY C 448 38.53 -6.94 2.35
CA GLY C 448 39.52 -7.58 1.55
C GLY C 448 40.86 -6.89 1.56
N GLU C 449 41.03 -5.85 2.37
CA GLU C 449 42.32 -5.18 2.47
C GLU C 449 43.32 -5.94 3.35
N ILE C 450 42.87 -6.85 4.21
CA ILE C 450 43.77 -7.72 4.93
C ILE C 450 43.56 -9.15 4.41
N PRO C 451 44.53 -9.76 3.74
CA PRO C 451 44.41 -11.17 3.37
C PRO C 451 44.53 -12.08 4.59
N LYS C 452 43.95 -13.28 4.47
CA LYS C 452 43.99 -14.24 5.57
C LYS C 452 45.41 -14.45 6.09
N GLU C 453 46.41 -14.38 5.20
CA GLU C 453 47.80 -14.65 5.53
C GLU C 453 48.39 -13.64 6.48
N GLN C 454 47.69 -12.51 6.72
CA GLN C 454 48.20 -11.49 7.64
C GLN C 454 47.14 -11.02 8.63
N TRP C 455 46.07 -11.80 8.87
CA TRP C 455 45.05 -11.40 9.82
C TRP C 455 45.63 -11.05 11.18
N MET C 456 46.38 -11.97 11.79
CA MET C 456 46.93 -11.68 13.10
C MET C 456 48.11 -10.71 13.03
N GLN C 457 48.88 -10.77 11.93
CA GLN C 457 50.04 -9.89 11.79
C GLN C 457 49.61 -8.44 11.70
N LYS C 458 48.54 -8.16 10.95
CA LYS C 458 48.00 -6.81 10.89
C LYS C 458 47.22 -6.45 12.15
N TRP C 459 46.60 -7.42 12.82
CA TRP C 459 45.96 -7.12 14.09
C TRP C 459 46.95 -6.57 15.09
N TRP C 460 48.08 -7.26 15.28
CA TRP C 460 49.06 -6.77 16.24
C TRP C 460 49.87 -5.58 15.73
N GLU C 461 50.00 -5.42 14.41
CA GLU C 461 50.58 -4.18 13.89
C GLU C 461 49.70 -3.00 14.25
N MET C 462 48.38 -3.18 14.17
CA MET C 462 47.46 -2.11 14.55
C MET C 462 47.32 -1.99 16.06
N LYS C 463 47.40 -3.10 16.79
CA LYS C 463 47.35 -3.00 18.23
C LYS C 463 48.52 -2.19 18.75
N ARG C 464 49.74 -2.47 18.23
CA ARG C 464 50.91 -1.68 18.61
C ARG C 464 50.77 -0.22 18.16
N ASP C 465 50.47 0.00 16.89
CA ASP C 465 50.56 1.34 16.32
C ASP C 465 49.42 2.27 16.76
N ILE C 466 48.17 1.79 16.80
CA ILE C 466 47.03 2.64 17.14
C ILE C 466 46.79 2.68 18.64
N VAL C 467 46.70 1.51 19.28
CA VAL C 467 46.28 1.45 20.69
C VAL C 467 47.45 1.69 21.64
N GLY C 468 48.68 1.38 21.23
CA GLY C 468 49.80 1.41 22.14
C GLY C 468 49.97 0.15 22.95
N VAL C 469 49.51 -0.98 22.43
CA VAL C 469 49.48 -2.24 23.15
C VAL C 469 50.18 -3.31 22.32
N VAL C 470 51.02 -4.12 22.98
CA VAL C 470 51.87 -5.08 22.31
C VAL C 470 51.59 -6.48 22.86
N GLU C 471 51.57 -7.46 21.98
CA GLU C 471 51.32 -8.84 22.37
C GLU C 471 52.49 -9.37 23.21
N PRO C 472 52.24 -9.98 24.37
CA PRO C 472 53.35 -10.55 25.14
C PRO C 472 54.04 -11.72 24.44
N LEU C 473 53.33 -12.48 23.60
CA LEU C 473 53.89 -13.64 22.93
C LEU C 473 53.54 -13.65 21.45
N PRO C 474 54.46 -14.14 20.61
CA PRO C 474 54.30 -13.97 19.16
C PRO C 474 53.19 -14.86 18.63
N HIS C 475 52.17 -14.23 18.05
CA HIS C 475 50.99 -14.95 17.55
C HIS C 475 51.04 -15.05 16.04
N ASP C 476 51.14 -16.29 15.53
CA ASP C 476 51.17 -16.58 14.11
C ASP C 476 49.75 -16.72 13.59
N GLU C 477 49.60 -17.00 12.30
CA GLU C 477 48.24 -17.01 11.75
C GLU C 477 47.42 -18.20 12.18
N THR C 478 47.88 -19.01 13.13
CA THR C 478 47.03 -20.05 13.70
C THR C 478 46.01 -19.48 14.69
N TYR C 479 46.24 -18.27 15.19
CA TYR C 479 45.38 -17.57 16.14
C TYR C 479 44.26 -16.80 15.46
N CYS C 480 43.26 -16.42 16.24
CA CYS C 480 42.25 -15.47 15.78
C CYS C 480 41.83 -14.53 16.92
N ASP C 481 42.81 -13.91 17.58
CA ASP C 481 42.61 -13.14 18.80
C ASP C 481 41.41 -12.18 18.77
N PRO C 482 41.03 -11.57 17.64
CA PRO C 482 39.73 -10.87 17.64
C PRO C 482 38.58 -11.78 18.05
N ALA C 483 38.55 -13.01 17.55
CA ALA C 483 37.44 -13.90 17.85
C ALA C 483 37.41 -14.27 19.32
N ALA C 484 38.47 -13.96 20.06
CA ALA C 484 38.55 -14.25 21.49
C ALA C 484 37.79 -13.24 22.34
N LEU C 485 37.25 -12.19 21.74
CA LEU C 485 36.39 -11.26 22.44
C LEU C 485 34.94 -11.56 22.07
N PHE C 486 34.04 -11.39 23.05
CA PHE C 486 32.67 -11.86 22.89
C PHE C 486 32.00 -11.28 21.64
N HIS C 487 32.06 -9.96 21.45
CA HIS C 487 31.24 -9.37 20.39
C HIS C 487 31.68 -9.84 19.03
N VAL C 488 32.98 -10.16 18.87
CA VAL C 488 33.50 -10.59 17.59
C VAL C 488 32.97 -11.98 17.24
N ALA C 489 33.05 -12.92 18.18
CA ALA C 489 32.54 -14.27 17.94
C ALA C 489 31.03 -14.30 17.82
N ASN C 490 30.33 -13.30 18.33
CA ASN C 490 28.88 -13.37 18.38
C ASN C 490 28.25 -12.40 17.40
N ASP C 491 29.04 -11.93 16.44
CA ASP C 491 28.48 -11.24 15.27
C ASP C 491 27.74 -9.98 15.70
N TYR C 492 28.44 -9.12 16.46
CA TYR C 492 27.91 -7.83 16.89
C TYR C 492 28.84 -6.74 16.40
N SER C 493 28.27 -5.70 15.80
CA SER C 493 29.06 -4.54 15.37
C SER C 493 29.64 -3.86 16.61
N PHE C 494 30.84 -3.29 16.50
CA PHE C 494 31.47 -2.72 17.68
C PHE C 494 31.49 -1.21 17.72
N ILE C 495 31.26 -0.53 16.60
CA ILE C 495 31.48 0.92 16.57
C ILE C 495 30.53 1.67 17.50
N ARG C 496 29.39 1.09 17.87
CA ARG C 496 28.44 1.76 18.74
C ARG C 496 29.09 2.27 20.02
N TYR C 497 30.01 1.48 20.60
CA TYR C 497 30.65 1.95 21.82
C TYR C 497 31.46 3.21 21.57
N TYR C 498 31.91 3.41 20.34
CA TYR C 498 32.61 4.64 19.98
C TYR C 498 31.63 5.80 19.82
N THR C 499 30.60 5.63 18.98
CA THR C 499 29.71 6.75 18.71
C THR C 499 28.87 7.11 19.92
N ARG C 500 28.30 6.12 20.61
CA ARG C 500 27.47 6.45 21.77
C ARG C 500 28.28 7.14 22.86
N THR C 501 29.56 6.79 22.99
CA THR C 501 30.43 7.54 23.90
C THR C 501 30.52 9.00 23.49
N ILE C 502 30.79 9.27 22.20
CA ILE C 502 30.92 10.63 21.72
C ILE C 502 29.59 11.37 21.80
N TYR C 503 28.49 10.74 21.34
CA TYR C 503 27.18 11.39 21.40
C TYR C 503 26.87 11.90 22.80
N GLN C 504 27.15 11.08 23.81
CA GLN C 504 26.72 11.42 25.17
C GLN C 504 27.34 12.74 25.62
N PHE C 505 28.61 12.97 25.33
CA PHE C 505 29.20 14.20 25.82
C PHE C 505 28.74 15.41 25.01
N GLN C 506 28.41 15.23 23.72
CA GLN C 506 27.79 16.32 22.98
C GLN C 506 26.48 16.71 23.62
N PHE C 507 25.69 15.70 24.01
CA PHE C 507 24.41 15.92 24.65
C PHE C 507 24.56 16.70 25.95
N GLN C 508 25.53 16.30 26.78
CA GLN C 508 25.71 16.96 28.06
C GLN C 508 26.16 18.41 27.87
N GLU C 509 27.15 18.63 27.01
CA GLU C 509 27.63 20.01 26.81
C GLU C 509 26.49 20.89 26.32
N ALA C 510 25.70 20.39 25.38
CA ALA C 510 24.67 21.24 24.80
C ALA C 510 23.57 21.50 25.80
N LEU C 511 23.25 20.52 26.63
CA LEU C 511 22.21 20.71 27.62
C LEU C 511 22.68 21.65 28.72
N CYS C 512 23.96 21.57 29.10
CA CYS C 512 24.46 22.43 30.18
C CYS C 512 24.56 23.89 29.74
N GLN C 513 24.92 24.14 28.47
CA GLN C 513 24.92 25.51 27.98
C GLN C 513 23.53 26.12 28.11
N ILE C 514 22.49 25.34 27.77
CA ILE C 514 21.12 25.82 27.91
C ILE C 514 20.79 26.05 29.38
N ALA C 515 21.27 25.17 30.25
CA ALA C 515 21.05 25.32 31.68
C ALA C 515 21.94 26.39 32.28
N LYS C 516 22.75 27.06 31.46
CA LYS C 516 23.67 28.12 31.88
C LYS C 516 24.55 27.63 33.03
N HIS C 517 25.31 26.58 32.74
CA HIS C 517 26.20 26.02 33.75
C HIS C 517 27.46 26.84 33.83
N GLU C 518 27.93 27.04 35.07
CA GLU C 518 29.04 27.97 35.33
C GLU C 518 30.42 27.33 35.10
N GLY C 519 30.76 26.30 35.88
CA GLY C 519 32.14 25.87 35.99
C GLY C 519 32.66 25.07 34.83
N PRO C 520 33.50 24.08 35.11
CA PRO C 520 33.89 23.12 34.08
C PRO C 520 32.79 22.09 33.83
N LEU C 521 32.82 21.49 32.62
CA LEU C 521 31.70 20.67 32.18
C LEU C 521 31.44 19.50 33.12
N TYR C 522 32.50 18.97 33.74
CA TYR C 522 32.35 17.74 34.52
C TYR C 522 31.64 17.97 35.85
N LYS C 523 31.36 19.22 36.22
CA LYS C 523 30.61 19.52 37.44
C LYS C 523 29.15 19.86 37.15
N CYS C 524 28.71 19.72 35.91
CA CYS C 524 27.40 20.21 35.50
C CYS C 524 26.27 19.29 35.97
N ASP C 525 25.22 19.88 36.55
CA ASP C 525 24.02 19.18 37.01
C ASP C 525 22.83 19.90 36.36
N ILE C 526 22.14 19.23 35.44
CA ILE C 526 21.10 19.90 34.66
C ILE C 526 19.77 19.92 35.40
N SER C 527 19.74 19.48 36.67
CA SER C 527 18.52 19.55 37.47
C SER C 527 17.92 20.96 37.38
N ASN C 528 16.59 21.02 37.28
CA ASN C 528 15.78 22.23 37.39
C ASN C 528 15.90 23.16 36.21
N SER C 529 16.48 22.71 35.10
CA SER C 529 16.50 23.49 33.86
C SER C 529 15.39 22.98 32.95
N ARG C 530 14.16 23.45 33.22
CA ARG C 530 13.03 23.05 32.38
C ARG C 530 13.32 23.34 30.92
N GLU C 531 14.23 24.28 30.62
CA GLU C 531 14.58 24.58 29.25
C GLU C 531 15.44 23.49 28.64
N ALA C 532 16.48 23.06 29.38
CA ALA C 532 17.31 21.96 28.89
C ALA C 532 16.45 20.72 28.65
N GLY C 533 15.62 20.37 29.64
CA GLY C 533 14.80 19.19 29.51
C GLY C 533 13.90 19.25 28.29
N GLN C 534 13.23 20.38 28.07
CA GLN C 534 12.31 20.41 26.96
C GLN C 534 13.05 20.43 25.64
N LYS C 535 14.24 21.04 25.60
CA LYS C 535 15.07 20.93 24.41
C LYS C 535 15.42 19.47 24.15
N LEU C 536 15.81 18.75 25.21
CA LEU C 536 16.06 17.32 25.09
C LEU C 536 14.84 16.60 24.57
N HIS C 537 13.66 16.94 25.10
CA HIS C 537 12.45 16.24 24.71
C HIS C 537 12.16 16.40 23.22
N GLU C 538 12.46 17.55 22.65
CA GLU C 538 12.15 17.76 21.24
C GLU C 538 12.82 16.71 20.36
N MET C 539 13.93 16.15 20.83
CA MET C 539 14.68 15.15 20.08
C MET C 539 14.25 13.74 20.46
N LEU C 540 14.10 13.47 21.76
CA LEU C 540 13.57 12.18 22.17
C LEU C 540 12.26 11.90 21.46
N SER C 541 11.40 12.91 21.34
CA SER C 541 10.06 12.60 20.84
C SER C 541 10.06 12.31 19.34
N LEU C 542 11.17 12.58 18.65
CA LEU C 542 11.28 12.25 17.24
C LEU C 542 11.38 10.76 17.01
N GLY C 543 12.09 10.06 17.90
CA GLY C 543 12.44 8.68 17.63
C GLY C 543 13.24 8.58 16.35
N ARG C 544 12.86 7.59 15.52
CA ARG C 544 13.49 7.34 14.23
C ARG C 544 12.77 8.01 13.08
N SER C 545 11.94 9.01 13.35
CA SER C 545 11.14 9.57 12.26
C SER C 545 11.95 10.53 11.39
N LYS C 546 13.06 11.06 11.88
CA LYS C 546 13.96 11.95 11.16
C LYS C 546 15.36 11.35 11.12
N PRO C 547 16.19 11.76 10.17
CA PRO C 547 17.58 11.27 10.15
C PRO C 547 18.27 11.54 11.48
N TRP C 548 19.20 10.66 11.85
CA TRP C 548 19.84 10.88 13.14
C TRP C 548 20.69 12.14 13.12
N THR C 549 21.16 12.54 11.93
CA THR C 549 21.88 13.79 11.82
C THR C 549 21.00 14.96 12.25
N PHE C 550 19.73 14.94 11.81
CA PHE C 550 18.76 15.94 12.24
C PHE C 550 18.51 15.87 13.74
N ALA C 551 18.28 14.66 14.26
CA ALA C 551 18.04 14.48 15.68
C ALA C 551 19.18 15.05 16.50
N LEU C 552 20.42 14.71 16.13
CA LEU C 552 21.59 15.24 16.81
C LEU C 552 21.54 16.75 16.87
N GLU C 553 21.35 17.38 15.70
CA GLU C 553 21.38 18.83 15.58
C GLU C 553 20.29 19.48 16.40
N ARG C 554 19.10 18.87 16.43
CA ARG C 554 18.02 19.34 17.27
C ARG C 554 18.49 19.65 18.69
N VAL C 555 19.47 18.89 19.18
CA VAL C 555 19.94 19.07 20.55
C VAL C 555 21.21 19.91 20.60
N VAL C 556 22.18 19.61 19.75
CA VAL C 556 23.55 20.13 19.92
C VAL C 556 23.92 21.19 18.89
N GLY C 557 23.18 21.33 17.80
CA GLY C 557 23.45 22.36 16.82
C GLY C 557 24.20 21.91 15.59
N ALA C 558 24.90 20.76 15.67
CA ALA C 558 25.66 20.20 14.57
C ALA C 558 24.98 18.93 14.06
N LYS C 559 25.16 18.65 12.77
CA LYS C 559 24.68 17.40 12.20
C LYS C 559 25.71 16.28 12.27
N THR C 560 26.83 16.47 12.99
CA THR C 560 27.94 15.52 12.94
C THR C 560 28.35 15.08 14.33
N MET C 561 29.02 13.93 14.34
CA MET C 561 29.57 13.38 15.56
C MET C 561 30.84 14.14 15.90
N ASP C 562 30.85 14.82 17.05
CA ASP C 562 31.87 15.80 17.39
C ASP C 562 32.51 15.46 18.72
N VAL C 563 33.82 15.20 18.72
CA VAL C 563 34.44 14.72 19.95
C VAL C 563 34.90 15.85 20.86
N ARG C 564 34.93 17.09 20.39
CA ARG C 564 35.46 18.16 21.22
C ARG C 564 34.73 18.29 22.54
N PRO C 565 33.40 18.16 22.62
CA PRO C 565 32.75 18.06 23.94
C PRO C 565 33.41 17.07 24.90
N LEU C 566 33.61 15.82 24.48
CA LEU C 566 34.30 14.84 25.31
C LEU C 566 35.62 15.42 25.82
N LEU C 567 36.42 16.01 24.93
CA LEU C 567 37.70 16.58 25.35
C LEU C 567 37.50 17.68 26.39
N ASN C 568 36.48 18.53 26.18
CA ASN C 568 36.20 19.58 27.15
C ASN C 568 35.84 19.00 28.52
N TYR C 569 35.12 17.87 28.54
CA TYR C 569 34.81 17.18 29.80
C TYR C 569 36.09 16.82 30.53
N PHE C 570 37.03 16.21 29.82
CA PHE C 570 38.28 15.76 30.43
C PHE C 570 39.36 16.84 30.44
N GLU C 571 39.05 18.08 30.05
CA GLU C 571 40.07 19.13 30.06
C GLU C 571 40.75 19.32 31.42
N PRO C 572 40.05 19.34 32.55
CA PRO C 572 40.78 19.35 33.83
C PRO C 572 41.71 18.16 34.01
N LEU C 573 41.34 16.98 33.50
CA LEU C 573 42.27 15.85 33.55
C LEU C 573 43.37 15.96 32.50
N PHE C 574 43.08 16.60 31.37
CA PHE C 574 44.11 16.75 30.35
C PHE C 574 45.31 17.50 30.91
N THR C 575 45.07 18.69 31.48
CA THR C 575 46.19 19.49 31.94
C THR C 575 46.92 18.81 33.09
N TRP C 576 46.19 18.15 33.98
CA TRP C 576 46.84 17.43 35.07
C TRP C 576 47.70 16.29 34.53
N LEU C 577 47.21 15.55 33.53
CA LEU C 577 48.02 14.49 32.96
C LEU C 577 49.29 15.06 32.32
N LYS C 578 49.15 16.17 31.61
CA LYS C 578 50.33 16.82 31.04
C LYS C 578 51.31 17.21 32.13
N GLU C 579 50.79 17.65 33.29
CA GLU C 579 51.67 18.01 34.38
C GLU C 579 52.41 16.79 34.93
N GLN C 580 51.72 15.65 35.10
CA GLN C 580 52.39 14.47 35.64
C GLN C 580 53.44 13.90 34.70
N ASN C 581 53.32 14.18 33.40
CA ASN C 581 54.24 13.64 32.41
C ASN C 581 55.32 14.63 32.04
N ARG C 582 55.57 15.64 32.88
CA ARG C 582 56.62 16.62 32.57
C ARG C 582 57.95 15.93 32.33
N ASN C 583 58.18 14.80 32.99
CA ASN C 583 59.48 14.13 32.93
C ASN C 583 59.40 12.64 32.60
N SER C 584 58.23 12.14 32.22
CA SER C 584 58.18 10.85 31.55
C SER C 584 57.98 11.10 30.06
N PHE C 585 58.24 10.06 29.26
CA PHE C 585 58.13 10.20 27.82
C PHE C 585 56.68 9.94 27.39
N VAL C 586 56.17 10.78 26.51
CA VAL C 586 54.81 10.67 26.00
C VAL C 586 54.85 10.10 24.58
N GLY C 587 54.18 8.95 24.38
CA GLY C 587 54.13 8.25 23.12
C GLY C 587 54.66 6.82 23.25
N TRP C 588 54.86 6.18 22.11
CA TRP C 588 55.36 4.80 22.10
C TRP C 588 55.92 4.45 20.73
N ASN C 589 56.90 3.55 20.72
CA ASN C 589 57.48 3.04 19.49
C ASN C 589 56.96 1.63 19.22
N THR C 590 56.82 1.31 17.93
CA THR C 590 56.06 0.15 17.47
C THR C 590 56.85 -1.15 17.49
N ASP C 591 58.10 -1.19 17.98
CA ASP C 591 58.89 -2.41 17.87
C ASP C 591 59.41 -2.99 19.18
N TRP C 592 59.27 -2.32 20.32
CA TRP C 592 59.61 -3.00 21.55
C TRP C 592 58.54 -4.05 21.86
N SER C 593 58.96 -5.20 22.38
CA SER C 593 58.03 -6.23 22.82
C SER C 593 58.68 -7.02 23.94
N PRO C 594 57.89 -7.66 24.82
CA PRO C 594 58.48 -8.42 25.94
C PRO C 594 59.24 -9.67 25.53
N TYR C 595 59.14 -10.13 24.28
CA TYR C 595 59.92 -11.28 23.81
C TYR C 595 61.08 -10.92 22.88
N ALA C 596 61.09 -9.71 22.31
CA ALA C 596 62.18 -9.24 21.45
C ALA C 596 63.55 -9.38 22.12
N THR D 2 -44.70 10.11 36.68
CA THR D 2 -43.30 10.18 37.10
C THR D 2 -42.60 8.81 37.18
N ASN D 3 -42.69 8.01 36.12
CA ASN D 3 -41.67 6.99 35.92
C ASN D 3 -40.38 7.68 35.47
N LEU D 4 -39.25 7.25 36.04
CA LEU D 4 -38.00 7.95 35.80
C LEU D 4 -37.16 7.23 34.76
N CYS D 5 -36.50 8.01 33.92
CA CYS D 5 -36.00 7.52 32.65
C CYS D 5 -35.00 6.41 32.87
N PRO D 6 -35.04 5.36 32.05
CA PRO D 6 -34.15 4.21 32.27
C PRO D 6 -32.74 4.51 31.82
N PHE D 7 -32.17 5.60 32.32
CA PHE D 7 -30.76 5.87 32.06
C PHE D 7 -29.89 4.80 32.69
N GLY D 8 -30.39 4.13 33.73
CA GLY D 8 -29.63 3.06 34.34
C GLY D 8 -29.24 1.96 33.36
N GLU D 9 -30.17 1.59 32.48
CA GLU D 9 -29.88 0.48 31.58
C GLU D 9 -28.95 0.87 30.44
N VAL D 10 -28.76 2.15 30.17
CA VAL D 10 -27.76 2.54 29.17
C VAL D 10 -26.42 2.81 29.82
N PHE D 11 -26.39 3.43 31.00
CA PHE D 11 -25.10 3.75 31.61
C PHE D 11 -24.49 2.54 32.30
N ASN D 12 -25.27 1.83 33.13
CA ASN D 12 -24.79 0.66 33.86
C ASN D 12 -25.11 -0.65 33.13
N ALA D 13 -25.19 -0.64 31.80
CA ALA D 13 -25.35 -1.86 31.02
C ALA D 13 -24.16 -2.81 31.25
N THR D 14 -24.35 -4.08 30.95
CA THR D 14 -23.27 -5.01 31.29
C THR D 14 -22.22 -5.05 30.19
N ARG D 15 -22.64 -5.27 28.94
CA ARG D 15 -21.79 -5.12 27.78
C ARG D 15 -22.25 -3.91 26.96
N PHE D 16 -21.29 -3.27 26.31
CA PHE D 16 -21.52 -2.12 25.44
C PHE D 16 -21.35 -2.57 23.99
N ALA D 17 -21.97 -1.81 23.08
CA ALA D 17 -21.78 -2.06 21.67
C ALA D 17 -20.36 -1.71 21.23
N SER D 18 -19.88 -2.40 20.21
CA SER D 18 -18.71 -1.91 19.49
C SER D 18 -19.07 -0.61 18.78
N VAL D 19 -18.10 0.29 18.65
CA VAL D 19 -18.39 1.62 18.13
C VAL D 19 -18.96 1.57 16.71
N TYR D 20 -18.43 0.67 15.86
CA TYR D 20 -18.93 0.65 14.48
C TYR D 20 -20.40 0.29 14.44
N ALA D 21 -20.87 -0.48 15.41
CA ALA D 21 -22.24 -0.93 15.52
C ALA D 21 -22.87 -0.31 16.75
N TRP D 22 -22.59 0.97 16.92
CA TRP D 22 -23.03 1.73 18.08
C TRP D 22 -24.53 1.66 18.26
N ASN D 23 -24.95 1.44 19.49
CA ASN D 23 -26.34 1.27 19.83
C ASN D 23 -26.96 2.61 20.22
N ARG D 24 -28.26 2.77 19.90
CA ARG D 24 -29.05 3.96 20.24
C ARG D 24 -30.28 3.56 21.02
N LYS D 25 -30.51 4.23 22.14
CA LYS D 25 -31.71 4.04 22.95
C LYS D 25 -32.49 5.35 22.92
N ARG D 26 -33.77 5.26 22.56
CA ARG D 26 -34.64 6.43 22.57
C ARG D 26 -35.29 6.57 23.94
N ILE D 27 -35.16 7.75 24.53
CA ILE D 27 -35.64 8.02 25.88
C ILE D 27 -36.81 8.99 25.73
N SER D 28 -37.97 8.58 26.22
CA SER D 28 -39.19 9.35 26.01
C SER D 28 -40.20 9.06 27.10
N ASN D 29 -40.98 10.09 27.45
CA ASN D 29 -42.14 9.95 28.33
C ASN D 29 -41.74 9.49 29.73
N CYS D 30 -40.77 10.18 30.31
CA CYS D 30 -40.28 9.87 31.66
C CYS D 30 -39.62 11.11 32.23
N VAL D 31 -39.37 11.08 33.53
CA VAL D 31 -38.71 12.19 34.22
C VAL D 31 -37.24 11.84 34.35
N ALA D 32 -36.40 12.63 33.69
CA ALA D 32 -34.97 12.37 33.63
C ALA D 32 -34.30 13.06 34.83
N ASP D 33 -33.62 12.27 35.66
CA ASP D 33 -32.74 12.83 36.67
C ASP D 33 -31.30 12.63 36.25
N TYR D 34 -30.50 13.70 36.32
CA TYR D 34 -29.09 13.62 35.99
C TYR D 34 -28.22 13.90 37.24
N SER D 44 -12.58 10.16 33.65
CA SER D 44 -14.02 10.45 33.47
C SER D 44 -14.26 11.84 32.86
N THR D 45 -15.10 12.00 31.84
CA THR D 45 -15.34 13.32 31.23
C THR D 45 -16.82 13.50 30.91
N PHE D 46 -17.25 14.77 30.89
CA PHE D 46 -18.66 15.15 30.67
C PHE D 46 -18.63 16.47 29.91
N LYS D 47 -18.67 16.39 28.58
CA LYS D 47 -18.56 17.56 27.71
C LYS D 47 -19.88 17.81 26.99
N CYS D 48 -20.44 19.01 27.14
CA CYS D 48 -21.69 19.38 26.51
C CYS D 48 -21.47 20.49 25.49
N TYR D 49 -22.35 20.55 24.49
CA TYR D 49 -22.23 21.46 23.35
C TYR D 49 -23.60 22.09 23.10
N GLY D 50 -23.70 23.40 23.27
CA GLY D 50 -24.96 24.09 23.05
C GLY D 50 -26.04 23.85 24.09
N VAL D 51 -25.75 23.17 25.18
CA VAL D 51 -26.75 22.89 26.20
C VAL D 51 -26.03 22.99 27.53
N SER D 52 -26.69 23.54 28.55
CA SER D 52 -26.00 23.70 29.82
C SER D 52 -26.31 22.52 30.74
N PRO D 53 -25.33 21.69 31.07
CA PRO D 53 -25.62 20.52 31.91
C PRO D 53 -26.20 20.88 33.27
N THR D 54 -25.84 22.01 33.85
CA THR D 54 -26.37 22.29 35.17
C THR D 54 -27.84 22.70 35.12
N LYS D 55 -28.31 23.24 33.98
CA LYS D 55 -29.71 23.56 33.78
C LYS D 55 -30.52 22.40 33.28
N LEU D 56 -30.00 21.17 33.32
CA LEU D 56 -30.71 20.06 32.71
C LEU D 56 -31.86 19.59 33.57
N ASN D 57 -31.71 19.65 34.90
CA ASN D 57 -32.82 19.26 35.76
C ASN D 57 -33.99 20.23 35.68
N ASP D 58 -33.79 21.41 35.07
CA ASP D 58 -34.84 22.40 34.89
C ASP D 58 -35.40 22.42 33.48
N LEU D 59 -35.13 21.39 32.67
CA LEU D 59 -35.43 21.47 31.25
C LEU D 59 -36.32 20.31 30.81
N CYS D 60 -37.01 20.52 29.69
CA CYS D 60 -37.92 19.54 29.09
C CYS D 60 -37.65 19.39 27.61
N PHE D 61 -37.77 18.16 27.11
CA PHE D 61 -37.48 17.86 25.71
C PHE D 61 -38.49 16.88 25.15
N THR D 62 -38.70 16.99 23.84
CA THR D 62 -39.58 16.05 23.13
C THR D 62 -38.99 14.65 23.13
N ASN D 63 -37.67 14.53 22.96
CA ASN D 63 -36.98 13.26 22.90
C ASN D 63 -35.51 13.43 23.31
N VAL D 64 -34.99 12.45 24.05
CA VAL D 64 -33.58 12.34 24.36
C VAL D 64 -33.06 11.04 23.77
N TYR D 65 -31.95 11.11 23.06
CA TYR D 65 -31.35 9.94 22.42
C TYR D 65 -30.04 9.61 23.12
N ALA D 66 -29.87 8.35 23.53
CA ALA D 66 -28.62 7.89 24.13
C ALA D 66 -27.93 6.87 23.22
N ASP D 67 -26.77 7.26 22.69
CA ASP D 67 -25.90 6.38 21.95
C ASP D 67 -24.76 5.93 22.85
N SER D 68 -24.41 4.66 22.76
CA SER D 68 -23.40 4.11 23.65
C SER D 68 -22.49 3.22 22.83
N PHE D 69 -21.23 3.15 23.22
CA PHE D 69 -20.23 2.29 22.57
C PHE D 69 -18.96 2.36 23.40
N VAL D 70 -17.97 1.57 22.99
CA VAL D 70 -16.65 1.54 23.62
C VAL D 70 -15.61 1.90 22.56
N ILE D 71 -14.63 2.69 22.97
CA ILE D 71 -13.43 3.00 22.19
C ILE D 71 -12.27 3.09 23.17
N ARG D 72 -11.06 3.34 22.66
CA ARG D 72 -10.00 3.56 23.63
C ARG D 72 -9.90 5.06 23.98
N GLY D 73 -9.22 5.35 25.10
CA GLY D 73 -9.18 6.71 25.62
C GLY D 73 -8.54 7.70 24.65
N ASP D 74 -7.48 7.25 23.96
CA ASP D 74 -6.87 8.02 22.89
C ASP D 74 -7.89 8.58 21.92
N GLU D 75 -9.06 7.94 21.78
CA GLU D 75 -10.04 8.30 20.78
C GLU D 75 -11.23 9.07 21.33
N VAL D 76 -11.33 9.25 22.65
CA VAL D 76 -12.50 9.93 23.17
C VAL D 76 -12.57 11.34 22.60
N ARG D 77 -11.40 11.92 22.24
CA ARG D 77 -11.41 13.28 21.71
C ARG D 77 -12.18 13.39 20.42
N GLN D 78 -12.49 12.28 19.74
CA GLN D 78 -13.18 12.36 18.47
C GLN D 78 -14.70 12.36 18.60
N ILE D 79 -15.25 12.12 19.78
CA ILE D 79 -16.71 12.15 19.94
C ILE D 79 -17.04 13.59 20.32
N ALA D 80 -17.08 14.44 19.31
CA ALA D 80 -17.20 15.88 19.43
C ALA D 80 -17.39 16.44 18.03
N PRO D 81 -18.07 17.58 17.89
CA PRO D 81 -18.28 18.15 16.57
C PRO D 81 -16.96 18.50 15.88
N GLY D 82 -16.96 18.34 14.55
CA GLY D 82 -15.84 18.72 13.72
C GLY D 82 -14.54 18.11 14.15
N GLN D 83 -14.47 16.79 14.14
CA GLN D 83 -13.26 16.08 14.53
C GLN D 83 -12.96 15.09 13.43
N THR D 84 -11.72 14.64 13.38
CA THR D 84 -11.41 13.58 12.42
C THR D 84 -10.54 12.52 13.08
N GLY D 85 -10.50 11.36 12.44
CA GLY D 85 -9.84 10.20 12.98
C GLY D 85 -10.60 8.99 12.50
N LYS D 86 -10.09 7.77 12.70
CA LYS D 86 -10.83 6.61 12.23
C LYS D 86 -12.19 6.53 12.89
N ILE D 87 -12.28 6.86 14.18
CA ILE D 87 -13.56 6.76 14.87
C ILE D 87 -14.57 7.75 14.28
N ALA D 88 -14.19 9.03 14.20
CA ALA D 88 -15.09 10.03 13.65
C ALA D 88 -15.37 9.79 12.18
N ASP D 89 -14.35 9.44 11.40
CA ASP D 89 -14.53 9.31 9.96
C ASP D 89 -15.34 8.07 9.61
N TYR D 90 -15.07 6.94 10.29
CA TYR D 90 -15.58 5.64 9.87
C TYR D 90 -16.53 4.94 10.85
N ASN D 91 -16.66 5.39 12.10
CA ASN D 91 -17.46 4.64 13.06
C ASN D 91 -18.65 5.42 13.61
N TYR D 92 -18.44 6.61 14.19
CA TYR D 92 -19.52 7.39 14.79
C TYR D 92 -19.19 8.88 14.62
N LYS D 93 -20.04 9.61 13.89
CA LYS D 93 -19.74 10.99 13.50
C LYS D 93 -20.79 11.94 14.07
N LEU D 94 -20.32 12.97 14.92
CA LEU D 94 -21.29 13.99 15.32
C LEU D 94 -21.28 15.15 14.33
N PRO D 95 -22.41 15.82 14.15
CA PRO D 95 -22.45 16.97 13.22
C PRO D 95 -21.82 18.23 13.80
N ASP D 96 -21.42 19.15 12.91
CA ASP D 96 -20.82 20.41 13.35
C ASP D 96 -21.72 21.20 14.30
N ASP D 97 -23.04 21.14 14.10
CA ASP D 97 -24.05 21.84 14.90
C ASP D 97 -24.55 21.00 16.06
N PHE D 98 -23.74 20.08 16.58
CA PHE D 98 -24.21 19.18 17.61
C PHE D 98 -24.65 19.95 18.85
N THR D 99 -25.78 19.56 19.43
CA THR D 99 -26.25 20.16 20.67
C THR D 99 -26.60 19.03 21.64
N GLY D 100 -25.66 18.71 22.52
CA GLY D 100 -25.86 17.60 23.43
C GLY D 100 -24.63 17.37 24.29
N CYS D 101 -24.61 16.26 25.03
CA CYS D 101 -23.49 15.97 25.91
C CYS D 101 -22.87 14.63 25.56
N VAL D 102 -21.56 14.52 25.82
CA VAL D 102 -20.81 13.30 25.56
C VAL D 102 -20.17 12.87 26.88
N ILE D 103 -20.85 11.97 27.60
CA ILE D 103 -20.31 11.42 28.84
C ILE D 103 -19.37 10.28 28.51
N ALA D 104 -18.21 10.23 29.18
CA ALA D 104 -17.21 9.20 28.92
C ALA D 104 -16.58 8.78 30.23
N TRP D 105 -16.22 7.50 30.36
CA TRP D 105 -15.50 7.09 31.55
C TRP D 105 -14.64 5.87 31.26
N ASN D 106 -13.59 5.71 32.07
CA ASN D 106 -12.62 4.63 31.88
C ASN D 106 -13.18 3.32 32.40
N SER D 107 -13.24 2.30 31.54
CA SER D 107 -13.83 1.02 31.90
C SER D 107 -12.80 -0.10 31.84
N ASN D 108 -11.57 0.18 32.26
CA ASN D 108 -10.52 -0.83 32.22
C ASN D 108 -10.88 -1.99 33.13
N ASN D 109 -11.43 -1.69 34.31
CA ASN D 109 -11.81 -2.72 35.27
C ASN D 109 -12.88 -3.64 34.72
N LEU D 110 -13.74 -3.14 33.84
CA LEU D 110 -14.87 -3.89 33.33
C LEU D 110 -14.62 -4.56 32.00
N ASP D 111 -13.83 -3.94 31.12
CA ASP D 111 -13.75 -4.41 29.75
C ASP D 111 -12.40 -4.98 29.36
N SER D 112 -11.44 -5.06 30.27
CA SER D 112 -10.21 -5.79 29.99
C SER D 112 -10.35 -7.23 30.44
N LYS D 113 -9.57 -8.09 29.81
CA LYS D 113 -9.29 -9.43 30.29
C LYS D 113 -7.78 -9.53 30.40
N VAL D 114 -7.30 -10.39 31.30
CA VAL D 114 -5.87 -10.65 31.34
C VAL D 114 -5.39 -11.27 30.03
N GLY D 115 -6.18 -12.19 29.47
CA GLY D 115 -5.87 -12.64 28.13
C GLY D 115 -5.91 -11.50 27.12
N GLY D 116 -6.76 -10.53 27.36
CA GLY D 116 -7.09 -9.56 26.34
C GLY D 116 -8.53 -9.82 25.95
N ASN D 117 -9.29 -8.75 25.82
CA ASN D 117 -10.66 -8.84 25.35
C ASN D 117 -10.70 -8.24 23.96
N TYR D 118 -11.13 -9.04 23.00
CA TYR D 118 -11.16 -8.64 21.60
C TYR D 118 -12.58 -8.68 21.03
N ASN D 119 -13.61 -8.45 21.84
CA ASN D 119 -14.98 -8.44 21.31
C ASN D 119 -15.45 -7.04 20.95
N TYR D 120 -14.63 -6.03 21.21
CA TYR D 120 -14.91 -4.67 20.80
C TYR D 120 -14.17 -4.41 19.49
N LEU D 121 -14.91 -4.05 18.46
CA LEU D 121 -14.33 -3.78 17.16
C LEU D 121 -14.55 -2.33 16.78
N PHE D 122 -13.75 -1.86 15.82
CA PHE D 122 -14.02 -0.60 15.13
C PHE D 122 -13.75 -0.80 13.66
N ARG D 123 -14.27 0.12 12.86
CA ARG D 123 -14.07 0.04 11.41
C ARG D 123 -12.81 0.79 11.07
N LEU D 124 -11.87 0.10 10.44
CA LEU D 124 -10.57 0.68 10.09
C LEU D 124 -10.54 1.28 8.69
N PHE D 125 -11.31 0.76 7.74
CA PHE D 125 -11.27 1.27 6.37
C PHE D 125 -12.67 1.47 5.80
N ARG D 126 -12.84 2.57 5.06
CA ARG D 126 -14.12 2.86 4.45
C ARG D 126 -13.86 3.70 3.20
N LYS D 127 -14.67 3.50 2.15
CA LYS D 127 -14.52 4.27 0.93
C LYS D 127 -14.87 5.75 1.11
N SER D 128 -15.58 6.12 2.17
CA SER D 128 -15.87 7.51 2.44
C SER D 128 -16.29 7.64 3.90
N ASN D 129 -16.18 8.86 4.43
CA ASN D 129 -16.55 9.14 5.83
C ASN D 129 -18.07 9.12 5.99
N LEU D 130 -18.52 8.64 7.16
CA LEU D 130 -19.95 8.65 7.47
C LEU D 130 -20.47 10.08 7.58
N LYS D 131 -21.74 10.25 7.22
CA LYS D 131 -22.41 11.48 7.57
C LYS D 131 -22.85 11.42 9.02
N PRO D 132 -23.20 12.55 9.64
CA PRO D 132 -23.45 12.53 11.07
C PRO D 132 -24.58 11.60 11.45
N PHE D 133 -24.36 10.86 12.53
CA PHE D 133 -25.32 9.91 13.08
C PHE D 133 -25.63 8.77 12.12
N GLU D 134 -24.78 8.56 11.10
CA GLU D 134 -24.89 7.38 10.28
C GLU D 134 -24.22 6.19 10.97
N ARG D 135 -24.78 4.99 10.71
CA ARG D 135 -24.23 3.72 11.21
C ARG D 135 -24.04 2.77 10.04
N ASP D 136 -22.85 2.19 9.95
CA ASP D 136 -22.47 1.25 8.90
C ASP D 136 -21.98 -0.02 9.57
N ILE D 137 -22.69 -1.15 9.35
CA ILE D 137 -22.27 -2.42 9.94
C ILE D 137 -21.95 -3.45 8.87
N SER D 138 -21.62 -3.01 7.66
CA SER D 138 -21.20 -3.91 6.60
C SER D 138 -19.90 -4.60 7.00
N THR D 139 -19.69 -5.80 6.46
CA THR D 139 -18.42 -6.48 6.63
C THR D 139 -17.79 -6.81 5.27
N GLU D 140 -17.85 -5.87 4.34
CA GLU D 140 -17.39 -6.12 2.98
C GLU D 140 -15.88 -6.02 2.93
N ILE D 141 -15.22 -6.96 2.24
CA ILE D 141 -13.76 -6.90 2.14
C ILE D 141 -13.35 -5.60 1.44
N TYR D 142 -12.44 -4.83 2.08
CA TYR D 142 -12.08 -3.50 1.58
C TYR D 142 -11.03 -3.57 0.46
N GLN D 143 -11.31 -2.92 -0.66
CA GLN D 143 -10.44 -3.00 -1.83
C GLN D 143 -9.64 -1.69 -2.01
N ALA D 144 -8.45 -1.64 -1.42
CA ALA D 144 -7.59 -0.49 -1.61
C ALA D 144 -7.02 -0.43 -3.02
N GLY D 145 -6.69 -1.57 -3.60
CA GLY D 145 -6.06 -1.60 -4.91
C GLY D 145 -7.05 -1.47 -6.04
N SER D 146 -6.56 -1.71 -7.25
CA SER D 146 -7.45 -1.80 -8.39
C SER D 146 -7.83 -3.23 -8.75
N THR D 147 -6.97 -4.24 -8.43
CA THR D 147 -7.42 -5.59 -8.77
C THR D 147 -8.29 -6.14 -7.62
N PRO D 148 -9.49 -6.62 -7.91
CA PRO D 148 -10.48 -6.82 -6.84
C PRO D 148 -10.16 -8.00 -5.91
N CYS D 149 -10.98 -8.11 -4.86
CA CYS D 149 -10.69 -8.98 -3.73
C CYS D 149 -11.18 -10.40 -3.89
N ASN D 150 -12.27 -10.59 -4.62
CA ASN D 150 -12.94 -11.89 -4.70
C ASN D 150 -13.06 -12.51 -3.31
N GLY D 151 -13.42 -11.67 -2.34
CA GLY D 151 -13.75 -12.13 -1.00
C GLY D 151 -12.62 -12.70 -0.18
N VAL D 152 -11.35 -12.55 -0.58
CA VAL D 152 -10.23 -13.05 0.19
C VAL D 152 -9.30 -11.90 0.54
N GLU D 153 -8.94 -11.79 1.83
CA GLU D 153 -8.03 -10.77 2.32
C GLU D 153 -6.64 -10.99 1.74
N GLY D 154 -5.79 -9.98 1.95
CA GLY D 154 -4.47 -9.96 1.38
C GLY D 154 -4.49 -9.41 -0.04
N PHE D 155 -3.29 -9.04 -0.51
CA PHE D 155 -3.09 -8.38 -1.82
C PHE D 155 -3.91 -7.11 -1.92
N ASN D 156 -3.60 -6.16 -1.03
CA ASN D 156 -4.23 -4.83 -1.02
C ASN D 156 -5.73 -4.91 -0.86
N CYS D 157 -6.16 -5.90 -0.08
CA CYS D 157 -7.56 -6.14 0.25
C CYS D 157 -7.60 -6.45 1.74
N TYR D 158 -8.46 -5.76 2.48
CA TYR D 158 -8.44 -5.85 3.94
C TYR D 158 -9.86 -6.03 4.47
N PHE D 159 -9.98 -6.83 5.51
CA PHE D 159 -11.26 -6.92 6.18
C PHE D 159 -11.49 -5.63 6.95
N PRO D 160 -12.64 -5.03 6.86
CA PRO D 160 -12.78 -3.64 7.28
C PRO D 160 -12.88 -3.44 8.79
N LEU D 161 -13.36 -4.43 9.52
CA LEU D 161 -13.40 -4.31 10.98
C LEU D 161 -12.11 -4.82 11.59
N GLN D 162 -11.73 -4.25 12.74
CA GLN D 162 -10.51 -4.68 13.42
C GLN D 162 -10.76 -4.66 14.93
N SER D 163 -10.04 -5.54 15.63
CA SER D 163 -10.29 -5.79 17.04
C SER D 163 -9.51 -4.82 17.93
N TYR D 164 -10.05 -4.55 19.11
CA TYR D 164 -9.37 -3.63 20.02
C TYR D 164 -8.30 -4.34 20.86
N GLY D 165 -8.65 -5.41 21.55
CA GLY D 165 -7.59 -5.97 22.35
C GLY D 165 -7.18 -5.21 23.62
N PHE D 166 -8.06 -5.21 24.63
CA PHE D 166 -7.84 -4.53 25.89
C PHE D 166 -7.26 -5.48 26.96
N GLN D 167 -5.93 -5.29 27.31
CA GLN D 167 -5.43 -5.89 28.53
C GLN D 167 -5.33 -4.81 29.59
N PRO D 168 -5.54 -5.18 30.87
CA PRO D 168 -5.56 -4.16 31.93
C PRO D 168 -4.21 -3.50 32.16
N THR D 169 -3.12 -4.08 31.64
CA THR D 169 -1.80 -3.45 31.78
C THR D 169 -1.53 -2.40 30.73
N ASN D 170 -2.42 -2.27 29.75
CA ASN D 170 -2.28 -1.25 28.73
C ASN D 170 -2.22 0.16 29.37
N GLY D 171 -1.48 1.05 28.71
CA GLY D 171 -1.49 2.44 29.13
C GLY D 171 -2.87 3.07 28.98
N VAL D 172 -3.01 4.22 29.64
CA VAL D 172 -4.31 4.87 29.74
C VAL D 172 -4.90 5.17 28.36
N GLY D 173 -4.06 5.62 27.43
CA GLY D 173 -4.60 5.94 26.11
C GLY D 173 -5.12 4.74 25.36
N TYR D 174 -4.59 3.54 25.67
CA TYR D 174 -4.97 2.29 25.01
C TYR D 174 -6.06 1.53 25.76
N GLN D 175 -6.48 2.04 26.89
CA GLN D 175 -7.49 1.40 27.72
C GLN D 175 -8.91 1.59 27.18
N PRO D 176 -9.85 0.74 27.57
CA PRO D 176 -11.23 0.91 27.11
C PRO D 176 -11.98 2.01 27.86
N TYR D 177 -12.71 2.83 27.10
CA TYR D 177 -13.60 3.83 27.64
C TYR D 177 -15.02 3.61 27.13
N ARG D 178 -16.00 3.77 28.01
CA ARG D 178 -17.41 3.67 27.66
C ARG D 178 -17.97 5.06 27.42
N VAL D 179 -18.63 5.24 26.28
CA VAL D 179 -19.11 6.55 25.87
C VAL D 179 -20.63 6.51 25.75
N VAL D 180 -21.30 7.50 26.32
CA VAL D 180 -22.72 7.73 26.10
C VAL D 180 -22.90 9.12 25.53
N VAL D 181 -23.50 9.22 24.37
CA VAL D 181 -23.81 10.50 23.73
C VAL D 181 -25.29 10.77 23.87
N LEU D 182 -25.64 11.85 24.57
CA LEU D 182 -27.02 12.28 24.76
C LEU D 182 -27.35 13.41 23.80
N SER D 183 -28.28 13.18 22.86
CA SER D 183 -28.80 14.23 21.99
C SER D 183 -30.18 14.65 22.48
N PHE D 184 -30.43 15.96 22.50
CA PHE D 184 -31.68 16.50 23.02
C PHE D 184 -32.47 17.14 21.88
N GLU D 185 -33.78 16.86 21.86
CA GLU D 185 -34.61 17.17 20.69
C GLU D 185 -35.79 18.06 21.09
N LEU D 186 -35.98 19.14 20.31
CA LEU D 186 -37.12 20.06 20.41
C LEU D 186 -37.89 19.99 19.10
N LEU D 187 -39.15 19.54 19.16
CA LEU D 187 -39.77 19.03 17.93
C LEU D 187 -41.22 19.51 17.76
N HIS D 188 -41.51 20.74 18.23
CA HIS D 188 -42.83 21.37 18.11
C HIS D 188 -43.94 20.34 18.29
N ALA D 189 -43.89 19.65 19.43
CA ALA D 189 -44.82 18.61 19.87
C ALA D 189 -44.66 18.49 21.38
N PRO D 190 -45.60 17.84 22.08
CA PRO D 190 -45.56 17.87 23.55
C PRO D 190 -44.27 17.24 24.10
N ALA D 191 -43.60 17.97 24.98
CA ALA D 191 -42.37 17.48 25.61
C ALA D 191 -42.70 16.35 26.59
N THR D 192 -41.94 15.26 26.52
CA THR D 192 -42.21 14.08 27.36
C THR D 192 -41.02 13.66 28.22
N VAL D 193 -39.87 14.31 28.10
CA VAL D 193 -38.69 14.01 28.92
C VAL D 193 -38.37 15.27 29.70
N CYS D 194 -38.58 15.24 31.01
CA CYS D 194 -38.39 16.40 31.85
C CYS D 194 -37.61 16.05 33.10
N GLY D 195 -36.69 16.93 33.47
CA GLY D 195 -36.02 16.80 34.74
C GLY D 195 -37.02 16.94 35.88
N PRO D 196 -36.55 16.75 37.12
CA PRO D 196 -37.47 16.89 38.26
C PRO D 196 -38.14 18.27 38.37
N HIS D 197 -37.68 19.29 37.64
CA HIS D 197 -38.25 20.65 37.69
C HIS D 197 -38.86 21.06 36.33
N SER E 1 -5.77 -30.09 18.56
CA SER E 1 -4.58 -30.44 19.34
C SER E 1 -3.43 -30.96 18.44
N THR E 2 -3.65 -32.10 17.76
CA THR E 2 -2.61 -32.76 16.98
C THR E 2 -2.24 -31.93 15.75
N THR E 3 -1.03 -32.17 15.24
CA THR E 3 -0.61 -31.46 14.05
C THR E 3 -1.41 -31.90 12.82
N GLU E 4 -1.92 -33.13 12.78
CA GLU E 4 -2.85 -33.47 11.71
C GLU E 4 -4.18 -32.71 11.85
N ASP E 5 -4.61 -32.43 13.08
CA ASP E 5 -5.82 -31.61 13.28
C ASP E 5 -5.63 -30.23 12.68
N LEU E 6 -4.50 -29.60 12.99
CA LEU E 6 -4.24 -28.27 12.46
C LEU E 6 -4.19 -28.30 10.94
N ALA E 7 -3.52 -29.30 10.36
CA ALA E 7 -3.37 -29.36 8.91
C ALA E 7 -4.71 -29.59 8.23
N LYS E 8 -5.57 -30.42 8.82
CA LYS E 8 -6.89 -30.60 8.24
C LYS E 8 -7.64 -29.29 8.21
N THR E 9 -7.54 -28.51 9.31
CA THR E 9 -8.22 -27.23 9.38
C THR E 9 -7.65 -26.24 8.37
N PHE E 10 -6.32 -26.16 8.27
CA PHE E 10 -5.69 -25.22 7.34
C PHE E 10 -6.06 -25.55 5.91
N LEU E 11 -6.14 -26.83 5.57
CA LEU E 11 -6.54 -27.20 4.23
C LEU E 11 -7.98 -26.78 3.94
N GLU E 12 -8.87 -26.86 4.93
CA GLU E 12 -10.26 -26.47 4.68
C GLU E 12 -10.38 -25.00 4.32
N LYS E 13 -9.71 -24.11 5.05
CA LYS E 13 -9.77 -22.70 4.67
C LYS E 13 -9.04 -22.46 3.34
N PHE E 14 -7.93 -23.15 3.12
CA PHE E 14 -7.23 -23.03 1.85
C PHE E 14 -8.15 -23.37 0.68
N ASN E 15 -8.88 -24.47 0.77
CA ASN E 15 -9.72 -24.88 -0.35
C ASN E 15 -10.68 -23.78 -0.77
N TYR E 16 -11.22 -23.02 0.19
CA TYR E 16 -12.22 -22.01 -0.17
C TYR E 16 -11.55 -20.82 -0.85
N GLU E 17 -10.42 -20.35 -0.31
CA GLU E 17 -9.68 -19.28 -0.96
C GLU E 17 -9.06 -19.77 -2.27
N ALA E 18 -8.44 -20.95 -2.24
CA ALA E 18 -7.81 -21.45 -3.45
C ALA E 18 -8.85 -21.56 -4.57
N GLU E 19 -10.01 -22.15 -4.25
CA GLU E 19 -11.10 -22.21 -5.21
C GLU E 19 -11.40 -20.83 -5.80
N GLU E 20 -11.45 -19.82 -4.95
CA GLU E 20 -11.86 -18.49 -5.40
C GLU E 20 -10.87 -17.90 -6.40
N LEU E 21 -9.58 -17.88 -6.03
CA LEU E 21 -8.56 -17.22 -6.84
C LEU E 21 -8.19 -18.03 -8.08
N SER E 22 -8.22 -19.36 -7.97
CA SER E 22 -7.96 -20.20 -9.13
C SER E 22 -9.09 -20.13 -10.15
N TYR E 23 -10.33 -19.89 -9.71
CA TYR E 23 -11.42 -19.73 -10.66
C TYR E 23 -11.40 -18.36 -11.32
N GLN E 24 -10.86 -17.35 -10.63
CA GLN E 24 -10.66 -16.05 -11.28
C GLN E 24 -9.62 -16.15 -12.37
N ASN E 25 -8.57 -16.95 -12.12
CA ASN E 25 -7.54 -17.12 -13.13
C ASN E 25 -8.10 -17.87 -14.33
N SER E 26 -8.81 -18.97 -14.05
CA SER E 26 -9.40 -19.73 -15.14
C SER E 26 -10.35 -18.86 -15.96
N LEU E 27 -11.15 -18.03 -15.30
CA LEU E 27 -12.06 -17.17 -16.02
C LEU E 27 -11.32 -16.19 -16.92
N ALA E 28 -10.31 -15.52 -16.36
CA ALA E 28 -9.57 -14.52 -17.13
C ALA E 28 -8.78 -15.16 -18.26
N SER E 29 -8.17 -16.32 -17.97
CA SER E 29 -7.52 -17.09 -19.01
C SER E 29 -8.51 -17.48 -20.10
N TRP E 30 -9.73 -17.87 -19.72
CA TRP E 30 -10.72 -18.24 -20.73
C TRP E 30 -11.12 -17.04 -21.56
N ASN E 31 -11.27 -15.88 -20.91
CA ASN E 31 -11.70 -14.67 -21.62
C ASN E 31 -10.69 -14.30 -22.69
N TYR E 32 -9.40 -14.35 -22.36
CA TYR E 32 -8.38 -14.11 -23.35
C TYR E 32 -8.41 -15.16 -24.45
N ASN E 33 -8.55 -16.43 -24.08
CA ASN E 33 -8.49 -17.47 -25.10
C ASN E 33 -9.67 -17.39 -26.08
N THR E 34 -10.80 -16.86 -25.66
CA THR E 34 -11.94 -16.76 -26.57
C THR E 34 -12.15 -15.36 -27.08
N ASN E 35 -11.26 -14.42 -26.74
CA ASN E 35 -11.34 -13.05 -27.26
C ASN E 35 -9.97 -12.41 -27.05
N ILE E 36 -9.12 -12.47 -28.07
CA ILE E 36 -7.74 -12.01 -27.91
C ILE E 36 -7.73 -10.49 -28.02
N THR E 37 -7.39 -9.81 -26.93
CA THR E 37 -7.23 -8.37 -26.92
C THR E 37 -6.18 -8.01 -25.87
N ASP E 38 -5.59 -6.81 -26.00
CA ASP E 38 -4.56 -6.39 -25.07
C ASP E 38 -5.14 -6.21 -23.67
N GLU E 39 -6.38 -5.73 -23.59
CA GLU E 39 -7.03 -5.59 -22.30
C GLU E 39 -7.22 -6.95 -21.63
N ASN E 40 -7.54 -7.97 -22.42
CA ASN E 40 -7.73 -9.29 -21.83
C ASN E 40 -6.42 -9.96 -21.45
N ILE E 41 -5.32 -9.67 -22.16
CA ILE E 41 -4.02 -10.13 -21.69
C ILE E 41 -3.72 -9.53 -20.32
N GLN E 42 -3.95 -8.22 -20.18
CA GLN E 42 -3.76 -7.55 -18.90
C GLN E 42 -4.56 -8.25 -17.81
N LYS E 43 -5.85 -8.44 -18.06
CA LYS E 43 -6.71 -9.04 -17.05
C LYS E 43 -6.27 -10.46 -16.75
N MET E 44 -5.85 -11.20 -17.77
CA MET E 44 -5.39 -12.57 -17.56
C MET E 44 -4.06 -12.60 -16.82
N ASN E 45 -3.18 -11.65 -17.12
CA ASN E 45 -1.92 -11.55 -16.38
C ASN E 45 -2.17 -11.24 -14.92
N ILE E 46 -3.03 -10.26 -14.63
CA ILE E 46 -3.26 -9.87 -13.25
C ILE E 46 -3.84 -11.04 -12.46
N ALA E 47 -4.88 -11.70 -12.99
CA ALA E 47 -5.44 -12.86 -12.29
C ALA E 47 -4.40 -13.94 -12.07
N GLY E 48 -3.68 -14.31 -13.12
CA GLY E 48 -2.66 -15.33 -12.97
C GLY E 48 -1.59 -14.95 -11.97
N ALA E 49 -1.17 -13.68 -11.99
CA ALA E 49 -0.16 -13.25 -11.04
C ALA E 49 -0.63 -13.42 -9.59
N LYS E 50 -1.85 -12.96 -9.30
CA LYS E 50 -2.36 -13.11 -7.95
C LYS E 50 -2.42 -14.57 -7.56
N TRP E 51 -2.88 -15.43 -8.49
CA TRP E 51 -3.03 -16.85 -8.17
C TRP E 51 -1.69 -17.47 -7.82
N SER E 52 -0.64 -17.13 -8.55
CA SER E 52 0.67 -17.68 -8.25
C SER E 52 1.18 -17.17 -6.92
N ALA E 53 1.06 -15.87 -6.68
CA ALA E 53 1.55 -15.30 -5.43
C ALA E 53 0.89 -16.00 -4.25
N PHE E 54 -0.43 -16.15 -4.31
CA PHE E 54 -1.16 -16.82 -3.26
C PHE E 54 -0.70 -18.26 -3.08
N TYR E 55 -0.58 -19.01 -4.17
CA TYR E 55 -0.16 -20.42 -4.05
C TYR E 55 1.20 -20.54 -3.37
N GLU E 56 2.18 -19.72 -3.78
CA GLU E 56 3.51 -19.82 -3.19
C GLU E 56 3.47 -19.44 -1.72
N GLU E 57 2.63 -18.46 -1.36
CA GLU E 57 2.48 -18.06 0.02
C GLU E 57 1.92 -19.19 0.88
N GLU E 58 0.80 -19.78 0.44
CA GLU E 58 0.19 -20.87 1.17
C GLU E 58 1.00 -22.15 1.10
N SER E 59 1.84 -22.31 0.08
CA SER E 59 2.75 -23.44 0.06
C SER E 59 3.76 -23.33 1.21
N GLN E 60 4.30 -22.13 1.43
CA GLN E 60 5.20 -21.93 2.57
C GLN E 60 4.47 -22.20 3.87
N HIS E 61 3.23 -21.72 3.98
CA HIS E 61 2.41 -22.02 5.14
C HIS E 61 2.25 -23.52 5.32
N ALA E 62 1.93 -24.23 4.23
CA ALA E 62 1.69 -25.67 4.28
C ALA E 62 2.92 -26.43 4.70
N LYS E 63 4.10 -25.81 4.64
CA LYS E 63 5.33 -26.46 5.10
C LYS E 63 5.41 -26.53 6.61
N THR E 64 4.57 -25.81 7.36
CA THR E 64 4.69 -25.86 8.82
C THR E 64 4.03 -27.10 9.45
N TYR E 65 3.35 -27.94 8.67
CA TYR E 65 2.73 -29.15 9.21
C TYR E 65 3.55 -30.34 8.75
N PRO E 66 4.46 -30.84 9.58
CA PRO E 66 5.43 -31.84 9.12
C PRO E 66 4.74 -33.11 8.66
N LEU E 67 5.12 -33.56 7.47
CA LEU E 67 4.51 -34.74 6.88
C LEU E 67 4.61 -35.96 7.80
N GLU E 68 5.72 -36.08 8.53
CA GLU E 68 5.91 -37.24 9.40
C GLU E 68 4.88 -37.27 10.53
N GLU E 69 4.39 -36.12 10.96
CA GLU E 69 3.44 -35.99 12.04
C GLU E 69 1.99 -36.22 11.59
N ILE E 70 1.78 -36.56 10.32
CA ILE E 70 0.45 -36.73 9.75
C ILE E 70 0.25 -38.19 9.42
N GLN E 71 -0.86 -38.75 9.86
CA GLN E 71 -1.18 -40.15 9.61
C GLN E 71 -2.11 -40.31 8.42
N ASP E 72 -3.20 -39.53 8.36
CA ASP E 72 -4.22 -39.78 7.34
C ASP E 72 -3.65 -39.57 5.95
N PRO E 73 -3.67 -40.60 5.09
CA PRO E 73 -3.08 -40.43 3.75
C PRO E 73 -3.75 -39.34 2.93
N ILE E 74 -5.08 -39.17 3.02
CA ILE E 74 -5.75 -38.18 2.18
C ILE E 74 -5.27 -36.76 2.52
N ILE E 75 -4.90 -36.51 3.77
CA ILE E 75 -4.38 -35.20 4.12
C ILE E 75 -2.94 -35.07 3.67
N LYS E 76 -2.12 -36.08 3.93
CA LYS E 76 -0.71 -36.03 3.49
C LYS E 76 -0.63 -35.82 1.97
N ARG E 77 -1.53 -36.45 1.21
CA ARG E 77 -1.48 -36.30 -0.24
C ARG E 77 -1.76 -34.87 -0.65
N GLN E 78 -2.77 -34.23 -0.04
CA GLN E 78 -2.99 -32.81 -0.27
C GLN E 78 -1.76 -31.99 0.12
N LEU E 79 -1.22 -32.23 1.33
CA LEU E 79 -0.07 -31.45 1.78
C LEU E 79 1.13 -31.61 0.86
N ARG E 80 1.38 -32.84 0.41
CA ARG E 80 2.51 -33.10 -0.47
C ARG E 80 2.41 -32.25 -1.73
N ALA E 81 1.20 -32.09 -2.26
CA ALA E 81 1.01 -31.28 -3.45
C ALA E 81 1.39 -29.82 -3.21
N LEU E 82 0.93 -29.24 -2.09
CA LEU E 82 1.32 -27.88 -1.74
C LEU E 82 2.81 -27.78 -1.42
N GLN E 83 3.28 -28.64 -0.52
CA GLN E 83 4.57 -28.42 0.17
C GLN E 83 5.75 -28.31 -0.77
N GLN E 84 5.66 -28.86 -1.98
CA GLN E 84 6.76 -28.61 -2.91
C GLN E 84 6.64 -27.22 -3.53
N SER E 85 7.74 -26.46 -3.42
CA SER E 85 8.34 -25.73 -4.53
C SER E 85 9.70 -26.40 -4.78
N GLY E 86 10.36 -26.00 -5.86
CA GLY E 86 11.65 -26.57 -6.11
C GLY E 86 12.75 -25.54 -6.19
N SER E 87 12.43 -24.34 -6.71
CA SER E 87 13.48 -23.40 -6.99
C SER E 87 13.74 -22.42 -5.85
N SER E 88 12.84 -22.38 -4.86
CA SER E 88 13.01 -21.54 -3.69
C SER E 88 14.30 -21.84 -2.95
N VAL E 89 14.83 -23.06 -3.09
CA VAL E 89 16.04 -23.48 -2.40
C VAL E 89 17.32 -22.90 -2.99
N LEU E 90 17.22 -22.23 -4.13
CA LEU E 90 18.39 -21.67 -4.79
C LEU E 90 18.68 -20.27 -4.27
N SER E 91 19.94 -19.87 -4.39
CA SER E 91 20.31 -18.49 -4.10
C SER E 91 19.46 -17.55 -4.96
N ALA E 92 19.23 -16.34 -4.46
CA ALA E 92 18.40 -15.40 -5.20
C ALA E 92 18.98 -15.13 -6.58
N ASP E 93 20.31 -15.08 -6.68
CA ASP E 93 20.95 -14.80 -7.96
C ASP E 93 20.90 -16.01 -8.88
N LYS E 94 21.12 -17.22 -8.35
CA LYS E 94 21.05 -18.40 -9.21
C LYS E 94 19.63 -18.74 -9.64
N ARG E 95 18.60 -18.28 -8.92
CA ARG E 95 17.24 -18.49 -9.40
C ARG E 95 16.90 -17.53 -10.52
N GLU E 96 17.33 -16.27 -10.41
CA GLU E 96 17.13 -15.31 -11.49
C GLU E 96 17.89 -15.73 -12.73
N ARG E 97 19.11 -16.22 -12.57
CA ARG E 97 19.91 -16.69 -13.70
C ARG E 97 19.28 -17.90 -14.37
N LEU E 98 18.67 -18.78 -13.58
CA LEU E 98 18.01 -19.94 -14.18
C LEU E 98 16.74 -19.53 -14.92
N ASN E 99 15.98 -18.58 -14.37
CA ASN E 99 14.80 -18.14 -15.12
C ASN E 99 15.20 -17.36 -16.36
N THR E 100 16.34 -16.67 -16.31
CA THR E 100 16.85 -16.00 -17.49
C THR E 100 17.15 -17.02 -18.59
N ILE E 101 17.75 -18.16 -18.23
CA ILE E 101 18.10 -19.17 -19.22
C ILE E 101 16.86 -19.85 -19.77
N LEU E 102 15.85 -20.08 -18.92
CA LEU E 102 14.64 -20.71 -19.45
C LEU E 102 13.98 -19.82 -20.49
N ASN E 103 14.00 -18.50 -20.30
CA ASN E 103 13.44 -17.61 -21.32
C ASN E 103 14.35 -17.52 -22.53
N ALA E 104 15.66 -17.41 -22.32
CA ALA E 104 16.58 -17.41 -23.44
C ALA E 104 16.38 -18.62 -24.33
N MET E 105 16.08 -19.78 -23.73
CA MET E 105 15.94 -20.98 -24.54
C MET E 105 14.58 -21.04 -25.20
N SER E 106 13.51 -20.65 -24.50
CA SER E 106 12.19 -20.71 -25.11
C SER E 106 12.10 -19.78 -26.32
N THR E 107 12.62 -18.55 -26.19
CA THR E 107 12.48 -17.60 -27.30
C THR E 107 13.33 -18.02 -28.49
N ILE E 108 14.57 -18.43 -28.28
CA ILE E 108 15.38 -18.72 -29.46
C ILE E 108 14.99 -20.08 -30.02
N TYR E 109 13.97 -20.71 -29.44
CA TYR E 109 13.30 -21.79 -30.15
C TYR E 109 12.16 -21.25 -31.00
N SER E 110 11.31 -20.40 -30.41
CA SER E 110 10.15 -19.87 -31.12
C SER E 110 10.48 -18.69 -32.02
N THR E 111 11.70 -18.17 -32.01
CA THR E 111 12.08 -17.14 -32.97
C THR E 111 13.25 -17.51 -33.86
N GLY E 112 13.90 -18.64 -33.62
CA GLY E 112 15.03 -19.01 -34.46
C GLY E 112 14.61 -19.40 -35.86
N LYS E 113 15.49 -19.08 -36.82
CA LYS E 113 15.24 -19.31 -38.24
C LYS E 113 16.31 -20.23 -38.83
N ALA E 114 16.03 -20.73 -40.03
CA ALA E 114 17.04 -21.46 -40.80
C ALA E 114 16.96 -21.01 -42.25
N CYS E 115 18.13 -20.86 -42.90
CA CYS E 115 18.21 -20.28 -44.23
C CYS E 115 18.57 -21.33 -45.26
N ASN E 116 17.88 -21.27 -46.38
CA ASN E 116 18.09 -22.19 -47.49
C ASN E 116 19.40 -21.85 -48.19
N PRO E 117 20.36 -22.76 -48.27
CA PRO E 117 21.60 -22.44 -49.01
C PRO E 117 21.38 -22.10 -50.48
N ASN E 118 20.45 -22.78 -51.16
CA ASN E 118 20.18 -22.46 -52.57
C ASN E 118 19.63 -21.04 -52.73
N ASN E 119 18.83 -20.58 -51.77
CA ASN E 119 18.03 -19.35 -51.87
C ASN E 119 18.33 -18.44 -50.66
N PRO E 120 19.48 -17.77 -50.66
CA PRO E 120 20.08 -17.31 -49.39
C PRO E 120 19.19 -16.44 -48.50
N GLN E 121 18.11 -15.85 -49.00
CA GLN E 121 17.20 -15.12 -48.11
C GLN E 121 15.81 -15.76 -48.08
N GLU E 122 15.73 -17.07 -48.27
CA GLU E 122 14.57 -17.86 -47.85
C GLU E 122 14.93 -18.39 -46.46
N CYS E 123 14.64 -17.60 -45.43
CA CYS E 123 15.03 -17.92 -44.06
C CYS E 123 13.75 -18.16 -43.27
N LEU E 124 13.49 -19.43 -42.98
CA LEU E 124 12.18 -19.86 -42.49
C LEU E 124 12.19 -20.12 -40.99
N LEU E 125 11.10 -19.68 -40.34
CA LEU E 125 10.82 -20.13 -38.98
C LEU E 125 10.60 -21.64 -38.97
N LEU E 126 10.78 -22.25 -37.81
CA LEU E 126 10.26 -23.59 -37.65
C LEU E 126 8.76 -23.58 -37.84
N GLU E 127 8.06 -22.59 -37.27
CA GLU E 127 6.66 -22.82 -36.89
C GLU E 127 5.72 -22.96 -38.07
N PRO E 128 5.61 -21.99 -39.00
CA PRO E 128 5.02 -22.37 -40.31
C PRO E 128 6.00 -23.15 -41.17
N GLY E 129 7.22 -22.63 -41.29
CA GLY E 129 8.07 -22.89 -42.44
C GLY E 129 8.85 -24.19 -42.55
N LEU E 130 9.80 -24.43 -41.63
CA LEU E 130 10.53 -25.68 -41.66
C LEU E 130 9.60 -26.86 -41.43
N ASP E 131 8.57 -26.67 -40.60
CA ASP E 131 7.61 -27.73 -40.35
C ASP E 131 6.91 -28.18 -41.62
N ASP E 132 6.57 -27.23 -42.50
CA ASP E 132 5.91 -27.61 -43.75
C ASP E 132 6.84 -28.45 -44.62
N ILE E 133 8.14 -28.13 -44.64
CA ILE E 133 9.10 -28.94 -45.37
C ILE E 133 9.19 -30.35 -44.79
N MET E 134 9.27 -30.44 -43.46
CA MET E 134 9.61 -31.70 -42.81
C MET E 134 8.43 -32.62 -42.63
N GLU E 135 7.21 -32.16 -42.92
CA GLU E 135 6.04 -33.03 -42.89
C GLU E 135 5.50 -33.37 -44.27
N ASN E 136 5.93 -32.66 -45.32
CA ASN E 136 5.30 -32.77 -46.63
C ASN E 136 6.26 -32.94 -47.80
N SER E 137 7.54 -32.66 -47.65
CA SER E 137 8.42 -32.83 -48.78
C SER E 137 8.80 -34.29 -48.94
N LYS E 138 9.06 -34.67 -50.19
CA LYS E 138 9.61 -35.98 -50.50
C LYS E 138 10.98 -35.87 -51.16
N ASP E 139 11.63 -34.69 -51.11
CA ASP E 139 12.95 -34.49 -51.68
C ASP E 139 14.03 -34.74 -50.63
N TYR E 140 14.97 -35.63 -50.95
CA TYR E 140 16.00 -35.99 -49.97
C TYR E 140 16.87 -34.80 -49.63
N ASN E 141 17.18 -33.94 -50.60
CA ASN E 141 18.05 -32.81 -50.29
C ASN E 141 17.29 -31.63 -49.69
N GLU E 142 16.03 -31.41 -50.07
CA GLU E 142 15.27 -30.35 -49.43
C GLU E 142 15.09 -30.63 -47.95
N ARG E 143 14.72 -31.87 -47.59
CA ARG E 143 14.56 -32.23 -46.18
C ARG E 143 15.86 -32.09 -45.43
N LEU E 144 16.98 -32.52 -46.05
CA LEU E 144 18.26 -32.55 -45.34
C LEU E 144 18.70 -31.16 -44.94
N TRP E 145 18.59 -30.18 -45.85
CA TRP E 145 18.93 -28.81 -45.45
C TRP E 145 18.14 -28.41 -44.21
N ALA E 146 16.82 -28.58 -44.24
CA ALA E 146 15.98 -28.05 -43.17
C ALA E 146 16.26 -28.75 -41.85
N TRP E 147 16.42 -30.08 -41.88
CA TRP E 147 16.76 -30.83 -40.68
C TRP E 147 18.11 -30.39 -40.13
N GLU E 148 19.12 -30.37 -40.99
CA GLU E 148 20.45 -29.94 -40.60
C GLU E 148 20.48 -28.45 -40.28
N GLY E 149 19.73 -27.64 -41.02
CA GLY E 149 19.77 -26.21 -40.80
C GLY E 149 19.25 -25.82 -39.44
N TRP E 150 18.11 -26.38 -39.07
CA TRP E 150 17.49 -26.03 -37.79
C TRP E 150 18.35 -26.50 -36.61
N ARG E 151 19.04 -27.63 -36.77
CA ARG E 151 19.92 -28.08 -35.69
C ARG E 151 21.20 -27.29 -35.62
N SER E 152 21.67 -26.73 -36.76
CA SER E 152 22.94 -26.01 -36.78
C SER E 152 22.80 -24.53 -36.43
N GLU E 153 21.72 -23.87 -36.81
CA GLU E 153 21.60 -22.47 -36.41
C GLU E 153 20.91 -22.32 -35.06
N VAL E 154 19.83 -23.06 -34.80
CA VAL E 154 19.11 -22.94 -33.53
C VAL E 154 19.65 -23.90 -32.49
N GLY E 155 20.05 -25.10 -32.88
CA GLY E 155 20.59 -26.02 -31.90
C GLY E 155 21.85 -25.49 -31.25
N LYS E 156 22.79 -25.01 -32.07
CA LYS E 156 24.09 -24.63 -31.53
C LYS E 156 23.96 -23.45 -30.59
N GLN E 157 23.06 -22.51 -30.90
CA GLN E 157 22.76 -21.44 -29.95
C GLN E 157 22.30 -22.00 -28.62
N LEU E 158 21.53 -23.09 -28.65
CA LEU E 158 20.96 -23.65 -27.44
C LEU E 158 21.96 -24.47 -26.62
N ARG E 159 23.06 -24.92 -27.22
CA ARG E 159 24.00 -25.78 -26.51
C ARG E 159 24.64 -25.09 -25.31
N PRO E 160 25.26 -23.91 -25.43
CA PRO E 160 25.84 -23.31 -24.24
C PRO E 160 24.81 -23.16 -23.15
N LEU E 161 23.61 -22.74 -23.54
CA LEU E 161 22.53 -22.54 -22.59
C LEU E 161 22.15 -23.85 -21.92
N TYR E 162 22.07 -24.94 -22.69
CA TYR E 162 21.66 -26.21 -22.10
C TYR E 162 22.65 -26.69 -21.01
N GLU E 163 23.96 -26.59 -21.29
CA GLU E 163 24.98 -27.05 -20.35
C GLU E 163 24.85 -26.36 -19.00
N GLU E 164 24.56 -25.05 -19.01
CA GLU E 164 24.37 -24.31 -17.76
C GLU E 164 23.04 -24.69 -17.13
N TYR E 165 22.02 -24.90 -17.96
CA TYR E 165 20.71 -25.27 -17.44
C TYR E 165 20.76 -26.61 -16.70
N VAL E 166 21.48 -27.59 -17.27
CA VAL E 166 21.66 -28.89 -16.60
C VAL E 166 22.27 -28.70 -15.23
N ALA E 167 23.30 -27.85 -15.13
CA ALA E 167 23.98 -27.64 -13.86
C ALA E 167 23.07 -26.97 -12.83
N LEU E 168 22.41 -25.88 -13.21
CA LEU E 168 21.53 -25.22 -12.25
C LEU E 168 20.39 -26.12 -11.84
N LYS E 169 19.81 -26.85 -12.79
CA LYS E 169 18.68 -27.71 -12.41
C LYS E 169 19.14 -28.81 -11.45
N ASN E 170 20.31 -29.40 -11.70
CA ASN E 170 20.84 -30.44 -10.81
C ASN E 170 21.08 -29.88 -9.42
N GLU E 171 21.66 -28.67 -9.33
CA GLU E 171 21.84 -28.04 -8.03
C GLU E 171 20.51 -27.87 -7.33
N MET E 172 19.48 -27.45 -8.08
CA MET E 172 18.15 -27.29 -7.52
C MET E 172 17.62 -28.62 -6.99
N ALA E 173 17.61 -29.65 -7.83
CA ALA E 173 17.02 -30.91 -7.41
C ALA E 173 17.79 -31.53 -6.26
N ARG E 174 19.12 -31.43 -6.31
CA ARG E 174 19.93 -32.00 -5.23
C ARG E 174 19.69 -31.25 -3.93
N ALA E 175 19.54 -29.94 -3.99
CA ALA E 175 19.19 -29.19 -2.79
C ALA E 175 17.81 -29.54 -2.26
N ASN E 176 16.97 -30.20 -3.04
CA ASN E 176 15.71 -30.73 -2.53
C ASN E 176 15.78 -32.21 -2.21
N ASN E 177 17.00 -32.76 -2.11
CA ASN E 177 17.30 -34.13 -1.68
C ASN E 177 16.95 -35.19 -2.69
N TYR E 178 16.91 -34.82 -3.97
CA TYR E 178 16.83 -35.75 -5.07
C TYR E 178 18.23 -36.01 -5.59
N GLU E 179 18.38 -37.15 -6.26
CA GLU E 179 19.70 -37.52 -6.77
C GLU E 179 20.21 -36.49 -7.77
N ASP E 180 19.33 -36.06 -8.67
CA ASP E 180 19.63 -35.23 -9.82
C ASP E 180 18.30 -34.81 -10.39
N TYR E 181 18.33 -33.96 -11.42
CA TYR E 181 17.08 -33.40 -11.92
C TYR E 181 16.18 -34.47 -12.50
N GLY E 182 16.74 -35.53 -13.08
CA GLY E 182 15.90 -36.58 -13.61
C GLY E 182 15.16 -37.35 -12.51
N ASP E 183 15.87 -37.69 -11.44
CA ASP E 183 15.21 -38.27 -10.28
C ASP E 183 14.05 -37.39 -9.83
N TYR E 184 14.28 -36.07 -9.83
CA TYR E 184 13.26 -35.07 -9.53
C TYR E 184 12.03 -35.25 -10.41
N TRP E 185 12.23 -35.32 -11.72
CA TRP E 185 11.07 -35.49 -12.61
C TRP E 185 10.38 -36.80 -12.37
N ARG E 186 11.14 -37.89 -12.26
CA ARG E 186 10.56 -39.19 -12.00
C ARG E 186 9.75 -39.20 -10.70
N GLY E 187 9.89 -38.17 -9.86
CA GLY E 187 9.02 -38.04 -8.72
C GLY E 187 7.56 -37.97 -9.09
N ASP E 188 7.25 -37.50 -10.30
CA ASP E 188 5.86 -37.33 -10.68
C ASP E 188 5.12 -38.64 -10.78
N TYR E 189 5.83 -39.76 -10.64
CA TYR E 189 5.26 -41.09 -10.56
C TYR E 189 5.35 -41.69 -9.16
N GLU E 190 6.12 -41.09 -8.25
CA GLU E 190 6.31 -41.62 -6.91
C GLU E 190 4.98 -41.68 -6.16
N GLU E 191 4.77 -42.76 -5.41
CA GLU E 191 3.66 -42.87 -4.48
C GLU E 191 4.13 -43.45 -3.16
N GLU E 192 3.85 -42.75 -2.07
CA GLU E 192 4.21 -43.19 -0.74
C GLU E 192 2.95 -43.32 0.07
N TRP E 193 3.13 -43.75 1.32
CA TRP E 193 2.12 -43.78 2.39
C TRP E 193 1.04 -44.85 2.19
N ALA E 194 1.06 -45.60 1.09
CA ALA E 194 0.14 -46.70 0.91
C ALA E 194 0.88 -48.01 1.17
N ASP E 195 0.11 -49.11 1.22
CA ASP E 195 0.59 -50.39 1.73
C ASP E 195 0.65 -51.40 0.59
N GLY E 196 1.76 -51.41 -0.12
CA GLY E 196 1.89 -52.21 -1.31
C GLY E 196 1.47 -51.51 -2.57
N TYR E 197 0.89 -50.32 -2.47
CA TYR E 197 0.65 -49.48 -3.62
C TYR E 197 1.74 -48.44 -3.78
N ASN E 198 2.80 -48.53 -2.98
CA ASN E 198 3.92 -47.63 -3.10
C ASN E 198 4.58 -47.81 -4.46
N TYR E 199 5.18 -46.73 -4.96
CA TYR E 199 5.88 -46.74 -6.25
C TYR E 199 7.07 -45.81 -6.12
N SER E 200 8.27 -46.35 -6.27
CA SER E 200 9.46 -45.56 -6.00
C SER E 200 10.00 -44.92 -7.28
N ARG E 201 10.76 -43.85 -7.09
CA ARG E 201 11.27 -43.13 -8.24
C ARG E 201 12.16 -44.01 -9.10
N ASN E 202 12.91 -44.93 -8.49
CA ASN E 202 13.73 -45.81 -9.32
C ASN E 202 12.93 -46.96 -9.91
N GLN E 203 11.67 -47.13 -9.53
CA GLN E 203 10.84 -48.14 -10.15
C GLN E 203 10.33 -47.69 -11.52
N LEU E 204 10.18 -46.38 -11.75
CA LEU E 204 9.74 -45.95 -13.07
C LEU E 204 10.75 -46.33 -14.14
N ILE E 205 12.04 -46.37 -13.80
CA ILE E 205 13.05 -46.73 -14.80
C ILE E 205 12.93 -48.19 -15.18
N GLU E 206 12.73 -49.08 -14.21
CA GLU E 206 12.66 -50.48 -14.57
C GLU E 206 11.32 -50.83 -15.22
N ASP E 207 10.24 -50.19 -14.79
CA ASP E 207 8.97 -50.39 -15.49
C ASP E 207 9.07 -49.87 -16.92
N VAL E 208 9.73 -48.73 -17.13
CA VAL E 208 9.89 -48.23 -18.49
C VAL E 208 10.77 -49.19 -19.30
N GLU E 209 11.94 -49.55 -18.77
CA GLU E 209 12.84 -50.41 -19.52
C GLU E 209 12.23 -51.78 -19.79
N HIS E 210 11.55 -52.36 -18.80
CA HIS E 210 11.02 -53.70 -18.97
C HIS E 210 9.88 -53.73 -20.00
N THR E 211 9.00 -52.73 -19.97
CA THR E 211 7.96 -52.65 -20.99
C THR E 211 8.55 -52.46 -22.37
N PHE E 212 9.55 -51.57 -22.48
CA PHE E 212 10.09 -51.26 -23.80
C PHE E 212 10.64 -52.49 -24.49
N THR E 213 11.35 -53.36 -23.75
CA THR E 213 11.89 -54.57 -24.38
C THR E 213 10.79 -55.43 -24.98
N GLN E 214 9.56 -55.33 -24.44
CA GLN E 214 8.45 -56.10 -25.00
C GLN E 214 7.90 -55.46 -26.28
N ILE E 215 8.06 -54.14 -26.42
CA ILE E 215 7.74 -53.44 -27.67
C ILE E 215 8.73 -53.78 -28.77
N LYS E 216 10.02 -53.94 -28.41
CA LYS E 216 11.12 -54.13 -29.36
C LYS E 216 10.77 -55.00 -30.56
N PRO E 217 10.14 -56.19 -30.42
CA PRO E 217 9.78 -56.97 -31.62
C PRO E 217 8.76 -56.27 -32.49
N LEU E 218 7.66 -55.76 -31.93
CA LEU E 218 6.67 -55.09 -32.77
C LEU E 218 7.28 -53.89 -33.49
N TYR E 219 8.12 -53.12 -32.80
CA TYR E 219 8.79 -52.00 -33.45
C TYR E 219 9.71 -52.47 -34.57
N GLU E 220 10.45 -53.56 -34.33
CA GLU E 220 11.44 -54.02 -35.28
C GLU E 220 10.81 -54.27 -36.65
N HIS E 221 9.58 -54.77 -36.67
CA HIS E 221 8.91 -55.11 -37.91
C HIS E 221 8.21 -53.91 -38.54
N LEU E 222 7.65 -53.01 -37.73
CA LEU E 222 7.19 -51.76 -38.30
C LEU E 222 8.35 -51.02 -38.92
N HIS E 223 9.48 -50.98 -38.21
CA HIS E 223 10.67 -50.29 -38.68
C HIS E 223 11.21 -50.91 -39.96
N ALA E 224 11.26 -52.24 -40.01
CA ALA E 224 11.74 -52.93 -41.20
C ALA E 224 10.85 -52.64 -42.40
N TYR E 225 9.54 -52.55 -42.19
CA TYR E 225 8.61 -52.26 -43.27
C TYR E 225 8.72 -50.83 -43.75
N VAL E 226 8.86 -49.87 -42.84
CA VAL E 226 8.91 -48.48 -43.28
C VAL E 226 10.23 -48.22 -44.00
N ARG E 227 11.31 -48.86 -43.56
CA ARG E 227 12.60 -48.74 -44.26
C ARG E 227 12.53 -49.38 -45.66
N ALA E 228 11.87 -50.52 -45.79
CA ALA E 228 11.66 -51.11 -47.11
C ALA E 228 10.94 -50.12 -48.03
N LYS E 229 9.87 -49.48 -47.55
CA LYS E 229 9.12 -48.59 -48.42
C LYS E 229 9.80 -47.25 -48.59
N LEU E 230 10.58 -46.81 -47.59
CA LEU E 230 11.34 -45.58 -47.75
C LEU E 230 12.45 -45.75 -48.79
N MET E 231 13.01 -46.96 -48.90
CA MET E 231 13.93 -47.24 -49.99
C MET E 231 13.27 -47.00 -51.33
N ASP E 232 12.04 -47.52 -51.50
CA ASP E 232 11.33 -47.37 -52.77
C ASP E 232 11.09 -45.90 -53.14
N ALA E 233 11.11 -44.99 -52.17
CA ALA E 233 10.80 -43.58 -52.40
C ALA E 233 12.01 -42.67 -52.31
N TYR E 234 13.13 -43.18 -51.82
CA TYR E 234 14.43 -42.48 -51.85
C TYR E 234 15.47 -43.49 -52.34
N PRO E 235 15.37 -43.92 -53.60
CA PRO E 235 16.26 -44.98 -54.08
C PRO E 235 17.73 -44.60 -54.00
N SER E 236 18.54 -45.62 -53.73
CA SER E 236 20.00 -45.58 -53.55
C SER E 236 20.45 -44.82 -52.32
N ARG E 237 19.53 -44.39 -51.44
CA ARG E 237 19.88 -43.54 -50.32
C ARG E 237 19.73 -44.19 -48.95
N ILE E 238 19.20 -45.42 -48.86
CA ILE E 238 19.08 -46.11 -47.59
C ILE E 238 19.62 -47.53 -47.72
N SER E 239 20.35 -47.99 -46.66
CA SER E 239 20.87 -49.35 -46.61
C SER E 239 19.75 -50.32 -46.26
N PRO E 240 19.72 -51.52 -46.84
CA PRO E 240 18.67 -52.48 -46.48
C PRO E 240 18.90 -53.14 -45.14
N THR E 241 20.05 -52.91 -44.52
CA THR E 241 20.36 -53.37 -43.17
C THR E 241 20.69 -52.22 -42.24
N GLY E 242 20.59 -50.98 -42.71
CA GLY E 242 21.00 -49.81 -41.97
C GLY E 242 19.85 -49.12 -41.26
N CYS E 243 20.19 -48.04 -40.56
CA CYS E 243 19.18 -47.27 -39.85
C CYS E 243 18.46 -46.33 -40.80
N LEU E 244 17.32 -45.84 -40.38
CA LEU E 244 16.65 -44.82 -41.17
C LEU E 244 17.37 -43.48 -41.03
N PRO E 245 17.67 -42.78 -42.13
CA PRO E 245 18.18 -41.40 -42.01
C PRO E 245 17.18 -40.51 -41.31
N ALA E 246 17.70 -39.67 -40.41
CA ALA E 246 16.86 -38.95 -39.46
C ALA E 246 15.95 -37.91 -40.12
N HIS E 247 16.34 -37.40 -41.28
CA HIS E 247 15.61 -36.29 -41.88
C HIS E 247 14.45 -36.72 -42.76
N LEU E 248 14.29 -38.01 -43.04
CA LEU E 248 13.22 -38.52 -43.90
C LEU E 248 12.05 -39.11 -43.13
N LEU E 249 11.94 -38.82 -41.83
CA LEU E 249 11.03 -39.56 -40.96
C LEU E 249 9.66 -38.92 -40.79
N GLY E 250 9.36 -37.82 -41.47
CA GLY E 250 8.00 -37.29 -41.47
C GLY E 250 7.69 -36.16 -40.50
N ASP E 251 8.66 -35.70 -39.71
CA ASP E 251 8.57 -34.40 -39.04
C ASP E 251 9.98 -33.97 -38.68
N MET E 252 10.11 -32.87 -37.94
CA MET E 252 11.43 -32.28 -37.73
C MET E 252 12.38 -33.21 -36.98
N TRP E 253 11.85 -34.24 -36.29
CA TRP E 253 12.67 -35.07 -35.42
C TRP E 253 12.46 -36.55 -35.59
N GLY E 254 11.47 -36.96 -36.38
CA GLY E 254 11.11 -38.36 -36.43
C GLY E 254 10.33 -38.80 -35.21
N ARG E 255 9.74 -37.83 -34.50
CA ARG E 255 8.93 -38.10 -33.34
C ARG E 255 7.66 -38.87 -33.69
N PHE E 256 7.17 -38.70 -34.92
CA PHE E 256 5.93 -39.32 -35.37
C PHE E 256 6.10 -39.75 -36.82
N TRP E 257 6.03 -41.04 -37.07
CA TRP E 257 6.10 -41.49 -38.46
C TRP E 257 4.77 -41.40 -39.17
N THR E 258 3.82 -40.63 -38.65
CA THR E 258 2.48 -40.68 -39.20
C THR E 258 2.37 -39.97 -40.55
N ASN E 259 3.30 -39.09 -40.88
CA ASN E 259 3.18 -38.48 -42.20
C ASN E 259 3.78 -39.33 -43.31
N LEU E 260 4.39 -40.48 -42.97
CA LEU E 260 4.92 -41.36 -44.00
C LEU E 260 3.86 -42.24 -44.61
N TYR E 261 2.63 -42.18 -44.07
CA TYR E 261 1.56 -43.07 -44.49
C TYR E 261 1.32 -43.10 -45.99
N PRO E 262 1.27 -41.96 -46.72
CA PRO E 262 1.09 -42.03 -48.17
C PRO E 262 2.15 -42.83 -48.91
N LEU E 263 3.41 -42.82 -48.47
CA LEU E 263 4.43 -43.61 -49.15
C LEU E 263 4.29 -45.13 -48.92
N MET E 264 3.47 -45.56 -47.96
CA MET E 264 3.55 -46.97 -47.56
C MET E 264 2.19 -47.58 -47.26
N VAL E 265 1.15 -47.13 -47.96
CA VAL E 265 -0.22 -47.55 -47.67
C VAL E 265 -0.41 -49.00 -48.12
N PRO E 266 -0.81 -49.92 -47.22
CA PRO E 266 -0.83 -51.35 -47.58
C PRO E 266 -1.76 -51.70 -48.74
N PHE E 267 -3.05 -51.44 -48.61
CA PHE E 267 -4.00 -51.81 -49.65
C PHE E 267 -4.60 -50.51 -50.16
N GLY E 268 -3.92 -49.89 -51.12
CA GLY E 268 -4.29 -48.57 -51.59
C GLY E 268 -5.53 -48.52 -52.44
N GLN E 269 -6.00 -49.67 -52.94
CA GLN E 269 -7.28 -49.66 -53.65
C GLN E 269 -8.45 -49.46 -52.70
N LYS E 270 -8.28 -49.70 -51.39
CA LYS E 270 -9.35 -49.58 -50.40
C LYS E 270 -9.04 -48.40 -49.48
N PRO E 271 -9.61 -47.21 -49.73
CA PRO E 271 -9.30 -46.04 -48.89
C PRO E 271 -9.72 -46.25 -47.44
N ASN E 272 -9.25 -45.33 -46.60
CA ASN E 272 -9.58 -45.34 -45.18
C ASN E 272 -10.95 -44.71 -44.94
N ILE E 273 -11.68 -45.25 -43.96
CA ILE E 273 -13.07 -44.88 -43.74
C ILE E 273 -13.15 -43.42 -43.30
N ASP E 274 -13.94 -42.63 -44.03
CA ASP E 274 -13.98 -41.19 -43.81
C ASP E 274 -15.42 -40.71 -43.97
N VAL E 275 -16.04 -40.34 -42.86
CA VAL E 275 -17.44 -39.96 -42.84
C VAL E 275 -17.58 -38.45 -42.93
N THR E 276 -16.55 -37.75 -43.38
CA THR E 276 -16.71 -36.32 -43.59
C THR E 276 -17.83 -36.06 -44.60
N ASP E 277 -17.82 -36.79 -45.72
CA ASP E 277 -18.84 -36.60 -46.76
C ASP E 277 -20.23 -36.91 -46.21
N ALA E 278 -20.38 -38.01 -45.46
CA ALA E 278 -21.67 -38.37 -44.90
C ALA E 278 -22.23 -37.25 -44.03
N MET E 279 -21.36 -36.58 -43.27
CA MET E 279 -21.83 -35.59 -42.30
C MET E 279 -22.40 -34.35 -42.98
N VAL E 280 -21.73 -33.86 -44.03
CA VAL E 280 -22.23 -32.66 -44.69
C VAL E 280 -23.53 -32.94 -45.43
N ASN E 281 -23.69 -34.15 -45.97
CA ASN E 281 -24.93 -34.49 -46.65
C ASN E 281 -26.12 -34.40 -45.69
N GLN E 282 -25.98 -34.88 -44.46
CA GLN E 282 -27.07 -34.83 -43.49
C GLN E 282 -27.19 -33.47 -42.81
N SER E 283 -26.37 -32.49 -43.20
CA SER E 283 -26.42 -31.14 -42.65
C SER E 283 -26.21 -31.16 -41.12
N TRP E 284 -25.03 -31.64 -40.73
CA TRP E 284 -24.59 -31.54 -39.34
C TRP E 284 -23.88 -30.21 -39.12
N ASP E 285 -23.93 -29.73 -37.89
CA ASP E 285 -23.12 -28.61 -37.45
C ASP E 285 -22.37 -29.02 -36.20
N ALA E 286 -21.63 -28.07 -35.62
CA ALA E 286 -20.92 -28.35 -34.38
C ALA E 286 -21.88 -28.85 -33.31
N ARG E 287 -23.06 -28.23 -33.20
CA ARG E 287 -24.00 -28.59 -32.15
C ARG E 287 -24.37 -30.07 -32.24
N ARG E 288 -24.66 -30.55 -33.44
CA ARG E 288 -25.02 -31.95 -33.62
C ARG E 288 -23.85 -32.86 -33.28
N ILE E 289 -22.62 -32.43 -33.57
CA ILE E 289 -21.46 -33.26 -33.25
C ILE E 289 -21.37 -33.49 -31.75
N PHE E 290 -21.34 -32.40 -30.97
CA PHE E 290 -21.19 -32.54 -29.53
C PHE E 290 -22.38 -33.22 -28.89
N GLU E 291 -23.57 -33.07 -29.48
CA GLU E 291 -24.72 -33.83 -29.00
C GLU E 291 -24.47 -35.33 -29.14
N GLU E 292 -23.86 -35.74 -30.27
CA GLU E 292 -23.63 -37.17 -30.49
C GLU E 292 -22.54 -37.70 -29.57
N ALA E 293 -21.52 -36.88 -29.30
CA ALA E 293 -20.54 -37.25 -28.29
C ALA E 293 -21.20 -37.35 -26.92
N GLU E 294 -22.07 -36.38 -26.59
CA GLU E 294 -22.86 -36.46 -25.35
C GLU E 294 -23.69 -37.73 -25.31
N LYS E 295 -24.37 -38.07 -26.42
CA LYS E 295 -25.15 -39.31 -26.48
C LYS E 295 -24.27 -40.53 -26.23
N PHE E 296 -22.99 -40.45 -26.61
CA PHE E 296 -22.08 -41.58 -26.48
C PHE E 296 -21.82 -41.90 -25.02
N PHE E 297 -21.49 -40.87 -24.22
CA PHE E 297 -21.18 -41.08 -22.81
C PHE E 297 -22.43 -41.46 -22.02
N VAL E 298 -23.58 -40.87 -22.36
CA VAL E 298 -24.83 -41.28 -21.74
C VAL E 298 -25.07 -42.75 -21.98
N SER E 299 -24.67 -43.24 -23.16
CA SER E 299 -24.90 -44.63 -23.51
C SER E 299 -24.20 -45.59 -22.55
N VAL E 300 -23.10 -45.17 -21.93
CA VAL E 300 -22.36 -46.02 -20.99
C VAL E 300 -22.62 -45.66 -19.53
N GLY E 301 -23.58 -44.78 -19.26
CA GLY E 301 -23.97 -44.47 -17.90
C GLY E 301 -23.35 -43.23 -17.31
N LEU E 302 -22.55 -42.49 -18.08
CA LEU E 302 -21.99 -41.23 -17.62
C LEU E 302 -22.99 -40.10 -17.81
N PRO E 303 -22.80 -38.98 -17.12
CA PRO E 303 -23.80 -37.90 -17.15
C PRO E 303 -23.88 -37.16 -18.48
N ASN E 304 -25.01 -36.46 -18.63
CA ASN E 304 -25.13 -35.41 -19.63
C ASN E 304 -24.06 -34.34 -19.40
N MET E 305 -23.88 -33.46 -20.38
CA MET E 305 -23.09 -32.28 -20.10
C MET E 305 -23.93 -31.33 -19.27
N THR E 306 -23.26 -30.50 -18.45
CA THR E 306 -24.01 -29.55 -17.63
C THR E 306 -24.63 -28.46 -18.49
N GLU E 307 -25.71 -27.88 -17.97
CA GLU E 307 -26.37 -26.79 -18.70
C GLU E 307 -25.42 -25.64 -18.92
N GLY E 308 -24.52 -25.41 -17.96
CA GLY E 308 -23.48 -24.41 -18.13
C GLY E 308 -22.50 -24.77 -19.23
N PHE E 309 -22.26 -26.06 -19.43
CA PHE E 309 -21.38 -26.44 -20.53
C PHE E 309 -21.94 -25.95 -21.86
N TRP E 310 -23.25 -26.11 -22.06
CA TRP E 310 -23.80 -25.79 -23.38
C TRP E 310 -23.92 -24.29 -23.61
N GLN E 311 -24.01 -23.47 -22.55
CA GLN E 311 -24.07 -22.03 -22.78
C GLN E 311 -22.71 -21.39 -22.81
N ASN E 312 -21.73 -21.92 -22.09
CA ASN E 312 -20.46 -21.22 -21.91
C ASN E 312 -19.34 -21.73 -22.81
N SER E 313 -19.45 -22.95 -23.33
CA SER E 313 -18.44 -23.49 -24.23
C SER E 313 -18.33 -22.63 -25.49
N MET E 314 -17.17 -22.69 -26.12
CA MET E 314 -16.97 -22.13 -27.45
C MET E 314 -16.75 -23.29 -28.41
N LEU E 315 -17.86 -23.86 -28.90
CA LEU E 315 -17.84 -25.08 -29.71
C LEU E 315 -17.57 -24.83 -31.20
N THR E 316 -17.64 -23.58 -31.64
CA THR E 316 -17.51 -23.22 -33.05
C THR E 316 -16.73 -21.91 -33.12
N GLU E 317 -15.93 -21.75 -34.15
CA GLU E 317 -15.16 -20.51 -34.29
C GLU E 317 -16.11 -19.32 -34.47
N PRO E 318 -16.04 -18.31 -33.61
CA PRO E 318 -17.04 -17.23 -33.68
C PRO E 318 -16.73 -16.29 -34.84
N GLY E 319 -17.76 -15.97 -35.63
CA GLY E 319 -17.57 -15.12 -36.78
C GLY E 319 -17.89 -13.64 -36.61
N ASP E 320 -17.33 -12.98 -35.60
CA ASP E 320 -17.76 -11.62 -35.29
C ASP E 320 -16.59 -10.72 -34.94
N ASN E 321 -15.50 -10.82 -35.70
CA ASN E 321 -14.26 -10.04 -35.54
C ASN E 321 -13.46 -10.49 -34.31
N ARG E 322 -13.97 -11.44 -33.51
CA ARG E 322 -13.23 -11.94 -32.37
C ARG E 322 -12.08 -12.84 -32.84
N LYS E 323 -10.89 -12.63 -32.29
CA LYS E 323 -9.73 -13.48 -32.53
C LYS E 323 -9.63 -14.50 -31.41
N VAL E 324 -9.29 -15.75 -31.77
CA VAL E 324 -9.47 -16.89 -30.90
C VAL E 324 -8.34 -17.89 -31.12
N VAL E 325 -7.86 -18.49 -30.03
CA VAL E 325 -6.91 -19.60 -30.16
C VAL E 325 -7.74 -20.87 -30.33
N CYS E 326 -7.46 -21.61 -31.42
CA CYS E 326 -8.36 -22.68 -31.84
C CYS E 326 -7.99 -24.06 -31.33
N HIS E 327 -6.85 -24.20 -30.65
CA HIS E 327 -6.38 -25.52 -30.24
C HIS E 327 -7.40 -26.18 -29.32
N PRO E 328 -7.85 -27.39 -29.62
CA PRO E 328 -8.87 -28.05 -28.79
C PRO E 328 -8.42 -28.34 -27.36
N THR E 329 -9.01 -27.63 -26.40
CA THR E 329 -8.76 -27.83 -24.98
C THR E 329 -10.07 -28.13 -24.25
N ALA E 330 -9.99 -28.94 -23.20
CA ALA E 330 -11.12 -29.17 -22.30
C ALA E 330 -10.86 -28.47 -20.96
N TRP E 331 -11.68 -27.47 -20.63
CA TRP E 331 -11.45 -26.62 -19.45
C TRP E 331 -12.27 -27.09 -18.27
N ASP E 332 -11.61 -27.27 -17.13
CA ASP E 332 -12.27 -27.43 -15.85
C ASP E 332 -11.87 -26.16 -15.09
N LEU E 333 -12.68 -25.11 -15.20
CA LEU E 333 -12.27 -23.81 -14.65
C LEU E 333 -12.31 -23.79 -13.14
N GLY E 334 -13.17 -24.60 -12.53
CA GLY E 334 -13.40 -24.57 -11.09
C GLY E 334 -14.87 -24.45 -10.78
N LYS E 335 -15.27 -24.72 -9.53
CA LYS E 335 -16.65 -24.52 -9.12
C LYS E 335 -17.64 -25.27 -10.01
N HIS E 336 -17.24 -26.42 -10.56
CA HIS E 336 -18.06 -27.23 -11.47
C HIS E 336 -18.43 -26.49 -12.75
N ASP E 337 -17.67 -25.46 -13.11
CA ASP E 337 -17.78 -24.79 -14.40
C ASP E 337 -16.95 -25.57 -15.41
N PHE E 338 -17.60 -26.33 -16.29
CA PHE E 338 -16.91 -27.08 -17.33
C PHE E 338 -17.27 -26.52 -18.70
N ARG E 339 -16.29 -26.49 -19.62
CA ARG E 339 -16.46 -25.92 -20.96
C ARG E 339 -15.43 -26.55 -21.90
N ILE E 340 -15.76 -26.54 -23.19
CA ILE E 340 -14.81 -26.90 -24.24
C ILE E 340 -14.59 -25.69 -25.14
N LYS E 341 -13.36 -25.53 -25.62
CA LYS E 341 -12.96 -24.48 -26.56
C LYS E 341 -12.31 -25.16 -27.75
N MET E 342 -13.04 -25.26 -28.88
CA MET E 342 -12.46 -25.82 -30.09
C MET E 342 -13.21 -25.30 -31.32
N CYS E 343 -12.47 -25.07 -32.42
CA CYS E 343 -13.03 -24.47 -33.64
C CYS E 343 -13.52 -25.58 -34.55
N THR E 344 -14.75 -26.01 -34.32
CA THR E 344 -15.24 -27.26 -34.90
C THR E 344 -15.67 -27.04 -36.35
N LYS E 345 -15.03 -27.79 -37.26
CA LYS E 345 -15.48 -27.94 -38.64
C LYS E 345 -16.28 -29.25 -38.74
N VAL E 346 -17.05 -29.39 -39.83
CA VAL E 346 -17.92 -30.57 -39.97
C VAL E 346 -17.10 -31.62 -40.71
N THR E 347 -16.20 -32.27 -39.97
CA THR E 347 -15.25 -33.23 -40.53
C THR E 347 -15.11 -34.38 -39.55
N MET E 348 -14.59 -35.52 -40.02
CA MET E 348 -14.48 -36.67 -39.15
C MET E 348 -13.42 -36.47 -38.08
N ASP E 349 -12.32 -35.78 -38.41
CA ASP E 349 -11.31 -35.52 -37.39
C ASP E 349 -11.90 -34.74 -36.21
N ASP E 350 -12.60 -33.64 -36.50
CA ASP E 350 -13.25 -32.88 -35.43
C ASP E 350 -14.37 -33.67 -34.74
N PHE E 351 -15.05 -34.58 -35.45
CA PHE E 351 -15.99 -35.47 -34.78
C PHE E 351 -15.28 -36.33 -33.74
N LEU E 352 -14.14 -36.93 -34.12
CA LEU E 352 -13.44 -37.77 -33.17
C LEU E 352 -12.77 -36.95 -32.08
N THR E 353 -12.27 -35.76 -32.42
CA THR E 353 -11.66 -34.91 -31.41
C THR E 353 -12.67 -34.51 -30.34
N ALA E 354 -13.91 -34.20 -30.75
CA ALA E 354 -14.94 -33.83 -29.80
C ALA E 354 -15.17 -34.92 -28.76
N HIS E 355 -15.22 -36.18 -29.19
CA HIS E 355 -15.28 -37.27 -28.20
C HIS E 355 -14.08 -37.26 -27.29
N HIS E 356 -12.89 -36.99 -27.84
CA HIS E 356 -11.68 -37.01 -27.04
C HIS E 356 -11.70 -35.91 -25.99
N GLU E 357 -12.01 -34.67 -26.42
CA GLU E 357 -12.03 -33.55 -25.48
C GLU E 357 -13.16 -33.69 -24.46
N MET E 358 -14.31 -34.22 -24.88
CA MET E 358 -15.39 -34.44 -23.93
C MET E 358 -15.06 -35.58 -22.97
N GLY E 359 -14.21 -36.51 -23.41
CA GLY E 359 -13.68 -37.48 -22.46
C GLY E 359 -12.97 -36.83 -21.30
N HIS E 360 -12.23 -35.75 -21.55
CA HIS E 360 -11.57 -35.01 -20.49
C HIS E 360 -12.60 -34.43 -19.52
N ILE E 361 -13.66 -33.82 -20.06
CA ILE E 361 -14.71 -33.24 -19.23
C ILE E 361 -15.32 -34.30 -18.33
N GLN E 362 -15.64 -35.46 -18.91
CA GLN E 362 -16.18 -36.56 -18.11
C GLN E 362 -15.26 -36.90 -16.94
N TYR E 363 -13.95 -36.93 -17.19
CA TYR E 363 -13.00 -37.14 -16.10
C TYR E 363 -13.08 -35.99 -15.08
N ASP E 364 -13.22 -34.75 -15.55
CA ASP E 364 -13.28 -33.63 -14.61
C ASP E 364 -14.54 -33.68 -13.77
N MET E 365 -15.68 -34.04 -14.37
CA MET E 365 -16.92 -34.12 -13.62
C MET E 365 -16.85 -35.20 -12.56
N ALA E 366 -16.23 -36.34 -12.89
CA ALA E 366 -16.26 -37.48 -11.98
C ALA E 366 -15.49 -37.18 -10.70
N TYR E 367 -14.38 -36.47 -10.79
CA TYR E 367 -13.64 -36.13 -9.59
C TYR E 367 -13.88 -34.70 -9.11
N ALA E 368 -14.90 -34.02 -9.64
CA ALA E 368 -15.17 -32.64 -9.24
C ALA E 368 -15.37 -32.49 -7.74
N ALA E 369 -15.94 -33.49 -7.09
CA ALA E 369 -16.23 -33.42 -5.67
C ALA E 369 -15.11 -33.98 -4.81
N GLN E 370 -13.92 -34.12 -5.34
CA GLN E 370 -12.76 -34.32 -4.49
C GLN E 370 -12.38 -32.99 -3.84
N PRO E 371 -11.51 -33.01 -2.84
CA PRO E 371 -10.91 -31.75 -2.37
C PRO E 371 -10.09 -31.12 -3.48
N PHE E 372 -9.79 -29.83 -3.32
CA PHE E 372 -9.23 -29.05 -4.41
C PHE E 372 -7.91 -29.62 -4.90
N LEU E 373 -6.95 -29.84 -4.01
CA LEU E 373 -5.63 -30.24 -4.50
C LEU E 373 -5.62 -31.63 -5.11
N LEU E 374 -6.72 -32.38 -5.03
CA LEU E 374 -6.77 -33.73 -5.58
C LEU E 374 -7.66 -33.83 -6.82
N ARG E 375 -8.09 -32.70 -7.39
CA ARG E 375 -8.83 -32.69 -8.66
C ARG E 375 -7.83 -32.69 -9.81
N ASN E 376 -7.53 -33.89 -10.31
CA ASN E 376 -6.54 -34.08 -11.34
C ASN E 376 -6.62 -35.54 -11.76
N GLY E 377 -5.92 -35.89 -12.84
CA GLY E 377 -5.76 -37.29 -13.15
C GLY E 377 -4.90 -37.99 -12.11
N ALA E 378 -4.98 -39.32 -12.08
CA ALA E 378 -4.23 -40.04 -11.05
C ALA E 378 -2.73 -39.81 -11.19
N ASN E 379 -2.21 -39.80 -12.41
CA ASN E 379 -0.90 -39.22 -12.66
C ASN E 379 -0.97 -38.53 -14.01
N GLU E 380 0.19 -38.02 -14.47
CA GLU E 380 0.21 -37.14 -15.64
C GLU E 380 -0.36 -37.81 -16.87
N GLY E 381 -0.18 -39.12 -17.00
CA GLY E 381 -0.65 -39.81 -18.17
C GLY E 381 -2.08 -40.24 -18.14
N PHE E 382 -2.73 -40.19 -16.98
CA PHE E 382 -4.09 -40.69 -16.90
C PHE E 382 -5.06 -39.87 -17.74
N HIS E 383 -4.96 -38.53 -17.71
CA HIS E 383 -6.03 -37.74 -18.31
C HIS E 383 -6.12 -37.98 -19.81
N GLU E 384 -4.97 -38.05 -20.51
CA GLU E 384 -5.06 -38.26 -21.95
C GLU E 384 -5.44 -39.69 -22.32
N ALA E 385 -5.07 -40.68 -21.51
CA ALA E 385 -5.50 -42.03 -21.84
C ALA E 385 -7.02 -42.14 -21.84
N VAL E 386 -7.68 -41.38 -20.97
CA VAL E 386 -9.13 -41.43 -20.90
C VAL E 386 -9.75 -40.81 -22.14
N GLY E 387 -9.21 -39.68 -22.59
CA GLY E 387 -9.68 -39.08 -23.83
C GLY E 387 -9.50 -40.00 -25.03
N GLU E 388 -8.31 -40.59 -25.18
CA GLU E 388 -8.04 -41.41 -26.36
C GLU E 388 -8.90 -42.65 -26.39
N ILE E 389 -9.24 -43.19 -25.22
CA ILE E 389 -10.17 -44.31 -25.15
C ILE E 389 -11.44 -44.02 -25.94
N MET E 390 -11.93 -42.79 -25.83
CA MET E 390 -13.21 -42.45 -26.43
C MET E 390 -13.10 -42.36 -27.94
N SER E 391 -11.97 -41.85 -28.44
CA SER E 391 -11.75 -41.75 -29.88
C SER E 391 -11.76 -43.14 -30.53
N LEU E 392 -11.25 -44.15 -29.82
CA LEU E 392 -11.20 -45.49 -30.40
C LEU E 392 -12.60 -46.02 -30.64
N SER E 393 -13.42 -46.08 -29.60
CA SER E 393 -14.76 -46.64 -29.76
C SER E 393 -15.59 -45.80 -30.73
N ALA E 394 -15.40 -44.49 -30.71
CA ALA E 394 -16.21 -43.63 -31.57
C ALA E 394 -15.86 -43.82 -33.04
N ALA E 395 -14.60 -44.13 -33.34
CA ALA E 395 -14.13 -44.21 -34.72
C ALA E 395 -14.45 -45.54 -35.38
N THR E 396 -14.79 -46.56 -34.59
CA THR E 396 -15.01 -47.88 -35.17
C THR E 396 -16.14 -47.81 -36.21
N PRO E 397 -16.07 -48.64 -37.24
CA PRO E 397 -17.21 -48.71 -38.17
C PRO E 397 -18.50 -49.10 -37.46
N ASN E 398 -18.41 -50.03 -36.50
CA ASN E 398 -19.59 -50.51 -35.79
C ASN E 398 -20.35 -49.37 -35.11
N HIS E 399 -19.62 -48.47 -34.43
CA HIS E 399 -20.26 -47.28 -33.89
C HIS E 399 -20.77 -46.37 -34.99
N LEU E 400 -19.91 -46.08 -35.98
CA LEU E 400 -20.33 -45.20 -37.07
C LEU E 400 -21.56 -45.74 -37.79
N LYS E 401 -21.73 -47.07 -37.82
CA LYS E 401 -22.98 -47.63 -38.31
C LYS E 401 -24.15 -47.18 -37.45
N ASN E 402 -24.03 -47.38 -36.13
CA ASN E 402 -25.16 -47.21 -35.21
C ASN E 402 -25.69 -45.78 -35.18
N ILE E 403 -24.86 -44.79 -35.53
CA ILE E 403 -25.33 -43.40 -35.56
C ILE E 403 -25.62 -42.93 -36.98
N GLY E 404 -25.69 -43.85 -37.93
CA GLY E 404 -26.16 -43.52 -39.26
C GLY E 404 -25.20 -42.70 -40.09
N LEU E 405 -23.89 -42.78 -39.84
CA LEU E 405 -22.90 -42.15 -40.68
C LEU E 405 -22.31 -43.10 -41.72
N LEU E 406 -22.80 -44.34 -41.76
CA LEU E 406 -22.33 -45.41 -42.60
C LEU E 406 -23.57 -46.24 -42.90
N PRO E 407 -23.81 -46.59 -44.17
CA PRO E 407 -25.04 -47.34 -44.50
C PRO E 407 -25.10 -48.66 -43.75
N PRO E 408 -26.31 -49.16 -43.48
CA PRO E 408 -26.43 -50.51 -42.86
C PRO E 408 -25.95 -51.65 -43.75
N ASP E 409 -26.15 -51.55 -45.07
CA ASP E 409 -25.46 -52.39 -46.06
C ASP E 409 -24.01 -51.89 -46.16
N PHE E 410 -23.27 -52.13 -45.08
CA PHE E 410 -21.84 -51.83 -44.99
C PHE E 410 -21.19 -53.02 -44.33
N SER E 411 -20.41 -53.77 -45.09
CA SER E 411 -19.51 -54.78 -44.54
C SER E 411 -18.15 -54.12 -44.34
N GLU E 412 -17.44 -54.56 -43.32
CA GLU E 412 -16.13 -54.02 -43.03
C GLU E 412 -15.07 -54.77 -43.83
N ASP E 413 -14.23 -54.02 -44.55
CA ASP E 413 -13.21 -54.63 -45.39
C ASP E 413 -12.00 -55.00 -44.55
N SER E 414 -11.66 -56.30 -44.54
CA SER E 414 -10.52 -56.76 -43.74
C SER E 414 -9.25 -56.02 -44.13
N GLU E 415 -9.11 -55.71 -45.42
CA GLU E 415 -7.92 -55.01 -45.90
C GLU E 415 -7.92 -53.54 -45.46
N THR E 416 -9.06 -52.85 -45.57
CA THR E 416 -9.10 -51.46 -45.11
C THR E 416 -8.75 -51.37 -43.62
N ASP E 417 -9.10 -52.41 -42.85
CA ASP E 417 -8.72 -52.47 -41.43
C ASP E 417 -7.20 -52.41 -41.25
N ILE E 418 -6.45 -53.21 -42.02
CA ILE E 418 -5.00 -53.19 -41.89
C ILE E 418 -4.44 -51.82 -42.30
N ASN E 419 -5.12 -51.14 -43.22
CA ASN E 419 -4.73 -49.77 -43.51
C ASN E 419 -4.88 -48.88 -42.28
N PHE E 420 -6.00 -49.02 -41.55
CA PHE E 420 -6.22 -48.22 -40.36
C PHE E 420 -5.17 -48.53 -39.29
N LEU E 421 -4.91 -49.82 -39.07
CA LEU E 421 -3.96 -50.22 -38.03
C LEU E 421 -2.54 -49.74 -38.33
N LEU E 422 -2.14 -49.73 -39.61
CA LEU E 422 -0.80 -49.23 -39.92
C LEU E 422 -0.68 -47.74 -39.60
N LYS E 423 -1.67 -46.96 -40.04
CA LYS E 423 -1.64 -45.53 -39.72
C LYS E 423 -1.55 -45.32 -38.22
N GLN E 424 -2.35 -46.04 -37.43
CA GLN E 424 -2.23 -46.00 -35.97
C GLN E 424 -0.80 -46.27 -35.53
N ALA E 425 -0.23 -47.40 -35.99
CA ALA E 425 1.10 -47.82 -35.54
C ALA E 425 2.16 -46.78 -35.89
N LEU E 426 2.07 -46.18 -37.07
CA LEU E 426 2.98 -45.10 -37.44
C LEU E 426 2.94 -43.96 -36.44
N THR E 427 1.79 -43.74 -35.80
CA THR E 427 1.76 -42.72 -34.76
C THR E 427 2.06 -43.31 -33.38
N ILE E 428 1.44 -44.43 -33.05
CA ILE E 428 1.45 -44.93 -31.68
C ILE E 428 2.73 -45.70 -31.38
N VAL E 429 2.98 -46.81 -32.09
CA VAL E 429 4.23 -47.52 -31.81
C VAL E 429 5.39 -46.73 -32.35
N GLY E 430 5.16 -45.90 -33.37
CA GLY E 430 6.27 -45.16 -33.95
C GLY E 430 6.97 -44.27 -32.93
N THR E 431 6.19 -43.51 -32.16
CA THR E 431 6.76 -42.57 -31.21
C THR E 431 7.33 -43.27 -29.97
N LEU E 432 7.11 -44.58 -29.81
CA LEU E 432 7.45 -45.20 -28.54
C LEU E 432 8.95 -45.38 -28.32
N PRO E 433 9.73 -45.84 -29.31
CA PRO E 433 11.18 -45.84 -29.10
C PRO E 433 11.74 -44.44 -29.01
N PHE E 434 11.23 -43.51 -29.83
CA PHE E 434 11.66 -42.12 -29.78
C PHE E 434 11.54 -41.57 -28.37
N THR E 435 10.35 -41.70 -27.79
CA THR E 435 10.08 -41.13 -26.47
C THR E 435 10.94 -41.76 -25.39
N TYR E 436 11.09 -43.08 -25.40
CA TYR E 436 11.93 -43.73 -24.39
C TYR E 436 13.38 -43.25 -24.50
N MET E 437 13.92 -43.24 -25.72
CA MET E 437 15.33 -42.88 -25.92
C MET E 437 15.60 -41.43 -25.57
N LEU E 438 14.64 -40.53 -25.83
CA LEU E 438 14.77 -39.13 -25.44
C LEU E 438 14.92 -39.00 -23.92
N GLU E 439 13.96 -39.52 -23.14
CA GLU E 439 14.06 -39.38 -21.68
C GLU E 439 15.24 -40.16 -21.14
N LYS E 440 15.62 -41.27 -21.80
CA LYS E 440 16.80 -41.98 -21.35
C LYS E 440 18.03 -41.09 -21.42
N TRP E 441 18.19 -40.35 -22.52
CA TRP E 441 19.34 -39.47 -22.66
C TRP E 441 19.31 -38.35 -21.62
N ARG E 442 18.17 -37.69 -21.46
CA ARG E 442 18.06 -36.65 -20.45
C ARG E 442 18.35 -37.20 -19.06
N TRP E 443 17.68 -38.29 -18.68
CA TRP E 443 17.89 -38.88 -17.37
C TRP E 443 19.37 -39.15 -17.15
N MET E 444 20.05 -39.64 -18.19
CA MET E 444 21.47 -39.95 -18.08
C MET E 444 22.31 -38.69 -18.07
N VAL E 445 21.92 -37.64 -18.79
CA VAL E 445 22.72 -36.43 -18.73
C VAL E 445 22.58 -35.77 -17.36
N PHE E 446 21.36 -35.75 -16.82
CA PHE E 446 21.18 -35.21 -15.48
C PHE E 446 22.00 -35.98 -14.46
N LYS E 447 21.91 -37.32 -14.50
CA LYS E 447 22.69 -38.14 -13.59
C LYS E 447 24.19 -38.04 -13.86
N GLY E 448 24.58 -37.51 -15.01
CA GLY E 448 25.99 -37.34 -15.29
C GLY E 448 26.71 -38.60 -15.69
N GLU E 449 26.00 -39.65 -16.05
CA GLU E 449 26.63 -40.80 -16.69
C GLU E 449 27.16 -40.45 -18.08
N ILE E 450 26.63 -39.41 -18.70
CA ILE E 450 27.12 -38.89 -19.97
C ILE E 450 27.84 -37.58 -19.68
N PRO E 451 29.17 -37.55 -19.80
CA PRO E 451 29.90 -36.29 -19.65
C PRO E 451 29.56 -35.31 -20.75
N LYS E 452 29.73 -34.02 -20.44
CA LYS E 452 29.42 -32.96 -21.40
C LYS E 452 30.11 -33.21 -22.73
N GLU E 453 31.37 -33.67 -22.69
CA GLU E 453 32.16 -33.80 -23.91
C GLU E 453 31.70 -34.93 -24.80
N GLN E 454 30.62 -35.64 -24.48
CA GLN E 454 30.08 -36.57 -25.46
C GLN E 454 28.56 -36.61 -25.45
N TRP E 455 27.92 -35.46 -25.16
CA TRP E 455 26.46 -35.39 -25.23
C TRP E 455 25.95 -35.85 -26.59
N MET E 456 26.55 -35.33 -27.67
CA MET E 456 26.09 -35.66 -29.01
C MET E 456 26.55 -37.04 -29.44
N GLN E 457 27.75 -37.43 -29.05
CA GLN E 457 28.20 -38.78 -29.36
C GLN E 457 27.22 -39.80 -28.80
N LYS E 458 26.95 -39.73 -27.49
CA LYS E 458 26.02 -40.67 -26.89
C LYS E 458 24.61 -40.47 -27.42
N TRP E 459 24.26 -39.24 -27.81
CA TRP E 459 22.92 -39.01 -28.34
C TRP E 459 22.69 -39.83 -29.61
N TRP E 460 23.58 -39.72 -30.59
CA TRP E 460 23.37 -40.49 -31.80
C TRP E 460 23.81 -41.94 -31.63
N GLU E 461 24.71 -42.21 -30.70
CA GLU E 461 24.99 -43.60 -30.33
C GLU E 461 23.72 -44.31 -29.90
N MET E 462 22.86 -43.59 -29.18
CA MET E 462 21.59 -44.15 -28.72
C MET E 462 20.52 -44.12 -29.80
N LYS E 463 20.43 -43.04 -30.58
CA LYS E 463 19.47 -42.99 -31.68
C LYS E 463 19.69 -44.15 -32.66
N ARG E 464 20.94 -44.44 -33.00
CA ARG E 464 21.22 -45.59 -33.86
C ARG E 464 20.79 -46.89 -33.19
N ASP E 465 21.09 -47.03 -31.91
CA ASP E 465 20.99 -48.33 -31.26
C ASP E 465 19.59 -48.62 -30.75
N ILE E 466 18.96 -47.64 -30.09
CA ILE E 466 17.61 -47.82 -29.56
C ILE E 466 16.54 -47.57 -30.61
N VAL E 467 16.73 -46.58 -31.48
CA VAL E 467 15.65 -46.12 -32.35
C VAL E 467 15.80 -46.60 -33.80
N GLY E 468 16.99 -46.98 -34.22
CA GLY E 468 17.19 -47.40 -35.59
C GLY E 468 17.25 -46.24 -36.56
N VAL E 469 17.71 -45.09 -36.08
CA VAL E 469 17.76 -43.86 -36.85
C VAL E 469 19.19 -43.34 -36.85
N VAL E 470 19.72 -43.05 -38.03
CA VAL E 470 21.08 -42.52 -38.15
C VAL E 470 20.99 -41.07 -38.58
N GLU E 471 21.89 -40.24 -38.04
CA GLU E 471 21.99 -38.85 -38.45
C GLU E 471 22.55 -38.75 -39.87
N PRO E 472 22.05 -37.82 -40.70
CA PRO E 472 22.56 -37.72 -42.08
C PRO E 472 23.92 -37.03 -42.20
N LEU E 473 24.31 -36.18 -41.25
CA LEU E 473 25.60 -35.52 -41.30
C LEU E 473 26.19 -35.52 -39.89
N PRO E 474 27.50 -35.73 -39.75
CA PRO E 474 28.06 -35.94 -38.43
C PRO E 474 28.03 -34.64 -37.63
N HIS E 475 27.73 -34.77 -36.33
CA HIS E 475 27.64 -33.61 -35.45
C HIS E 475 28.65 -33.74 -34.31
N ASP E 476 29.57 -32.78 -34.21
CA ASP E 476 30.46 -32.69 -33.05
C ASP E 476 29.70 -32.02 -31.89
N GLU E 477 30.41 -31.73 -30.80
CA GLU E 477 29.75 -31.35 -29.58
C GLU E 477 29.24 -29.92 -29.59
N THR E 478 29.41 -29.19 -30.69
CA THR E 478 28.82 -27.87 -30.76
C THR E 478 27.32 -27.91 -30.98
N TYR E 479 26.78 -29.08 -31.37
CA TYR E 479 25.35 -29.26 -31.63
C TYR E 479 24.63 -29.59 -30.32
N CYS E 480 23.32 -29.36 -30.34
CA CYS E 480 22.50 -29.75 -29.20
C CYS E 480 21.16 -30.28 -29.70
N ASP E 481 21.22 -31.27 -30.58
CA ASP E 481 20.02 -31.74 -31.25
C ASP E 481 18.85 -32.02 -30.30
N PRO E 482 19.02 -32.69 -29.14
CA PRO E 482 17.86 -32.86 -28.25
C PRO E 482 17.19 -31.54 -27.90
N ALA E 483 17.96 -30.48 -27.65
CA ALA E 483 17.33 -29.21 -27.37
C ALA E 483 16.57 -28.68 -28.58
N ALA E 484 16.88 -29.19 -29.77
CA ALA E 484 16.16 -28.69 -30.92
C ALA E 484 14.69 -29.10 -30.93
N LEU E 485 14.23 -29.86 -29.94
CA LEU E 485 12.83 -30.25 -29.81
C LEU E 485 12.12 -29.44 -28.72
N PHE E 486 10.88 -29.03 -29.00
CA PHE E 486 10.16 -28.10 -28.14
C PHE E 486 10.27 -28.47 -26.68
N HIS E 487 9.84 -29.68 -26.33
CA HIS E 487 9.76 -30.06 -24.92
C HIS E 487 11.13 -30.06 -24.24
N VAL E 488 12.21 -30.32 -24.97
CA VAL E 488 13.51 -30.27 -24.31
C VAL E 488 13.90 -28.85 -23.99
N ALA E 489 13.68 -27.92 -24.93
CA ALA E 489 14.12 -26.53 -24.79
C ALA E 489 13.21 -25.72 -23.90
N ASN E 490 11.97 -26.16 -23.72
CA ASN E 490 11.05 -25.49 -22.82
C ASN E 490 10.88 -26.22 -21.50
N ASP E 491 11.81 -27.13 -21.18
CA ASP E 491 11.91 -27.73 -19.85
C ASP E 491 10.58 -28.35 -19.44
N TYR E 492 10.23 -29.39 -20.21
CA TYR E 492 9.08 -30.24 -19.98
C TYR E 492 9.53 -31.70 -19.98
N SER E 493 9.11 -32.43 -18.95
CA SER E 493 9.41 -33.86 -18.94
C SER E 493 8.71 -34.50 -20.13
N PHE E 494 9.30 -35.59 -20.62
CA PHE E 494 8.83 -36.22 -21.85
C PHE E 494 8.27 -37.63 -21.68
N ILE E 495 8.55 -38.31 -20.57
CA ILE E 495 8.16 -39.73 -20.43
C ILE E 495 6.65 -39.91 -20.51
N ARG E 496 5.87 -38.86 -20.25
CA ARG E 496 4.42 -39.02 -20.18
C ARG E 496 3.87 -39.57 -21.47
N TYR E 497 4.45 -39.20 -22.61
CA TYR E 497 3.97 -39.70 -23.89
C TYR E 497 4.16 -41.22 -24.01
N TYR E 498 5.21 -41.75 -23.37
CA TYR E 498 5.39 -43.20 -23.29
C TYR E 498 4.31 -43.83 -22.40
N THR E 499 4.13 -43.30 -21.18
CA THR E 499 3.24 -43.97 -20.23
C THR E 499 1.78 -43.81 -20.62
N ARG E 500 1.35 -42.61 -20.98
CA ARG E 500 -0.07 -42.44 -21.30
C ARG E 500 -0.47 -43.27 -22.50
N THR E 501 0.45 -43.53 -23.43
CA THR E 501 0.12 -44.42 -24.54
C THR E 501 -0.13 -45.82 -24.01
N ILE E 502 0.75 -46.29 -23.12
CA ILE E 502 0.63 -47.64 -22.58
C ILE E 502 -0.63 -47.79 -21.75
N TYR E 503 -0.90 -46.83 -20.85
CA TYR E 503 -2.15 -46.83 -20.07
C TYR E 503 -3.37 -46.97 -20.97
N GLN E 504 -3.40 -46.17 -22.03
CA GLN E 504 -4.60 -46.07 -22.85
C GLN E 504 -5.06 -47.45 -23.35
N PHE E 505 -4.14 -48.31 -23.75
CA PHE E 505 -4.58 -49.61 -24.22
C PHE E 505 -4.88 -50.57 -23.08
N GLN E 506 -4.27 -50.37 -21.91
CA GLN E 506 -4.73 -51.10 -20.74
C GLN E 506 -6.18 -50.79 -20.45
N PHE E 507 -6.56 -49.51 -20.52
CA PHE E 507 -7.94 -49.13 -20.24
C PHE E 507 -8.90 -49.79 -21.22
N GLN E 508 -8.58 -49.71 -22.52
CA GLN E 508 -9.49 -50.26 -23.53
C GLN E 508 -9.59 -51.77 -23.40
N GLU E 509 -8.48 -52.44 -23.09
CA GLU E 509 -8.51 -53.90 -22.96
C GLU E 509 -9.43 -54.30 -21.81
N ALA E 510 -9.26 -53.68 -20.64
CA ALA E 510 -10.11 -54.03 -19.50
C ALA E 510 -11.58 -53.71 -19.77
N LEU E 511 -11.85 -52.55 -20.38
CA LEU E 511 -13.24 -52.16 -20.62
C LEU E 511 -13.89 -53.02 -21.68
N CYS E 512 -13.15 -53.39 -22.74
CA CYS E 512 -13.75 -54.21 -23.78
C CYS E 512 -14.00 -55.63 -23.29
N GLN E 513 -13.17 -56.11 -22.36
CA GLN E 513 -13.46 -57.37 -21.69
C GLN E 513 -14.76 -57.26 -20.89
N ILE E 514 -14.90 -56.18 -20.12
CA ILE E 514 -16.16 -55.97 -19.38
C ILE E 514 -17.34 -55.90 -20.34
N ALA E 515 -17.21 -55.09 -21.39
CA ALA E 515 -18.27 -54.95 -22.39
C ALA E 515 -18.51 -56.22 -23.21
N LYS E 516 -17.83 -57.33 -22.88
CA LYS E 516 -18.04 -58.63 -23.51
C LYS E 516 -17.86 -58.55 -25.03
N HIS E 517 -16.89 -57.74 -25.45
CA HIS E 517 -16.60 -57.57 -26.87
C HIS E 517 -16.17 -58.87 -27.50
N GLU E 518 -16.59 -59.09 -28.76
CA GLU E 518 -16.41 -60.38 -29.40
C GLU E 518 -15.10 -60.48 -30.20
N GLY E 519 -14.90 -59.60 -31.19
CA GLY E 519 -13.76 -59.75 -32.08
C GLY E 519 -12.40 -59.40 -31.48
N PRO E 520 -11.45 -59.08 -32.35
CA PRO E 520 -10.15 -58.57 -31.89
C PRO E 520 -10.27 -57.21 -31.22
N LEU E 521 -9.33 -56.90 -30.33
CA LEU E 521 -9.46 -55.69 -29.50
C LEU E 521 -9.50 -54.41 -30.33
N TYR E 522 -9.02 -54.44 -31.57
CA TYR E 522 -8.93 -53.18 -32.30
C TYR E 522 -10.27 -52.76 -32.88
N LYS E 523 -11.25 -53.68 -32.98
CA LYS E 523 -12.58 -53.39 -33.48
C LYS E 523 -13.59 -53.09 -32.38
N CYS E 524 -13.14 -53.01 -31.13
CA CYS E 524 -14.07 -52.91 -30.02
C CYS E 524 -14.71 -51.52 -29.94
N ASP E 525 -16.01 -51.52 -29.63
CA ASP E 525 -16.81 -50.31 -29.48
C ASP E 525 -17.55 -50.41 -28.15
N ILE E 526 -17.10 -49.67 -27.13
CA ILE E 526 -17.74 -49.79 -25.82
C ILE E 526 -19.11 -49.12 -25.76
N SER E 527 -19.53 -48.44 -26.82
CA SER E 527 -20.78 -47.69 -26.79
C SER E 527 -21.93 -48.60 -26.39
N ASN E 528 -22.82 -48.08 -25.54
CA ASN E 528 -24.02 -48.71 -25.00
C ASN E 528 -23.74 -49.79 -23.95
N SER E 529 -22.51 -49.89 -23.44
CA SER E 529 -22.22 -50.80 -22.33
C SER E 529 -22.23 -50.01 -21.02
N ARG E 530 -23.34 -50.09 -20.30
CA ARG E 530 -23.43 -49.38 -19.02
C ARG E 530 -22.41 -49.94 -18.04
N GLU E 531 -22.20 -51.28 -18.05
CA GLU E 531 -21.27 -51.90 -17.12
C GLU E 531 -19.86 -51.34 -17.28
N ALA E 532 -19.42 -51.15 -18.52
CA ALA E 532 -18.08 -50.61 -18.75
C ALA E 532 -17.95 -49.18 -18.22
N GLY E 533 -18.90 -48.31 -18.57
CA GLY E 533 -18.83 -46.93 -18.12
C GLY E 533 -18.80 -46.82 -16.61
N GLN E 534 -19.58 -47.66 -15.91
CA GLN E 534 -19.58 -47.66 -14.46
C GLN E 534 -18.19 -48.01 -13.92
N LYS E 535 -17.55 -49.03 -14.51
CA LYS E 535 -16.23 -49.45 -14.04
C LYS E 535 -15.19 -48.36 -14.26
N LEU E 536 -15.24 -47.70 -15.43
CA LEU E 536 -14.36 -46.56 -15.67
C LEU E 536 -14.62 -45.46 -14.66
N HIS E 537 -15.88 -45.16 -14.38
CA HIS E 537 -16.22 -44.05 -13.49
C HIS E 537 -15.63 -44.26 -12.11
N GLU E 538 -15.43 -45.51 -11.70
CA GLU E 538 -14.92 -45.78 -10.35
C GLU E 538 -13.54 -45.17 -10.13
N MET E 539 -12.64 -45.24 -11.13
CA MET E 539 -11.34 -44.58 -10.95
C MET E 539 -11.41 -43.10 -11.31
N LEU E 540 -12.21 -42.72 -12.31
CA LEU E 540 -12.33 -41.31 -12.68
C LEU E 540 -12.63 -40.46 -11.45
N SER E 541 -13.56 -40.92 -10.63
CA SER E 541 -14.01 -40.16 -9.48
C SER E 541 -12.94 -39.98 -8.41
N LEU E 542 -11.83 -40.70 -8.51
CA LEU E 542 -10.82 -40.63 -7.46
C LEU E 542 -9.88 -39.43 -7.59
N GLY E 543 -9.63 -38.96 -8.80
CA GLY E 543 -8.59 -37.95 -8.91
C GLY E 543 -7.25 -38.47 -8.45
N ARG E 544 -6.45 -37.56 -7.87
CA ARG E 544 -5.21 -37.89 -7.18
C ARG E 544 -5.43 -38.33 -5.72
N SER E 545 -6.67 -38.58 -5.29
CA SER E 545 -6.90 -38.93 -3.89
C SER E 545 -6.31 -40.30 -3.55
N LYS E 546 -6.42 -41.26 -4.46
CA LYS E 546 -5.77 -42.54 -4.28
C LYS E 546 -4.60 -42.67 -5.24
N PRO E 547 -3.55 -43.41 -4.86
CA PRO E 547 -2.32 -43.47 -5.66
C PRO E 547 -2.50 -44.15 -7.00
N TRP E 548 -1.82 -43.63 -8.02
CA TRP E 548 -2.15 -44.01 -9.40
C TRP E 548 -2.05 -45.51 -9.61
N THR E 549 -1.22 -46.20 -8.83
CA THR E 549 -1.21 -47.64 -8.89
C THR E 549 -2.58 -48.21 -8.51
N PHE E 550 -3.20 -47.64 -7.47
CA PHE E 550 -4.54 -48.08 -7.05
C PHE E 550 -5.59 -47.72 -8.09
N ALA E 551 -5.57 -46.48 -8.58
CA ALA E 551 -6.48 -46.06 -9.63
C ALA E 551 -6.39 -46.98 -10.84
N LEU E 552 -5.17 -47.25 -11.29
CA LEU E 552 -4.95 -48.13 -12.42
C LEU E 552 -5.50 -49.52 -12.13
N GLU E 553 -5.25 -50.03 -10.92
CA GLU E 553 -5.69 -51.37 -10.56
C GLU E 553 -7.20 -51.47 -10.56
N ARG E 554 -7.90 -50.37 -10.33
CA ARG E 554 -9.35 -50.43 -10.20
C ARG E 554 -10.07 -50.54 -11.53
N VAL E 555 -9.40 -50.33 -12.66
CA VAL E 555 -10.01 -50.52 -13.98
C VAL E 555 -9.49 -51.79 -14.64
N VAL E 556 -8.22 -52.12 -14.44
CA VAL E 556 -7.56 -53.14 -15.24
C VAL E 556 -7.14 -54.36 -14.43
N GLY E 557 -7.14 -54.27 -13.09
CA GLY E 557 -6.85 -55.39 -12.24
C GLY E 557 -5.40 -55.52 -11.79
N ALA E 558 -4.51 -54.61 -12.21
CA ALA E 558 -3.09 -54.68 -11.87
C ALA E 558 -2.59 -53.31 -11.45
N LYS E 559 -1.57 -53.30 -10.57
CA LYS E 559 -0.93 -52.07 -10.08
C LYS E 559 0.11 -51.51 -11.04
N THR E 560 0.39 -52.22 -12.12
CA THR E 560 1.62 -52.07 -12.88
C THR E 560 1.28 -51.61 -14.29
N MET E 561 2.13 -50.78 -14.89
CA MET E 561 1.89 -50.53 -16.30
C MET E 561 2.26 -51.78 -17.09
N ASP E 562 1.43 -52.09 -18.06
CA ASP E 562 1.62 -53.28 -18.88
C ASP E 562 1.47 -52.88 -20.34
N VAL E 563 2.42 -53.33 -21.16
CA VAL E 563 2.36 -53.00 -22.58
C VAL E 563 1.74 -54.12 -23.40
N ARG E 564 1.40 -55.23 -22.76
CA ARG E 564 0.74 -56.32 -23.49
C ARG E 564 -0.58 -55.88 -24.12
N PRO E 565 -1.46 -55.12 -23.45
CA PRO E 565 -2.66 -54.62 -24.17
C PRO E 565 -2.34 -53.74 -25.36
N LEU E 566 -1.31 -52.89 -25.29
CA LEU E 566 -0.82 -52.22 -26.50
C LEU E 566 -0.48 -53.26 -27.59
N LEU E 567 0.29 -54.29 -27.23
CA LEU E 567 0.67 -55.31 -28.19
C LEU E 567 -0.56 -56.03 -28.74
N ASN E 568 -1.45 -56.44 -27.83
CA ASN E 568 -2.63 -57.19 -28.24
C ASN E 568 -3.48 -56.37 -29.22
N TYR E 569 -3.60 -55.06 -28.99
CA TYR E 569 -4.31 -54.21 -29.93
C TYR E 569 -3.71 -54.31 -31.33
N PHE E 570 -2.37 -54.30 -31.41
CA PHE E 570 -1.66 -54.29 -32.69
C PHE E 570 -1.32 -55.67 -33.21
N GLU E 571 -1.65 -56.74 -32.47
CA GLU E 571 -1.33 -58.08 -32.94
C GLU E 571 -1.83 -58.39 -34.35
N PRO E 572 -3.02 -57.96 -34.78
CA PRO E 572 -3.38 -58.15 -36.20
C PRO E 572 -2.42 -57.48 -37.19
N LEU E 573 -1.86 -56.32 -36.86
CA LEU E 573 -0.83 -55.74 -37.73
C LEU E 573 0.51 -56.47 -37.57
N PHE E 574 0.85 -56.86 -36.34
CA PHE E 574 2.11 -57.56 -36.09
C PHE E 574 2.24 -58.84 -36.93
N THR E 575 1.15 -59.62 -37.05
CA THR E 575 1.19 -60.83 -37.87
C THR E 575 1.11 -60.50 -39.36
N TRP E 576 0.50 -59.38 -39.74
CA TRP E 576 0.63 -58.93 -41.13
C TRP E 576 2.07 -58.51 -41.41
N LEU E 577 2.65 -57.71 -40.52
CA LEU E 577 4.00 -57.19 -40.75
C LEU E 577 5.01 -58.31 -41.01
N LYS E 578 4.89 -59.42 -40.28
CA LYS E 578 5.81 -60.52 -40.54
C LYS E 578 5.63 -61.06 -41.96
N GLU E 579 4.38 -61.19 -42.42
CA GLU E 579 4.19 -61.68 -43.78
C GLU E 579 4.75 -60.70 -44.82
N GLN E 580 4.77 -59.40 -44.52
CA GLN E 580 5.40 -58.45 -45.44
C GLN E 580 6.91 -58.51 -45.41
N ASN E 581 7.48 -58.86 -44.26
CA ASN E 581 8.94 -58.81 -44.08
C ASN E 581 9.64 -60.11 -44.44
N ARG E 582 8.93 -61.06 -45.07
CA ARG E 582 9.57 -62.28 -45.52
C ARG E 582 10.74 -61.95 -46.44
N ASN E 583 10.63 -60.86 -47.19
CA ASN E 583 11.63 -60.48 -48.16
C ASN E 583 12.34 -59.19 -47.77
N SER E 584 12.23 -58.82 -46.51
CA SER E 584 12.96 -57.66 -46.00
C SER E 584 13.80 -58.10 -44.81
N PHE E 585 14.86 -57.35 -44.55
CA PHE E 585 15.70 -57.57 -43.39
C PHE E 585 15.03 -56.92 -42.18
N VAL E 586 14.96 -57.65 -41.06
CA VAL E 586 14.39 -57.13 -39.82
C VAL E 586 15.53 -56.84 -38.85
N GLY E 587 15.47 -55.66 -38.19
CA GLY E 587 16.57 -55.19 -37.37
C GLY E 587 17.51 -54.31 -38.15
N TRP E 588 18.58 -53.85 -37.48
CA TRP E 588 19.46 -52.89 -38.13
C TRP E 588 20.87 -52.92 -37.57
N ASN E 589 21.78 -52.33 -38.34
CA ASN E 589 23.20 -52.25 -38.03
C ASN E 589 23.58 -50.84 -37.61
N THR E 590 24.20 -50.71 -36.42
CA THR E 590 24.63 -49.41 -35.90
C THR E 590 25.84 -48.83 -36.64
N ASP E 591 26.25 -49.39 -37.77
CA ASP E 591 27.49 -48.99 -38.44
C ASP E 591 27.25 -48.13 -39.67
N TRP E 592 26.27 -48.48 -40.51
CA TRP E 592 26.02 -47.70 -41.72
C TRP E 592 25.53 -46.31 -41.37
N SER E 593 25.85 -45.36 -42.27
CA SER E 593 25.45 -43.97 -42.16
C SER E 593 25.53 -43.34 -43.54
N PRO E 594 24.72 -42.33 -43.83
CA PRO E 594 24.76 -41.72 -45.17
C PRO E 594 26.07 -41.02 -45.53
N TYR E 595 26.90 -40.61 -44.55
CA TYR E 595 27.91 -39.59 -44.81
C TYR E 595 29.35 -40.10 -44.98
N ALA E 596 29.68 -41.30 -44.49
CA ALA E 596 30.99 -41.89 -44.81
C ALA E 596 31.02 -43.40 -44.54
N PRO F 1 -61.47 -16.68 9.92
CA PRO F 1 -60.06 -16.44 9.51
C PRO F 1 -59.92 -15.75 8.12
N THR F 2 -59.62 -16.51 7.06
CA THR F 2 -59.73 -16.21 5.62
C THR F 2 -58.60 -15.34 5.01
N ASN F 3 -57.66 -14.79 5.80
CA ASN F 3 -56.53 -14.09 5.19
C ASN F 3 -55.56 -15.14 4.65
N LEU F 4 -55.25 -15.07 3.36
CA LEU F 4 -54.13 -15.83 2.84
C LEU F 4 -52.84 -15.41 3.57
N CYS F 5 -51.98 -16.39 3.83
CA CYS F 5 -50.82 -16.15 4.70
C CYS F 5 -49.79 -15.29 3.99
N PRO F 6 -48.97 -14.57 4.75
CA PRO F 6 -47.99 -13.68 4.11
C PRO F 6 -46.81 -14.43 3.52
N PHE F 7 -47.06 -15.53 2.80
CA PHE F 7 -45.98 -16.31 2.24
C PHE F 7 -45.29 -15.59 1.10
N GLY F 8 -45.96 -14.62 0.48
CA GLY F 8 -45.32 -13.83 -0.55
C GLY F 8 -44.14 -13.04 -0.02
N GLU F 9 -44.31 -12.39 1.14
CA GLU F 9 -43.25 -11.52 1.63
C GLU F 9 -42.10 -12.30 2.26
N VAL F 10 -42.18 -13.62 2.30
CA VAL F 10 -41.06 -14.47 2.71
C VAL F 10 -40.42 -15.16 1.52
N PHE F 11 -41.22 -15.76 0.63
CA PHE F 11 -40.68 -16.38 -0.57
C PHE F 11 -40.15 -15.32 -1.55
N ASN F 12 -40.96 -14.29 -1.84
CA ASN F 12 -40.62 -13.31 -2.86
C ASN F 12 -39.79 -12.14 -2.31
N ALA F 13 -39.41 -12.17 -1.03
CA ALA F 13 -38.61 -11.11 -0.43
C ALA F 13 -37.33 -10.91 -1.24
N THR F 14 -36.94 -9.64 -1.43
CA THR F 14 -35.85 -9.37 -2.37
C THR F 14 -34.49 -9.74 -1.80
N ARG F 15 -34.32 -9.69 -0.49
CA ARG F 15 -33.04 -9.97 0.15
C ARG F 15 -33.25 -11.10 1.16
N PHE F 16 -32.38 -12.10 1.12
CA PHE F 16 -32.47 -13.31 1.93
C PHE F 16 -31.30 -13.36 2.90
N ALA F 17 -31.53 -13.92 4.08
CA ALA F 17 -30.48 -13.94 5.11
C ALA F 17 -29.34 -14.88 4.73
N SER F 18 -28.16 -14.63 5.30
CA SER F 18 -27.09 -15.61 5.29
C SER F 18 -27.43 -16.76 6.23
N VAL F 19 -27.01 -17.98 5.87
CA VAL F 19 -27.53 -19.14 6.59
C VAL F 19 -27.11 -19.09 8.06
N TYR F 20 -25.88 -18.67 8.36
CA TYR F 20 -25.44 -18.63 9.75
C TYR F 20 -26.32 -17.70 10.57
N ALA F 21 -26.85 -16.66 9.94
CA ALA F 21 -27.69 -15.66 10.58
C ALA F 21 -29.15 -15.83 10.15
N TRP F 22 -29.60 -17.08 10.10
CA TRP F 22 -30.83 -17.41 9.39
C TRP F 22 -32.04 -16.71 9.99
N ASN F 23 -32.98 -16.33 9.11
CA ASN F 23 -34.11 -15.53 9.52
C ASN F 23 -35.35 -16.39 9.76
N ARG F 24 -36.02 -16.12 10.89
CA ARG F 24 -37.28 -16.78 11.25
C ARG F 24 -38.44 -15.78 11.20
N LYS F 25 -39.60 -16.23 10.73
CA LYS F 25 -40.80 -15.42 10.72
C LYS F 25 -41.95 -16.25 11.30
N ARG F 26 -42.60 -15.74 12.33
CA ARG F 26 -43.74 -16.45 12.90
C ARG F 26 -44.97 -16.10 12.08
N ILE F 27 -45.62 -17.13 11.53
CA ILE F 27 -46.80 -16.98 10.70
C ILE F 27 -48.00 -17.22 11.59
N SER F 28 -48.95 -16.27 11.60
CA SER F 28 -50.01 -16.31 12.58
C SER F 28 -51.34 -15.94 11.93
N ASN F 29 -52.41 -16.58 12.39
CA ASN F 29 -53.80 -16.21 12.10
C ASN F 29 -54.02 -15.99 10.61
N CYS F 30 -53.85 -17.06 9.83
CA CYS F 30 -54.08 -16.98 8.40
C CYS F 30 -54.26 -18.40 7.88
N VAL F 31 -54.58 -18.51 6.59
CA VAL F 31 -54.79 -19.81 5.96
C VAL F 31 -53.75 -20.02 4.86
N ALA F 32 -52.96 -21.06 5.01
CA ALA F 32 -51.81 -21.28 4.16
C ALA F 32 -52.19 -22.06 2.90
N ASP F 33 -51.48 -21.77 1.81
CA ASP F 33 -51.69 -22.41 0.51
C ASP F 33 -50.74 -23.59 0.29
N TYR F 34 -50.67 -24.55 1.23
CA TYR F 34 -49.71 -25.63 1.07
C TYR F 34 -49.90 -26.34 -0.27
N SER F 35 -51.14 -26.59 -0.67
CA SER F 35 -51.37 -27.28 -1.94
C SER F 35 -50.79 -26.51 -3.11
N VAL F 36 -50.80 -25.17 -3.06
CA VAL F 36 -50.21 -24.39 -4.15
C VAL F 36 -48.71 -24.52 -4.13
N LEU F 37 -48.10 -24.35 -2.95
CA LEU F 37 -46.66 -24.51 -2.81
C LEU F 37 -46.21 -25.89 -3.29
N TYR F 38 -46.88 -26.95 -2.83
CA TYR F 38 -46.46 -28.32 -3.15
C TYR F 38 -46.53 -28.60 -4.66
N ASN F 39 -47.61 -28.16 -5.31
CA ASN F 39 -47.79 -28.41 -6.74
C ASN F 39 -47.06 -27.40 -7.63
N SER F 40 -46.51 -26.33 -7.06
CA SER F 40 -45.76 -25.37 -7.85
C SER F 40 -44.48 -26.01 -8.40
N ALA F 41 -44.24 -25.81 -9.70
CA ALA F 41 -43.03 -26.32 -10.34
C ALA F 41 -41.86 -25.35 -10.21
N SER F 42 -42.04 -24.21 -9.55
CA SER F 42 -40.91 -23.31 -9.37
C SER F 42 -39.86 -23.88 -8.42
N PHE F 43 -40.26 -24.74 -7.49
CA PHE F 43 -39.35 -25.21 -6.46
C PHE F 43 -38.71 -26.53 -6.86
N SER F 44 -37.40 -26.64 -6.65
CA SER F 44 -36.64 -27.84 -7.02
C SER F 44 -36.51 -28.86 -5.89
N THR F 45 -36.76 -28.45 -4.65
CA THR F 45 -36.83 -29.35 -3.50
C THR F 45 -38.07 -28.96 -2.73
N PHE F 46 -38.87 -29.96 -2.38
CA PHE F 46 -40.03 -29.74 -1.53
C PHE F 46 -40.26 -31.10 -0.84
N LYS F 47 -39.79 -31.21 0.39
CA LYS F 47 -39.82 -32.45 1.13
C LYS F 47 -40.44 -32.15 2.48
N CYS F 48 -41.37 -32.98 2.92
CA CYS F 48 -42.06 -32.75 4.18
C CYS F 48 -41.75 -33.90 5.14
N TYR F 49 -41.53 -33.57 6.40
CA TYR F 49 -41.10 -34.53 7.41
C TYR F 49 -42.14 -34.59 8.53
N GLY F 50 -42.53 -35.80 8.91
CA GLY F 50 -43.43 -35.93 10.02
C GLY F 50 -44.86 -35.54 9.73
N VAL F 51 -45.22 -35.35 8.46
CA VAL F 51 -46.59 -35.08 8.05
C VAL F 51 -46.67 -35.33 6.55
N SER F 52 -47.84 -35.72 6.09
CA SER F 52 -47.98 -35.89 4.65
C SER F 52 -48.25 -34.55 3.99
N PRO F 53 -47.70 -34.28 2.80
CA PRO F 53 -47.87 -32.95 2.19
C PRO F 53 -49.30 -32.67 1.75
N THR F 54 -50.05 -33.72 1.42
CA THR F 54 -51.45 -33.55 1.06
C THR F 54 -52.35 -33.40 2.29
N LYS F 55 -52.02 -34.09 3.39
CA LYS F 55 -52.78 -33.93 4.62
C LYS F 55 -52.57 -32.56 5.25
N LEU F 56 -51.49 -31.87 4.88
CA LEU F 56 -51.21 -30.56 5.47
C LEU F 56 -52.35 -29.60 5.24
N ASN F 57 -53.08 -29.79 4.15
CA ASN F 57 -54.11 -28.83 3.82
C ASN F 57 -55.30 -28.93 4.77
N ASP F 58 -55.55 -30.12 5.32
CA ASP F 58 -56.65 -30.32 6.27
C ASP F 58 -56.36 -29.82 7.68
N LEU F 59 -55.12 -29.43 8.01
CA LEU F 59 -54.67 -29.33 9.39
C LEU F 59 -54.55 -27.90 9.88
N CYS F 60 -54.73 -27.71 11.18
CA CYS F 60 -54.52 -26.42 11.83
C CYS F 60 -53.43 -26.53 12.87
N PHE F 61 -52.62 -25.47 12.98
CA PHE F 61 -51.50 -25.44 13.91
C PHE F 61 -51.52 -24.15 14.72
N THR F 62 -51.01 -24.26 15.96
CA THR F 62 -50.86 -23.10 16.82
C THR F 62 -50.03 -22.01 16.16
N ASN F 63 -48.87 -22.39 15.62
CA ASN F 63 -47.97 -21.47 14.93
C ASN F 63 -47.27 -22.21 13.81
N VAL F 64 -46.79 -21.44 12.84
CA VAL F 64 -45.93 -21.93 11.77
C VAL F 64 -44.75 -20.97 11.64
N TYR F 65 -43.53 -21.49 11.72
CA TYR F 65 -42.32 -20.67 11.58
C TYR F 65 -41.71 -20.89 10.20
N ALA F 66 -41.40 -19.79 9.51
CA ALA F 66 -40.73 -19.82 8.21
C ALA F 66 -39.29 -19.36 8.40
N ASP F 67 -38.37 -20.32 8.42
CA ASP F 67 -36.95 -20.02 8.48
C ASP F 67 -36.42 -19.97 7.06
N SER F 68 -35.62 -18.95 6.75
CA SER F 68 -35.19 -18.76 5.37
C SER F 68 -33.76 -18.28 5.34
N PHE F 69 -33.02 -18.73 4.33
CA PHE F 69 -31.62 -18.36 4.13
C PHE F 69 -31.22 -18.75 2.71
N VAL F 70 -29.92 -18.59 2.42
CA VAL F 70 -29.33 -18.98 1.14
C VAL F 70 -28.11 -19.84 1.43
N ILE F 71 -28.08 -21.03 0.82
CA ILE F 71 -26.92 -21.91 0.80
C ILE F 71 -26.61 -22.25 -0.65
N ARG F 72 -25.55 -23.00 -0.87
CA ARG F 72 -25.25 -23.37 -2.23
C ARG F 72 -25.88 -24.71 -2.54
N GLY F 73 -25.95 -25.03 -3.83
CA GLY F 73 -26.83 -26.09 -4.30
C GLY F 73 -26.57 -27.44 -3.66
N ASP F 74 -25.31 -27.87 -3.62
CA ASP F 74 -25.06 -29.21 -3.09
C ASP F 74 -25.14 -29.27 -1.56
N GLU F 75 -25.56 -28.19 -0.91
CA GLU F 75 -25.83 -28.21 0.53
C GLU F 75 -27.32 -28.34 0.86
N VAL F 76 -28.22 -28.14 -0.10
CA VAL F 76 -29.64 -28.28 0.19
C VAL F 76 -29.92 -29.63 0.81
N ARG F 77 -29.15 -30.66 0.40
CA ARG F 77 -29.35 -32.00 0.94
C ARG F 77 -29.01 -32.07 2.41
N GLN F 78 -28.40 -31.03 2.96
CA GLN F 78 -28.13 -30.99 4.37
C GLN F 78 -29.28 -30.41 5.18
N ILE F 79 -30.29 -29.84 4.55
CA ILE F 79 -31.44 -29.27 5.29
C ILE F 79 -32.48 -30.38 5.37
N ALA F 80 -32.24 -31.32 6.27
CA ALA F 80 -33.14 -32.45 6.51
C ALA F 80 -32.74 -33.08 7.81
N PRO F 81 -33.64 -33.86 8.43
CA PRO F 81 -33.30 -34.47 9.71
C PRO F 81 -32.10 -35.41 9.56
N GLY F 82 -31.29 -35.44 10.62
CA GLY F 82 -30.20 -36.39 10.71
C GLY F 82 -29.12 -36.30 9.66
N GLN F 83 -28.77 -35.09 9.26
CA GLN F 83 -27.74 -34.85 8.26
C GLN F 83 -26.50 -34.27 8.92
N THR F 84 -25.36 -34.55 8.33
CA THR F 84 -24.12 -33.96 8.82
C THR F 84 -23.45 -33.19 7.69
N GLY F 85 -22.57 -32.28 8.08
CA GLY F 85 -21.90 -31.39 7.14
C GLY F 85 -21.75 -29.98 7.67
N LYS F 86 -21.04 -29.11 6.96
CA LYS F 86 -20.81 -27.77 7.48
C LYS F 86 -22.13 -27.06 7.80
N ILE F 87 -23.11 -27.16 6.90
CA ILE F 87 -24.33 -26.39 7.10
C ILE F 87 -25.16 -26.96 8.25
N ALA F 88 -25.28 -28.28 8.33
CA ALA F 88 -26.06 -28.88 9.40
C ALA F 88 -25.33 -28.84 10.73
N ASP F 89 -24.00 -28.82 10.68
CA ASP F 89 -23.22 -28.89 11.92
C ASP F 89 -23.06 -27.52 12.53
N TYR F 90 -22.86 -26.50 11.71
CA TYR F 90 -22.48 -25.20 12.23
C TYR F 90 -23.43 -24.07 11.88
N ASN F 91 -24.44 -24.30 11.05
CA ASN F 91 -25.29 -23.18 10.66
C ASN F 91 -26.76 -23.37 10.96
N TYR F 92 -27.38 -24.47 10.51
CA TYR F 92 -28.83 -24.67 10.66
C TYR F 92 -29.06 -26.16 10.84
N LYS F 93 -29.49 -26.59 12.02
CA LYS F 93 -29.70 -28.01 12.27
C LYS F 93 -31.16 -28.27 12.60
N LEU F 94 -31.81 -29.15 11.85
CA LEU F 94 -33.14 -29.70 12.10
C LEU F 94 -33.07 -30.91 13.02
N PRO F 95 -34.02 -31.08 13.95
CA PRO F 95 -33.98 -32.21 14.88
C PRO F 95 -34.29 -33.51 14.18
N ASP F 96 -34.23 -34.66 14.86
CA ASP F 96 -34.61 -35.88 14.18
C ASP F 96 -36.12 -35.92 13.93
N ASP F 97 -36.90 -35.41 14.88
CA ASP F 97 -38.36 -35.52 14.91
C ASP F 97 -39.06 -34.35 14.24
N PHE F 98 -38.35 -33.60 13.42
CA PHE F 98 -38.86 -32.44 12.71
C PHE F 98 -40.23 -32.70 12.07
N THR F 99 -41.17 -31.77 12.32
CA THR F 99 -42.49 -31.74 11.68
C THR F 99 -42.54 -30.45 10.86
N GLY F 100 -42.32 -30.58 9.55
CA GLY F 100 -42.30 -29.42 8.69
C GLY F 100 -41.91 -29.79 7.26
N CYS F 101 -41.69 -28.75 6.46
CA CYS F 101 -41.32 -28.90 5.05
C CYS F 101 -40.10 -28.03 4.72
N VAL F 102 -39.22 -28.55 3.87
CA VAL F 102 -38.09 -27.82 3.33
C VAL F 102 -38.39 -27.50 1.87
N ILE F 103 -38.32 -26.23 1.51
CA ILE F 103 -38.58 -25.77 0.16
C ILE F 103 -37.36 -25.00 -0.33
N ALA F 104 -36.89 -25.32 -1.52
CA ALA F 104 -35.70 -24.65 -2.01
C ALA F 104 -35.79 -24.50 -3.52
N TRP F 105 -35.08 -23.50 -4.02
CA TRP F 105 -35.18 -23.19 -5.44
C TRP F 105 -33.91 -22.50 -5.87
N ASN F 106 -33.55 -22.72 -7.12
CA ASN F 106 -32.36 -22.08 -7.68
C ASN F 106 -32.58 -20.59 -7.77
N SER F 107 -31.68 -19.81 -7.17
CA SER F 107 -31.77 -18.37 -7.17
C SER F 107 -30.55 -17.75 -7.83
N ASN F 108 -30.02 -18.44 -8.85
CA ASN F 108 -28.85 -17.94 -9.57
C ASN F 108 -29.12 -16.60 -10.24
N ASN F 109 -30.31 -16.43 -10.86
CA ASN F 109 -30.62 -15.18 -11.56
C ASN F 109 -30.79 -14.00 -10.63
N LEU F 110 -30.87 -14.21 -9.32
CA LEU F 110 -31.06 -13.14 -8.34
C LEU F 110 -29.89 -12.91 -7.42
N ASP F 111 -29.11 -13.96 -7.13
CA ASP F 111 -28.11 -13.89 -6.07
C ASP F 111 -26.68 -14.03 -6.57
N SER F 112 -26.47 -14.14 -7.88
CA SER F 112 -25.14 -14.17 -8.48
C SER F 112 -24.83 -12.84 -9.11
N LYS F 113 -23.60 -12.39 -8.96
CA LYS F 113 -23.09 -11.23 -9.69
C LYS F 113 -21.99 -11.69 -10.63
N VAL F 114 -21.69 -10.87 -11.63
CA VAL F 114 -20.63 -11.24 -12.56
C VAL F 114 -19.25 -11.13 -11.90
N GLY F 115 -19.08 -10.20 -10.98
CA GLY F 115 -17.80 -10.29 -10.31
C GLY F 115 -17.70 -11.36 -9.25
N GLY F 116 -18.82 -11.99 -8.92
CA GLY F 116 -18.94 -12.68 -7.66
C GLY F 116 -19.76 -11.87 -6.69
N ASN F 117 -20.57 -12.56 -5.90
CA ASN F 117 -21.36 -11.97 -4.82
C ASN F 117 -20.87 -12.62 -3.54
N TYR F 118 -20.17 -11.86 -2.70
CA TYR F 118 -19.59 -12.42 -1.50
C TYR F 118 -20.27 -11.91 -0.22
N ASN F 119 -21.57 -11.66 -0.27
CA ASN F 119 -22.30 -11.14 0.88
C ASN F 119 -23.06 -12.23 1.63
N TYR F 120 -23.24 -13.40 1.03
CA TYR F 120 -23.77 -14.55 1.72
C TYR F 120 -22.62 -15.30 2.39
N LEU F 121 -22.73 -15.55 3.69
CA LEU F 121 -21.73 -16.27 4.46
C LEU F 121 -22.30 -17.54 5.09
N PHE F 122 -21.39 -18.41 5.51
CA PHE F 122 -21.73 -19.54 6.37
C PHE F 122 -20.60 -19.73 7.38
N ARG F 123 -20.90 -20.48 8.44
CA ARG F 123 -19.88 -20.72 9.46
C ARG F 123 -19.03 -21.91 9.04
N LEU F 124 -17.74 -21.65 8.80
CA LEU F 124 -16.81 -22.71 8.41
C LEU F 124 -16.32 -23.52 9.60
N PHE F 125 -16.13 -22.88 10.76
CA PHE F 125 -15.52 -23.53 11.92
C PHE F 125 -16.32 -23.22 13.18
N ARG F 126 -16.26 -24.16 14.13
CA ARG F 126 -17.00 -24.04 15.39
C ARG F 126 -16.55 -25.16 16.32
N LYS F 127 -16.45 -24.84 17.61
CA LYS F 127 -15.97 -25.83 18.58
C LYS F 127 -16.91 -27.03 18.73
N SER F 128 -18.19 -26.90 18.40
CA SER F 128 -19.16 -27.96 18.61
C SER F 128 -20.35 -27.74 17.68
N ASN F 129 -21.12 -28.81 17.43
CA ASN F 129 -22.26 -28.69 16.54
C ASN F 129 -23.38 -27.90 17.20
N LEU F 130 -24.31 -27.43 16.37
CA LEU F 130 -25.48 -26.73 16.87
C LEU F 130 -26.52 -27.71 17.37
N LYS F 131 -27.18 -27.35 18.47
CA LYS F 131 -28.41 -28.01 18.83
C LYS F 131 -29.48 -27.65 17.80
N PRO F 132 -30.52 -28.47 17.66
CA PRO F 132 -31.58 -28.17 16.68
C PRO F 132 -32.16 -26.79 16.86
N PHE F 133 -32.37 -26.10 15.74
CA PHE F 133 -32.89 -24.74 15.62
C PHE F 133 -32.09 -23.72 16.40
N GLU F 134 -30.90 -24.07 16.86
CA GLU F 134 -30.01 -23.08 17.45
C GLU F 134 -29.46 -22.16 16.35
N ARG F 135 -29.01 -20.98 16.77
CA ARG F 135 -28.54 -19.95 15.84
C ARG F 135 -27.40 -19.18 16.48
N ASP F 136 -26.22 -19.27 15.89
CA ASP F 136 -25.00 -18.68 16.44
C ASP F 136 -24.52 -17.65 15.42
N ILE F 137 -24.48 -16.37 15.84
CA ILE F 137 -24.00 -15.31 14.96
C ILE F 137 -22.75 -14.64 15.54
N SER F 138 -22.06 -15.32 16.45
CA SER F 138 -20.80 -14.79 16.98
C SER F 138 -19.74 -14.78 15.89
N THR F 139 -18.86 -13.81 15.97
CA THR F 139 -17.76 -13.72 15.03
C THR F 139 -16.43 -13.67 15.75
N GLU F 140 -16.32 -14.45 16.82
CA GLU F 140 -15.08 -14.55 17.56
C GLU F 140 -14.06 -15.30 16.72
N ILE F 141 -12.79 -14.89 16.79
CA ILE F 141 -11.78 -15.59 15.99
C ILE F 141 -11.66 -17.03 16.46
N TYR F 142 -11.54 -17.95 15.51
CA TYR F 142 -11.58 -19.38 15.84
C TYR F 142 -10.17 -19.90 16.05
N GLN F 143 -9.91 -20.40 17.26
CA GLN F 143 -8.58 -20.88 17.62
C GLN F 143 -8.47 -22.38 17.34
N ALA F 144 -7.74 -22.74 16.29
CA ALA F 144 -7.52 -24.15 15.98
C ALA F 144 -6.46 -24.76 16.89
N GLY F 145 -5.44 -23.98 17.24
CA GLY F 145 -4.27 -24.48 17.92
C GLY F 145 -4.34 -24.35 19.43
N SER F 146 -3.16 -24.39 20.04
CA SER F 146 -3.01 -24.02 21.44
C SER F 146 -2.29 -22.69 21.60
N THR F 147 -1.67 -22.18 20.54
CA THR F 147 -1.32 -20.77 20.50
C THR F 147 -2.60 -19.94 20.42
N PRO F 148 -2.76 -18.93 21.26
CA PRO F 148 -3.94 -18.05 21.13
C PRO F 148 -3.83 -17.14 19.92
N CYS F 149 -4.97 -16.79 19.37
CA CYS F 149 -5.04 -15.65 18.47
C CYS F 149 -5.14 -14.42 19.31
N ASN F 150 -4.86 -13.28 18.71
CA ASN F 150 -5.10 -12.14 19.56
C ASN F 150 -6.02 -11.25 18.78
N GLY F 151 -7.11 -11.86 18.34
CA GLY F 151 -8.06 -11.23 17.44
C GLY F 151 -7.50 -11.08 16.05
N VAL F 152 -6.61 -11.97 15.64
CA VAL F 152 -5.79 -11.83 14.44
C VAL F 152 -5.88 -13.12 13.61
N GLU F 153 -6.39 -13.01 12.38
CA GLU F 153 -6.35 -14.12 11.43
C GLU F 153 -4.91 -14.56 11.20
N GLY F 154 -4.67 -15.86 11.26
CA GLY F 154 -3.36 -16.40 10.95
C GLY F 154 -2.88 -17.38 12.00
N PHE F 155 -1.76 -18.01 11.69
CA PHE F 155 -0.98 -18.76 12.67
C PHE F 155 -1.84 -19.79 13.38
N ASN F 156 -2.65 -20.48 12.57
CA ASN F 156 -3.59 -21.51 13.02
C ASN F 156 -4.79 -20.91 13.76
N CYS F 157 -5.20 -19.70 13.38
CA CYS F 157 -6.40 -19.05 13.88
C CYS F 157 -7.16 -18.47 12.70
N TYR F 158 -8.48 -18.72 12.64
CA TYR F 158 -9.26 -18.46 11.43
C TYR F 158 -10.53 -17.69 11.76
N PHE F 159 -10.82 -16.68 10.97
CA PHE F 159 -12.10 -15.98 11.11
C PHE F 159 -13.22 -16.97 10.81
N PRO F 160 -14.22 -17.08 11.68
CA PRO F 160 -15.12 -18.24 11.64
C PRO F 160 -16.08 -18.28 10.48
N LEU F 161 -16.36 -17.15 9.85
CA LEU F 161 -17.30 -17.13 8.72
C LEU F 161 -16.54 -17.27 7.41
N GLN F 162 -17.26 -17.66 6.35
CA GLN F 162 -16.67 -17.84 5.03
C GLN F 162 -17.61 -17.31 3.97
N SER F 163 -17.06 -16.55 3.02
CA SER F 163 -17.83 -15.94 1.94
C SER F 163 -18.27 -17.03 0.98
N TYR F 164 -19.41 -16.82 0.31
CA TYR F 164 -19.87 -17.88 -0.59
C TYR F 164 -19.31 -17.74 -1.99
N GLY F 165 -19.32 -16.54 -2.56
CA GLY F 165 -18.79 -16.48 -3.92
C GLY F 165 -19.68 -17.07 -4.99
N PHE F 166 -20.77 -16.38 -5.31
CA PHE F 166 -21.73 -16.82 -6.31
C PHE F 166 -21.50 -16.04 -7.60
N GLN F 167 -20.98 -16.71 -8.64
CA GLN F 167 -20.90 -16.23 -10.01
C GLN F 167 -21.92 -16.96 -10.90
N PRO F 168 -22.43 -16.31 -11.96
CA PRO F 168 -23.48 -16.96 -12.77
C PRO F 168 -22.99 -18.18 -13.53
N THR F 169 -21.71 -18.19 -13.86
CA THR F 169 -21.11 -19.31 -14.56
C THR F 169 -20.71 -20.44 -13.62
N ASN F 170 -20.94 -20.32 -12.32
CA ASN F 170 -20.69 -21.44 -11.44
C ASN F 170 -21.55 -22.61 -11.91
N GLY F 171 -21.08 -23.82 -11.64
CA GLY F 171 -21.90 -25.00 -11.84
C GLY F 171 -23.03 -25.02 -10.85
N VAL F 172 -24.00 -25.90 -11.12
CA VAL F 172 -25.25 -25.85 -10.36
C VAL F 172 -25.00 -26.11 -8.88
N GLY F 173 -24.15 -27.09 -8.56
CA GLY F 173 -23.85 -27.36 -7.15
C GLY F 173 -23.30 -26.18 -6.39
N TYR F 174 -22.65 -25.24 -7.08
CA TYR F 174 -22.07 -24.02 -6.51
C TYR F 174 -22.92 -22.78 -6.74
N GLN F 175 -24.10 -22.91 -7.33
CA GLN F 175 -24.99 -21.78 -7.46
C GLN F 175 -25.76 -21.58 -6.16
N PRO F 176 -26.28 -20.38 -5.92
CA PRO F 176 -27.05 -20.18 -4.69
C PRO F 176 -28.47 -20.70 -4.85
N TYR F 177 -28.97 -21.27 -3.75
CA TYR F 177 -30.35 -21.69 -3.63
C TYR F 177 -30.96 -20.95 -2.44
N ARG F 178 -32.20 -20.52 -2.60
CA ARG F 178 -32.93 -20.00 -1.46
C ARG F 178 -33.71 -21.13 -0.83
N VAL F 179 -33.65 -21.21 0.49
CA VAL F 179 -34.32 -22.26 1.25
C VAL F 179 -35.34 -21.61 2.17
N VAL F 180 -36.52 -22.23 2.28
CA VAL F 180 -37.53 -21.84 3.24
C VAL F 180 -37.96 -23.11 3.95
N VAL F 181 -37.95 -23.07 5.27
CA VAL F 181 -38.19 -24.25 6.11
C VAL F 181 -39.37 -23.94 7.01
N LEU F 182 -40.52 -24.54 6.73
CA LEU F 182 -41.72 -24.34 7.53
C LEU F 182 -41.76 -25.36 8.66
N SER F 183 -41.93 -24.88 9.90
CA SER F 183 -42.17 -25.73 11.06
C SER F 183 -43.62 -25.62 11.48
N PHE F 184 -44.21 -26.73 11.92
CA PHE F 184 -45.55 -26.71 12.47
C PHE F 184 -45.47 -27.09 13.93
N GLU F 185 -46.08 -26.28 14.79
CA GLU F 185 -46.06 -26.55 16.23
C GLU F 185 -47.50 -26.53 16.73
N LEU F 186 -47.91 -27.62 17.37
CA LEU F 186 -49.21 -27.66 18.04
C LEU F 186 -48.97 -27.50 19.55
N LEU F 187 -48.91 -26.26 20.00
CA LEU F 187 -48.99 -26.01 21.44
C LEU F 187 -50.41 -26.34 21.90
N HIS F 188 -50.71 -26.13 23.17
CA HIS F 188 -52.10 -26.25 23.57
C HIS F 188 -52.75 -24.89 23.77
N ALA F 189 -52.33 -23.91 22.97
CA ALA F 189 -53.08 -22.71 22.66
C ALA F 189 -53.95 -22.94 21.43
N PRO F 190 -54.90 -22.05 21.15
CA PRO F 190 -55.72 -22.19 19.94
C PRO F 190 -54.90 -22.20 18.64
N ALA F 191 -55.38 -22.98 17.69
CA ALA F 191 -54.79 -23.06 16.35
C ALA F 191 -55.31 -21.95 15.47
N THR F 192 -54.40 -21.22 14.84
CA THR F 192 -54.77 -20.05 14.05
C THR F 192 -54.25 -20.09 12.62
N VAL F 193 -53.27 -20.93 12.31
CA VAL F 193 -52.83 -21.16 10.94
C VAL F 193 -53.46 -22.46 10.46
N CYS F 194 -54.22 -22.40 9.36
CA CYS F 194 -54.91 -23.56 8.80
C CYS F 194 -54.75 -23.60 7.30
N GLY F 195 -54.54 -24.79 6.75
CA GLY F 195 -54.66 -24.96 5.34
C GLY F 195 -56.11 -24.86 4.89
N PRO F 196 -56.35 -25.05 3.59
CA PRO F 196 -57.73 -24.98 3.03
C PRO F 196 -58.60 -26.19 3.33
N HIS F 197 -59.22 -26.19 4.53
CA HIS F 197 -59.91 -27.36 5.16
C HIS F 197 -60.60 -28.28 4.17
C1 NAG G . -27.08 23.23 5.73
C2 NAG G . -27.15 21.98 6.62
C3 NAG G . -28.57 21.45 6.66
C4 NAG G . -29.52 22.54 7.15
C5 NAG G . -29.42 23.79 6.27
C6 NAG G . -30.24 24.96 6.79
C7 NAG G . -25.15 20.58 6.93
C8 NAG G . -24.29 19.47 6.36
N2 NAG G . -26.22 20.93 6.20
O3 NAG G . -28.64 20.31 7.51
O4 NAG G . -30.83 22.00 7.10
O5 NAG G . -28.06 24.24 6.19
O6 NAG G . -29.61 26.23 6.67
O7 NAG G . -24.88 21.12 8.00
C1 NAG G . -31.59 22.08 8.34
C2 NAG G . -30.88 22.42 9.68
C3 NAG G . -31.91 22.59 10.80
C4 NAG G . -32.97 23.60 10.41
C5 NAG G . -33.61 23.25 9.05
C6 NAG G . -34.56 24.31 8.54
C7 NAG G . -29.84 20.15 10.06
C8 NAG G . -28.59 19.47 10.53
N2 NAG G . -29.81 21.49 10.07
O3 NAG G . -31.24 22.98 12.00
O4 NAG G . -34.00 23.68 11.39
O5 NAG G . -32.60 23.10 8.05
O6 NAG G . -34.22 24.69 7.21
O7 NAG G . -30.80 19.51 9.65
C1 NAG H . 12.33 15.20 -12.70
C2 NAG H . 12.13 15.57 -14.21
C3 NAG H . 12.83 14.54 -15.13
C4 NAG H . 14.29 14.38 -14.75
C5 NAG H . 14.37 13.93 -13.29
C6 NAG H . 15.79 13.68 -12.80
C7 NAG H . 10.08 16.87 -14.70
C8 NAG H . 8.64 16.80 -15.06
N2 NAG H . 10.71 15.69 -14.54
O3 NAG H . 12.67 14.89 -16.52
O4 NAG H . 14.98 13.47 -15.60
O5 NAG H . 13.78 14.92 -12.44
O6 NAG H . 16.72 14.68 -13.21
O7 NAG H . 10.67 17.93 -14.56
C1 FUC H . 17.60 15.05 -12.12
C2 FUC H . 18.69 16.12 -12.60
C3 FUC H . 18.06 17.52 -12.90
C4 FUC H . 17.07 18.05 -11.74
C5 FUC H . 16.19 16.87 -11.10
C6 FUC H . 15.56 17.17 -9.72
O2 FUC H . 19.49 15.66 -13.70
O3 FUC H . 19.09 18.50 -13.16
O4 FUC H . 17.74 18.86 -10.72
O5 FUC H . 16.88 15.55 -10.98
C1 NAG I . -13.87 -8.81 -26.28
C2 NAG I . -15.35 -8.73 -25.91
C3 NAG I . -15.81 -7.28 -25.80
C4 NAG I . -14.88 -6.44 -24.92
C5 NAG I . -13.42 -6.66 -25.32
C6 NAG I . -12.44 -6.04 -24.36
C7 NAG I . -17.00 -10.43 -26.54
C8 NAG I . -17.79 -11.04 -27.67
N2 NAG I . -16.18 -9.44 -26.88
O3 NAG I . -17.13 -7.25 -25.26
O4 NAG I . -15.22 -5.07 -25.11
O5 NAG I . -13.11 -8.06 -25.36
O6 NAG I . -11.11 -6.49 -24.62
O7 NAG I . -17.12 -10.83 -25.40
C1 NAG I . -15.26 -4.26 -23.90
C2 NAG I . -15.54 -2.83 -24.29
C3 NAG I . -15.43 -1.93 -23.07
C4 NAG I . -16.41 -2.40 -21.99
C5 NAG I . -16.31 -3.92 -21.74
C6 NAG I . -17.50 -4.45 -20.97
C7 NAG I . -13.36 -2.31 -25.35
C8 NAG I . -12.68 -1.80 -26.59
N2 NAG I . -14.69 -2.36 -25.38
O3 NAG I . -15.72 -0.59 -23.44
O4 NAG I . -16.18 -1.68 -20.78
O5 NAG I . -16.24 -4.70 -22.94
O6 NAG I . -18.40 -5.15 -21.82
O7 NAG I . -12.71 -2.65 -24.36
C1 NAG J . -21.16 53.84 1.30
C2 NAG J . -21.37 53.44 2.74
C3 NAG J . -21.99 54.61 3.51
C4 NAG J . -20.99 55.77 3.48
C5 NAG J . -20.62 56.12 2.03
C6 NAG J . -19.46 57.10 1.95
C7 NAG J . -23.39 52.01 2.48
C8 NAG J . -23.97 50.66 2.74
N2 NAG J . -22.14 52.20 2.89
O3 NAG J . -22.27 54.22 4.86
O4 NAG J . -21.49 56.92 4.18
O5 NAG J . -20.23 54.97 1.25
O6 NAG J . -18.36 56.55 1.24
O7 NAG J . -24.03 52.90 1.92
C1 NAG K . -25.36 36.49 34.42
C2 NAG K . -26.22 36.40 33.15
C3 NAG K . -27.51 35.63 33.46
C4 NAG K . -27.11 34.20 33.80
C5 NAG K . -26.17 34.13 35.02
C6 NAG K . -25.58 32.74 35.23
C7 NAG K . -27.26 38.68 32.96
C8 NAG K . -27.34 39.90 32.08
N2 NAG K . -26.47 37.69 32.51
O3 NAG K . -28.45 35.68 32.39
O4 NAG K . -28.27 33.38 33.98
O5 NAG K . -25.06 35.07 34.92
O6 NAG K . -26.53 31.76 35.64
O7 NAG K . -27.88 38.61 34.02
C1 NAG L . 3.98 13.74 40.21
C2 NAG L . 3.11 15.05 40.33
C3 NAG L . 2.92 15.47 41.80
C4 NAG L . 2.31 14.33 42.61
C5 NAG L . 3.28 13.14 42.57
C6 NAG L . 2.86 11.93 43.42
C7 NAG L . 3.71 16.19 38.22
C8 NAG L . 4.30 17.43 37.61
N2 NAG L . 3.67 16.15 39.55
O3 NAG L . 2.13 16.67 41.91
O4 NAG L . 2.00 14.75 43.94
O5 NAG L . 3.49 12.70 41.22
O6 NAG L . 1.97 10.97 42.84
O7 NAG L . 3.33 15.25 37.51
C1 NAG M . 4.52 -17.43 38.25
C2 NAG M . 3.26 -16.77 38.83
C3 NAG M . 2.25 -17.82 39.29
C4 NAG M . 1.92 -18.78 38.15
C5 NAG M . 3.22 -19.44 37.71
C6 NAG M . 3.03 -20.41 36.55
C7 NAG M . 3.23 -14.58 39.91
C8 NAG M . 3.63 -13.79 41.11
N2 NAG M . 3.57 -15.88 39.93
O3 NAG M . 1.05 -17.16 39.70
O4 NAG M . 0.96 -19.76 38.54
O5 NAG M . 4.15 -18.44 37.28
O6 NAG M . 3.11 -19.77 35.28
O7 NAG M . 2.62 -14.09 38.97
C1 NAG N . 24.96 14.08 0.59
C2 NAG N . 26.47 13.84 0.94
C3 NAG N . 27.39 14.71 0.07
C4 NAG N . 27.11 14.49 -1.41
C5 NAG N . 25.65 14.84 -1.72
C6 NAG N . 25.26 14.68 -3.19
C7 NAG N . 26.71 13.09 3.29
C8 NAG N . 27.05 13.52 4.69
N2 NAG N . 26.74 14.06 2.36
O3 NAG N . 28.76 14.48 0.40
O4 NAG N . 27.99 15.24 -2.24
O5 NAG N . 24.76 14.01 -0.93
O6 NAG N . 24.84 13.37 -3.57
O7 NAG N . 26.39 11.94 3.02
C1 NAG O . -29.88 -35.74 -21.21
C2 NAG O . -31.01 -36.51 -20.44
C3 NAG O . -32.16 -36.91 -21.40
C4 NAG O . -32.62 -35.74 -22.26
C5 NAG O . -31.44 -35.09 -22.97
C6 NAG O . -31.82 -33.88 -23.80
C7 NAG O . -29.86 -37.70 -18.60
C8 NAG O . -29.37 -39.04 -18.12
N2 NAG O . -30.47 -37.71 -19.79
O3 NAG O . -33.26 -37.40 -20.63
O4 NAG O . -33.56 -36.20 -23.23
O5 NAG O . -30.47 -34.64 -22.01
O6 NAG O . -31.78 -32.65 -23.08
O7 NAG O . -29.71 -36.67 -17.94
#